data_5EXK
#
_entry.id   5EXK
#
_cell.length_a   81.773
_cell.length_b   95.971
_cell.length_c   114.328
_cell.angle_alpha   90.00
_cell.angle_beta   90.46
_cell.angle_gamma   90.00
#
_symmetry.space_group_name_H-M   'P 1 21 1'
#
loop_
_entity.id
_entity.type
_entity.pdbx_description
1 polymer 'Lipoyl synthase'
2 polymer 'Octanoylated peptide from M. tuberculosis H protein'
3 non-polymer 'FE3-S4 CLUSTER'
4 non-polymer 'IRON/SULFUR CLUSTER'
5 non-polymer "5'-DEOXYADENOSINE"
6 non-polymer METHIONINE
7 non-polymer IMIDAZOLE
8 non-polymer 'CHLORIDE ION'
9 non-polymer 'ISOPROPYL ALCOHOL'
10 water water
#
loop_
_entity_poly.entity_id
_entity_poly.type
_entity_poly.pdbx_seq_one_letter_code
_entity_poly.pdbx_strand_id
1 'polypeptide(L)'
;MGSSHHHHHHSSGLVPRGSHMSVAAEGRRLLRLEVRNAQTPIERKPPWIKTRARIGPEYTELKNLVRREGLHTVCEEAGC
PNIFECWEDREATFLIGGDQCTRRCDFCQIDTGKPAELDRDEPRRVADSVRTMGLRYATVTGVARDDLPDGGAWLYAATV
RAIKELNPSTGVELLIPDFNGEPTRLAEVFESGPEVLAHNVETVPRIFKRIRPAFTYRRSLGVLTAARDAGLVTKSNLIL
GLGETSDEVRTALGDLRDAGCDIVTITQYLRPSARHHPVERWVKPEEFVQFARFAEGLGFAGVLAGPLVRSSYRAGRLYE
QARNSRALASR
;
A,C,E,G,I,K
2 'polypeptide(L)' EST(XOK)SVSD B,D,F,H,J,L
#
loop_
_chem_comp.id
_chem_comp.type
_chem_comp.name
_chem_comp.formula
5AD non-polymer 5'-DEOXYADENOSINE 'C10 H13 N5 O3'
CL non-polymer 'CHLORIDE ION' 'Cl -1'
F3S non-polymer 'FE3-S4 CLUSTER' 'Fe3 S4'
IMD non-polymer IMIDAZOLE 'C3 H5 N2 1'
IPA non-polymer 'ISOPROPYL ALCOHOL' 'C3 H8 O'
SF4 non-polymer 'IRON/SULFUR CLUSTER' 'Fe4 S4'
#
# COMPACT_ATOMS: atom_id res chain seq x y z
N ALA A 24 -4.31 8.11 6.69
CA ALA A 24 -3.43 8.52 7.77
C ALA A 24 -1.98 8.65 7.29
N ALA A 25 -1.30 9.67 7.79
CA ALA A 25 0.08 9.93 7.43
C ALA A 25 0.97 8.74 7.75
N GLU A 26 0.67 8.05 8.84
CA GLU A 26 1.52 6.95 9.26
C GLU A 26 1.42 5.78 8.29
N GLY A 27 0.20 5.46 7.86
CA GLY A 27 0.01 4.36 6.93
C GLY A 27 0.75 4.61 5.62
N ARG A 28 0.75 5.85 5.20
CA ARG A 28 1.42 6.22 3.95
C ARG A 28 2.94 6.30 4.12
N ARG A 29 3.39 6.67 5.31
CA ARG A 29 4.80 6.57 5.65
C ARG A 29 5.26 5.12 5.51
N LEU A 30 4.47 4.20 6.05
CA LEU A 30 4.83 2.79 5.95
C LEU A 30 4.70 2.29 4.52
N LEU A 31 3.69 2.75 3.79
CA LEU A 31 3.53 2.33 2.38
C LEU A 31 4.82 2.57 1.58
N ARG A 32 5.41 3.73 1.77
CA ARG A 32 6.69 4.05 1.14
C ARG A 32 7.75 3.01 1.47
N LEU A 33 7.86 2.67 2.75
CA LEU A 33 8.85 1.70 3.19
C LEU A 33 8.57 0.31 2.61
N GLU A 34 7.30 -0.04 2.51
CA GLU A 34 6.91 -1.37 2.04
C GLU A 34 7.16 -1.49 0.55
N VAL A 35 6.88 -0.40 -0.16
CA VAL A 35 7.17 -0.37 -1.59
C VAL A 35 8.68 -0.49 -1.75
N ARG A 36 9.45 0.12 -0.86
CA ARG A 36 10.90 -0.01 -0.99
C ARG A 36 11.37 -1.42 -0.59
N ASN A 37 10.73 -2.01 0.44
CA ASN A 37 10.99 -3.41 0.78
C ASN A 37 10.97 -4.28 -0.46
N ALA A 38 9.94 -4.07 -1.29
CA ALA A 38 9.71 -4.93 -2.45
C ALA A 38 10.76 -4.77 -3.53
N GLN A 39 11.58 -3.74 -3.44
CA GLN A 39 12.72 -3.61 -4.33
C GLN A 39 13.80 -4.65 -4.02
N THR A 40 13.76 -5.23 -2.81
CA THR A 40 14.67 -6.33 -2.48
C THR A 40 13.98 -7.64 -2.77
N PRO A 41 14.46 -8.37 -3.77
CA PRO A 41 13.79 -9.61 -4.16
C PRO A 41 13.70 -10.65 -3.01
N ILE A 42 12.65 -11.47 -3.04
CA ILE A 42 12.50 -12.57 -2.10
C ILE A 42 13.75 -13.46 -2.05
N GLU A 43 14.20 -13.75 -0.82
CA GLU A 43 15.43 -14.49 -0.59
C GLU A 43 15.21 -15.99 -0.67
N ARG A 44 16.21 -16.69 -1.18
CA ARG A 44 16.24 -18.14 -1.12
C ARG A 44 16.42 -18.56 0.34
N LYS A 45 15.58 -19.46 0.82
CA LYS A 45 15.72 -19.96 2.18
C LYS A 45 16.85 -20.99 2.23
N PRO A 46 17.66 -20.98 3.30
CA PRO A 46 18.73 -21.99 3.45
C PRO A 46 18.14 -23.39 3.69
N PRO A 47 18.92 -24.45 3.42
CA PRO A 47 18.35 -25.80 3.46
C PRO A 47 17.92 -26.25 4.86
N TRP A 48 18.38 -25.59 5.91
CA TRP A 48 17.98 -26.00 7.26
C TRP A 48 16.62 -25.44 7.65
N ILE A 49 16.02 -24.64 6.79
CA ILE A 49 14.67 -24.12 7.01
C ILE A 49 13.67 -25.00 6.26
N LYS A 50 13.02 -25.90 6.98
CA LYS A 50 12.15 -26.88 6.34
C LYS A 50 10.89 -27.14 7.19
N THR A 51 9.84 -27.62 6.54
CA THR A 51 8.57 -27.90 7.22
C THR A 51 8.53 -29.31 7.82
N ARG A 52 8.23 -29.40 9.12
CA ARG A 52 8.31 -30.67 9.82
C ARG A 52 7.15 -31.63 9.53
N ALA A 53 6.03 -31.11 9.03
CA ALA A 53 4.86 -31.98 8.86
C ALA A 53 3.97 -31.61 7.66
N ARG A 54 2.89 -32.39 7.51
CA ARG A 54 1.88 -32.21 6.48
C ARG A 54 0.49 -32.22 7.13
N ILE A 55 -0.54 -31.88 6.38
CA ILE A 55 -1.90 -31.84 6.90
C ILE A 55 -2.30 -33.22 7.38
N GLY A 56 -3.20 -33.23 8.36
CA GLY A 56 -3.59 -34.43 9.04
C GLY A 56 -4.95 -34.32 9.73
N PRO A 57 -5.40 -35.49 10.36
CA PRO A 57 -6.75 -35.40 10.90
C PRO A 57 -6.86 -34.40 12.03
N GLU A 58 -5.82 -34.36 12.83
CA GLU A 58 -5.72 -33.50 13.96
C GLU A 58 -5.70 -32.00 13.55
N TYR A 59 -4.93 -31.64 12.54
CA TYR A 59 -5.01 -30.34 11.96
C TYR A 59 -6.41 -29.97 11.49
N THR A 60 -7.04 -30.87 10.77
CA THR A 60 -8.35 -30.57 10.21
C THR A 60 -9.41 -30.42 11.32
N GLU A 61 -9.25 -31.22 12.37
CA GLU A 61 -10.17 -31.19 13.51
C GLU A 61 -9.97 -29.92 14.33
N LEU A 62 -8.72 -29.55 14.55
CA LEU A 62 -8.44 -28.32 15.27
C LEU A 62 -9.00 -27.14 14.47
N LYS A 63 -8.78 -27.14 13.16
CA LYS A 63 -9.27 -26.05 12.31
C LYS A 63 -10.79 -25.97 12.33
N ASN A 64 -11.46 -27.10 12.37
CA ASN A 64 -12.94 -27.12 12.45
C ASN A 64 -13.42 -26.54 13.73
N LEU A 65 -12.76 -26.88 14.80
CA LEU A 65 -13.13 -26.33 16.10
C LEU A 65 -12.95 -24.80 16.14
N VAL A 66 -11.78 -24.34 15.76
CA VAL A 66 -11.52 -22.92 15.74
C VAL A 66 -12.59 -22.18 14.91
N ARG A 67 -13.01 -22.75 13.79
CA ARG A 67 -14.00 -22.10 12.95
C ARG A 67 -15.40 -22.30 13.54
N ARG A 68 -15.66 -23.50 14.05
CA ARG A 68 -16.88 -23.81 14.81
C ARG A 68 -17.16 -22.77 15.89
N GLU A 69 -16.11 -22.38 16.62
CA GLU A 69 -16.29 -21.45 17.73
C GLU A 69 -16.05 -19.98 17.36
N GLY A 70 -15.95 -19.68 16.06
CA GLY A 70 -15.73 -18.32 15.61
C GLY A 70 -14.49 -17.68 16.22
N LEU A 71 -13.42 -18.46 16.31
CA LEU A 71 -12.17 -18.00 16.90
C LEU A 71 -11.11 -17.74 15.82
N HIS A 72 -9.97 -17.18 16.24
CA HIS A 72 -8.83 -17.06 15.35
C HIS A 72 -7.59 -17.62 16.04
N THR A 73 -6.60 -18.00 15.24
CA THR A 73 -5.31 -18.43 15.77
C THR A 73 -4.22 -17.59 15.13
N VAL A 74 -3.16 -17.34 15.87
CA VAL A 74 -2.07 -16.58 15.31
C VAL A 74 -1.33 -17.53 14.36
N CYS A 75 -1.42 -18.83 14.63
CA CYS A 75 -0.78 -19.83 13.79
C CYS A 75 -1.21 -19.60 12.33
N GLU A 76 -2.50 -19.42 12.15
CA GLU A 76 -3.04 -19.16 10.81
C GLU A 76 -2.78 -17.73 10.35
N GLU A 77 -3.15 -16.75 11.17
CA GLU A 77 -3.14 -15.36 10.73
C GLU A 77 -1.73 -14.85 10.47
N ALA A 78 -0.75 -15.27 11.27
CA ALA A 78 0.62 -14.82 11.04
C ALA A 78 1.38 -15.73 10.08
N GLY A 79 0.73 -16.78 9.61
CA GLY A 79 1.35 -17.63 8.61
C GLY A 79 2.50 -18.48 9.12
N CYS A 80 2.41 -18.94 10.36
CA CYS A 80 3.51 -19.72 10.94
C CYS A 80 3.76 -21.04 10.22
N PRO A 81 5.02 -21.31 9.86
CA PRO A 81 5.37 -22.57 9.19
C PRO A 81 5.24 -23.81 10.08
N ASN A 82 5.15 -23.63 11.40
CA ASN A 82 5.03 -24.78 12.28
C ASN A 82 3.61 -25.29 12.45
N ILE A 83 2.65 -24.69 11.75
CA ILE A 83 1.25 -25.00 12.02
C ILE A 83 0.97 -26.51 11.93
N PHE A 84 1.47 -27.20 10.91
CA PHE A 84 1.18 -28.63 10.81
C PHE A 84 1.84 -29.44 11.93
N GLU A 85 3.04 -29.03 12.31
CA GLU A 85 3.74 -29.68 13.42
C GLU A 85 3.06 -29.47 14.78
N CYS A 86 2.72 -28.21 15.08
CA CYS A 86 2.12 -27.90 16.36
C CYS A 86 0.71 -28.49 16.46
N TRP A 87 -0.09 -28.31 15.42
CA TRP A 87 -1.50 -28.73 15.48
C TRP A 87 -1.65 -30.24 15.45
N GLU A 88 -0.72 -30.92 14.78
CA GLU A 88 -0.67 -32.38 14.85
C GLU A 88 -0.48 -32.83 16.30
N ASP A 89 0.15 -31.97 17.11
CA ASP A 89 0.38 -32.25 18.52
C ASP A 89 -0.70 -31.64 19.41
N ARG A 90 -1.75 -31.17 18.82
CA ARG A 90 -2.77 -30.46 19.51
C ARG A 90 -2.25 -29.27 20.34
N GLU A 91 -1.31 -28.55 19.76
CA GLU A 91 -0.80 -27.31 20.31
C GLU A 91 -1.14 -26.21 19.33
N ALA A 92 -1.72 -25.12 19.81
CA ALA A 92 -2.14 -24.02 18.97
C ALA A 92 -2.29 -22.78 19.84
N THR A 93 -2.10 -21.62 19.25
CA THR A 93 -2.13 -20.38 20.01
C THR A 93 -3.26 -19.50 19.48
N PHE A 94 -4.18 -19.16 20.37
CA PHE A 94 -5.33 -18.34 19.98
C PHE A 94 -4.89 -16.90 19.73
N LEU A 95 -5.59 -16.24 18.81
CA LEU A 95 -5.43 -14.81 18.57
C LEU A 95 -6.74 -14.16 18.93
N ILE A 96 -6.75 -13.41 20.02
CA ILE A 96 -7.98 -12.79 20.44
C ILE A 96 -8.10 -11.37 19.88
N GLY A 97 -9.31 -10.84 19.88
CA GLY A 97 -9.53 -9.47 19.45
C GLY A 97 -9.77 -9.31 17.97
N GLY A 98 -9.96 -10.41 17.25
CA GLY A 98 -10.19 -10.36 15.82
C GLY A 98 -8.95 -10.61 15.01
N ASP A 99 -9.07 -10.49 13.69
CA ASP A 99 -7.94 -10.74 12.80
C ASP A 99 -7.42 -9.48 12.12
N GLN A 100 -7.86 -8.33 12.61
CA GLN A 100 -7.42 -7.02 12.15
C GLN A 100 -6.64 -6.29 13.26
N CYS A 101 -5.39 -5.96 13.01
CA CYS A 101 -4.62 -5.28 14.05
C CYS A 101 -4.62 -3.78 13.81
N THR A 102 -4.60 -2.99 14.87
CA THR A 102 -4.55 -1.55 14.74
C THR A 102 -3.11 -1.06 14.54
N ARG A 103 -2.14 -1.96 14.68
CA ARG A 103 -0.73 -1.65 14.43
C ARG A 103 -0.22 -2.43 13.22
N ARG A 104 0.97 -2.05 12.75
CA ARG A 104 1.61 -2.65 11.59
C ARG A 104 3.14 -2.77 11.80
N CYS A 105 3.63 -3.99 11.99
CA CYS A 105 5.04 -4.27 12.27
C CYS A 105 5.65 -4.94 11.04
N ASP A 106 6.89 -4.61 10.68
CA ASP A 106 7.32 -4.91 9.31
C ASP A 106 7.72 -6.37 9.11
N PHE A 107 7.54 -7.21 10.13
CA PHE A 107 7.73 -8.66 10.00
C PHE A 107 6.38 -9.41 10.00
N CYS A 108 5.30 -8.69 10.26
CA CYS A 108 4.04 -9.35 10.62
C CYS A 108 3.05 -9.34 9.46
N GLN A 109 2.48 -10.49 9.12
CA GLN A 109 1.51 -10.50 8.02
C GLN A 109 0.06 -10.43 8.46
N ILE A 110 -0.20 -10.34 9.76
CA ILE A 110 -1.56 -10.14 10.24
C ILE A 110 -2.12 -8.82 9.66
N ASP A 111 -3.34 -8.85 9.12
CA ASP A 111 -3.99 -7.69 8.50
C ASP A 111 -3.96 -6.45 9.41
N THR A 112 -3.66 -5.29 8.84
CA THR A 112 -3.91 -4.02 9.51
C THR A 112 -5.30 -3.54 9.11
N GLY A 113 -6.10 -3.13 10.08
CA GLY A 113 -7.43 -2.66 9.76
C GLY A 113 -8.18 -2.14 10.96
N LYS A 114 -9.42 -1.71 10.73
CA LYS A 114 -10.29 -1.21 11.78
C LYS A 114 -11.05 -2.39 12.37
N PRO A 115 -10.77 -2.70 13.65
CA PRO A 115 -11.42 -3.87 14.25
C PRO A 115 -12.92 -3.72 14.29
N ALA A 116 -13.60 -4.86 14.18
CA ALA A 116 -15.02 -4.91 14.47
C ALA A 116 -15.26 -4.70 15.96
N GLU A 117 -16.52 -4.46 16.29
CA GLU A 117 -16.97 -4.35 17.67
C GLU A 117 -16.34 -5.38 18.60
N LEU A 118 -16.05 -4.97 19.83
CA LEU A 118 -15.51 -5.89 20.83
C LEU A 118 -16.45 -7.07 21.05
N ASP A 119 -15.98 -8.28 20.75
CA ASP A 119 -16.74 -9.50 21.02
C ASP A 119 -16.53 -9.91 22.46
N ARG A 120 -17.42 -9.50 23.33
CA ARG A 120 -17.26 -9.77 24.76
C ARG A 120 -17.48 -11.24 25.10
N ASP A 121 -18.02 -12.01 24.15
CA ASP A 121 -18.24 -13.43 24.38
C ASP A 121 -17.00 -14.24 24.00
N GLU A 122 -16.01 -13.60 23.37
CA GLU A 122 -14.82 -14.36 22.94
C GLU A 122 -14.06 -15.09 24.05
N PRO A 123 -13.87 -14.44 25.24
CA PRO A 123 -13.14 -15.17 26.29
C PRO A 123 -13.78 -16.51 26.69
N ARG A 124 -15.10 -16.55 26.79
CA ARG A 124 -15.80 -17.80 27.08
C ARG A 124 -15.53 -18.87 26.01
N ARG A 125 -15.51 -18.48 24.75
CA ARG A 125 -15.38 -19.44 23.65
C ARG A 125 -13.95 -19.98 23.54
N VAL A 126 -12.96 -19.12 23.80
CA VAL A 126 -11.58 -19.59 23.92
C VAL A 126 -11.48 -20.64 25.04
N ALA A 127 -12.01 -20.28 26.20
CA ALA A 127 -11.99 -21.16 27.36
C ALA A 127 -12.66 -22.50 27.06
N ASP A 128 -13.79 -22.42 26.37
CA ASP A 128 -14.53 -23.62 26.02
C ASP A 128 -13.72 -24.48 25.05
N SER A 129 -13.04 -23.81 24.11
CA SER A 129 -12.22 -24.52 23.14
C SER A 129 -11.04 -25.21 23.83
N VAL A 130 -10.41 -24.52 24.78
CA VAL A 130 -9.32 -25.13 25.55
C VAL A 130 -9.81 -26.41 26.25
N ARG A 131 -11.01 -26.36 26.81
CA ARG A 131 -11.58 -27.53 27.50
C ARG A 131 -11.78 -28.66 26.50
N THR A 132 -12.36 -28.35 25.35
CA THR A 132 -12.60 -29.34 24.30
C THR A 132 -11.29 -29.99 23.85
N MET A 133 -10.23 -29.19 23.80
CA MET A 133 -8.92 -29.67 23.41
C MET A 133 -8.23 -30.46 24.51
N GLY A 134 -8.71 -30.30 25.74
CA GLY A 134 -8.12 -30.99 26.88
C GLY A 134 -6.72 -30.49 27.21
N LEU A 135 -6.45 -29.24 26.86
CA LEU A 135 -5.12 -28.67 27.08
C LEU A 135 -4.80 -28.53 28.57
N ARG A 136 -3.57 -28.89 28.91
CA ARG A 136 -3.07 -28.69 30.26
C ARG A 136 -2.22 -27.41 30.31
N TYR A 137 -1.94 -26.85 29.14
CA TYR A 137 -1.24 -25.56 29.03
C TYR A 137 -1.78 -24.86 27.81
N ALA A 138 -2.26 -23.63 27.97
CA ALA A 138 -2.85 -22.92 26.87
C ALA A 138 -2.06 -21.65 26.57
N THR A 139 -1.82 -21.41 25.29
CA THR A 139 -1.11 -20.21 24.85
C THR A 139 -2.09 -19.29 24.12
N VAL A 140 -2.06 -18.02 24.49
CA VAL A 140 -2.98 -17.04 23.97
C VAL A 140 -2.23 -15.75 23.62
N THR A 141 -2.48 -15.20 22.44
CA THR A 141 -2.02 -13.86 22.12
C THR A 141 -3.18 -13.14 21.45
N GLY A 142 -2.94 -11.97 20.88
CA GLY A 142 -4.01 -11.27 20.20
C GLY A 142 -3.45 -10.08 19.43
N VAL A 143 -4.33 -9.32 18.82
CA VAL A 143 -3.94 -8.10 18.13
C VAL A 143 -3.96 -6.88 19.05
N ALA A 144 -3.32 -5.81 18.59
CA ALA A 144 -3.45 -4.53 19.25
C ALA A 144 -4.85 -4.00 18.99
N ARG A 145 -5.42 -3.33 19.99
CA ARG A 145 -6.78 -2.82 19.90
C ARG A 145 -6.81 -1.33 20.28
N ASP A 146 -6.05 -0.52 19.55
CA ASP A 146 -5.94 0.91 19.79
C ASP A 146 -7.28 1.63 19.55
N ASP A 147 -8.25 0.92 18.98
CA ASP A 147 -9.59 1.46 18.81
C ASP A 147 -10.39 1.46 20.10
N LEU A 148 -9.99 0.62 21.06
CA LEU A 148 -10.74 0.52 22.30
C LEU A 148 -10.22 1.54 23.33
N PRO A 149 -11.12 2.08 24.16
CA PRO A 149 -10.74 2.98 25.25
C PRO A 149 -9.66 2.40 26.18
N ASP A 150 -9.73 1.10 26.46
CA ASP A 150 -8.76 0.47 27.36
C ASP A 150 -7.70 -0.33 26.60
N GLY A 151 -7.65 -0.12 25.28
CA GLY A 151 -6.70 -0.83 24.42
C GLY A 151 -6.87 -2.35 24.44
N GLY A 152 -8.00 -2.82 24.93
CA GLY A 152 -8.25 -4.26 25.01
C GLY A 152 -7.75 -4.92 26.30
N ALA A 153 -7.38 -4.12 27.28
CA ALA A 153 -6.95 -4.68 28.58
C ALA A 153 -7.98 -5.64 29.20
N TRP A 154 -9.27 -5.27 29.19
CA TRP A 154 -10.27 -6.15 29.75
C TRP A 154 -10.36 -7.46 28.97
N LEU A 155 -10.35 -7.36 27.64
CA LEU A 155 -10.41 -8.55 26.80
C LEU A 155 -9.31 -9.56 27.13
N TYR A 156 -8.08 -9.08 27.22
CA TYR A 156 -6.96 -9.98 27.50
C TYR A 156 -7.11 -10.60 28.88
N ALA A 157 -7.41 -9.77 29.89
CA ALA A 157 -7.55 -10.28 31.25
C ALA A 157 -8.68 -11.30 31.34
N ALA A 158 -9.81 -10.98 30.72
CA ALA A 158 -10.99 -11.83 30.83
C ALA A 158 -10.77 -13.17 30.16
N THR A 159 -9.96 -13.19 29.11
CA THR A 159 -9.63 -14.45 28.45
C THR A 159 -8.84 -15.38 29.39
N VAL A 160 -7.88 -14.82 30.12
CA VAL A 160 -7.09 -15.61 31.07
C VAL A 160 -8.03 -16.15 32.16
N ARG A 161 -8.87 -15.27 32.68
CA ARG A 161 -9.84 -15.61 33.73
C ARG A 161 -10.79 -16.72 33.27
N ALA A 162 -11.36 -16.55 32.08
CA ALA A 162 -12.29 -17.53 31.53
C ALA A 162 -11.65 -18.92 31.35
N ILE A 163 -10.42 -18.96 30.83
CA ILE A 163 -9.72 -20.23 30.68
C ILE A 163 -9.52 -20.89 32.05
N LYS A 164 -9.03 -20.14 33.02
CA LYS A 164 -8.74 -20.72 34.33
C LYS A 164 -10.01 -21.20 35.05
N GLU A 165 -11.10 -20.47 34.89
CA GLU A 165 -12.36 -20.87 35.51
C GLU A 165 -12.85 -22.21 34.96
N LEU A 166 -12.84 -22.36 33.65
CA LEU A 166 -13.32 -23.57 33.01
C LEU A 166 -12.31 -24.71 33.09
N ASN A 167 -11.03 -24.36 33.21
CA ASN A 167 -9.96 -25.34 33.17
C ASN A 167 -9.05 -25.13 34.37
N PRO A 168 -9.47 -25.61 35.54
CA PRO A 168 -8.80 -25.28 36.80
C PRO A 168 -7.32 -25.66 36.86
N SER A 169 -6.94 -26.75 36.21
CA SER A 169 -5.54 -27.18 36.31
C SER A 169 -4.70 -26.79 35.08
N THR A 170 -5.26 -25.95 34.21
CA THR A 170 -4.54 -25.56 33.00
C THR A 170 -3.73 -24.28 33.16
N GLY A 171 -2.44 -24.37 32.86
CA GLY A 171 -1.59 -23.18 32.86
C GLY A 171 -1.90 -22.30 31.67
N VAL A 172 -1.73 -20.99 31.82
CA VAL A 172 -2.00 -20.04 30.72
C VAL A 172 -0.79 -19.15 30.48
N GLU A 173 -0.37 -19.08 29.23
CA GLU A 173 0.69 -18.19 28.82
C GLU A 173 0.05 -17.14 27.94
N LEU A 174 0.17 -15.89 28.35
CA LEU A 174 -0.47 -14.77 27.65
C LEU A 174 0.57 -13.85 27.06
N LEU A 175 0.59 -13.76 25.73
CA LEU A 175 1.50 -12.89 25.00
C LEU A 175 0.79 -11.61 24.61
N ILE A 176 1.16 -10.50 25.24
CA ILE A 176 0.41 -9.24 25.12
C ILE A 176 1.13 -8.20 24.28
N PRO A 177 0.35 -7.23 23.73
CA PRO A 177 0.92 -5.97 23.26
C PRO A 177 1.37 -5.15 24.48
N ASP A 178 1.66 -3.85 24.34
CA ASP A 178 2.18 -3.12 25.49
C ASP A 178 1.12 -2.25 26.24
N PHE A 179 -0.08 -2.19 25.68
CA PHE A 179 -1.13 -1.29 26.17
C PHE A 179 -0.51 0.10 26.44
N ASN A 180 0.38 0.50 25.53
CA ASN A 180 1.14 1.74 25.61
C ASN A 180 1.87 1.90 26.95
N GLY A 181 2.15 0.78 27.63
CA GLY A 181 2.84 0.81 28.90
C GLY A 181 2.04 1.43 30.04
N GLU A 182 0.73 1.58 29.84
CA GLU A 182 -0.09 2.28 30.81
C GLU A 182 -0.25 1.42 32.06
N PRO A 183 0.22 1.91 33.22
CA PRO A 183 0.29 1.07 34.42
C PRO A 183 -1.02 0.38 34.83
N THR A 184 -2.14 1.08 34.70
CA THR A 184 -3.40 0.51 35.16
C THR A 184 -3.99 -0.47 34.15
N ARG A 185 -3.76 -0.26 32.85
CA ARG A 185 -4.09 -1.27 31.86
C ARG A 185 -3.26 -2.53 32.13
N LEU A 186 -1.97 -2.33 32.34
CA LEU A 186 -1.09 -3.46 32.63
C LEU A 186 -1.52 -4.18 33.90
N ALA A 187 -1.81 -3.42 34.95
CA ALA A 187 -2.20 -4.01 36.22
C ALA A 187 -3.45 -4.89 36.07
N GLU A 188 -4.36 -4.48 35.20
CA GLU A 188 -5.59 -5.24 35.01
C GLU A 188 -5.27 -6.60 34.39
N VAL A 189 -4.43 -6.60 33.36
CA VAL A 189 -3.98 -7.84 32.76
C VAL A 189 -3.22 -8.73 33.75
N PHE A 190 -2.28 -8.13 34.47
CA PHE A 190 -1.42 -8.90 35.39
C PHE A 190 -2.26 -9.57 36.49
N GLU A 191 -3.29 -8.85 36.94
N GLU A 191 -3.29 -8.85 36.96
CA GLU A 191 -4.18 -9.32 38.01
CA GLU A 191 -4.16 -9.35 38.02
C GLU A 191 -4.89 -10.62 37.64
C GLU A 191 -4.84 -10.66 37.64
N SER A 192 -5.04 -10.89 36.34
CA SER A 192 -5.67 -12.15 35.91
C SER A 192 -4.77 -13.36 36.21
N GLY A 193 -3.48 -13.11 36.45
CA GLY A 193 -2.58 -14.15 36.92
C GLY A 193 -2.25 -15.31 35.98
N PRO A 194 -1.83 -15.00 34.76
CA PRO A 194 -1.31 -16.07 33.90
C PRO A 194 -0.05 -16.68 34.49
N GLU A 195 0.18 -17.96 34.20
CA GLU A 195 1.44 -18.62 34.60
C GLU A 195 2.65 -17.98 33.94
N VAL A 196 2.49 -17.56 32.70
CA VAL A 196 3.54 -16.81 32.00
C VAL A 196 2.97 -15.58 31.32
N LEU A 197 3.60 -14.44 31.58
CA LEU A 197 3.29 -13.19 30.89
C LEU A 197 4.41 -12.93 29.89
N ALA A 198 4.08 -12.99 28.62
CA ALA A 198 5.04 -12.76 27.56
C ALA A 198 4.75 -11.42 26.88
N HIS A 199 5.82 -10.72 26.53
CA HIS A 199 5.73 -9.52 25.72
C HIS A 199 7.07 -9.40 25.00
N ASN A 200 7.02 -9.28 23.68
CA ASN A 200 8.20 -9.53 22.88
C ASN A 200 8.88 -8.25 22.44
N VAL A 201 10.17 -8.13 22.73
CA VAL A 201 10.86 -6.92 22.31
CA VAL A 201 10.94 -6.96 22.33
C VAL A 201 11.31 -7.08 20.85
N GLU A 202 11.50 -8.32 20.41
CA GLU A 202 11.71 -8.68 19.00
C GLU A 202 13.04 -8.27 18.40
N THR A 203 13.44 -7.02 18.59
CA THR A 203 14.66 -6.60 17.94
C THR A 203 15.43 -5.63 18.82
N VAL A 204 16.49 -5.05 18.27
CA VAL A 204 17.45 -4.29 19.05
C VAL A 204 17.20 -2.79 18.87
N PRO A 205 17.67 -1.96 19.82
CA PRO A 205 17.33 -0.52 19.81
C PRO A 205 17.70 0.23 18.53
N ARG A 206 18.78 -0.14 17.86
CA ARG A 206 19.24 0.66 16.72
C ARG A 206 18.24 0.61 15.56
N ILE A 207 17.55 -0.53 15.42
CA ILE A 207 16.62 -0.67 14.30
C ILE A 207 15.18 -0.83 14.77
N PHE A 208 14.91 -0.63 16.05
CA PHE A 208 13.59 -0.92 16.58
C PHE A 208 12.48 -0.13 15.89
N LYS A 209 12.69 1.17 15.70
CA LYS A 209 11.65 2.02 15.14
C LYS A 209 11.30 1.59 13.71
N ARG A 210 12.31 1.14 12.97
CA ARG A 210 12.12 0.69 11.60
C ARG A 210 11.31 -0.61 11.49
N ILE A 211 11.21 -1.35 12.59
CA ILE A 211 10.53 -2.65 12.58
C ILE A 211 9.16 -2.63 13.29
N ARG A 212 9.11 -1.96 14.44
CA ARG A 212 7.93 -1.89 15.28
C ARG A 212 7.64 -0.47 15.74
N PRO A 213 7.29 0.41 14.78
CA PRO A 213 7.16 1.85 15.08
C PRO A 213 6.09 2.24 16.12
N ALA A 214 5.11 1.37 16.38
CA ALA A 214 4.03 1.69 17.34
C ALA A 214 4.41 1.28 18.76
N PHE A 215 5.63 0.75 18.90
CA PHE A 215 6.19 0.33 20.18
C PHE A 215 7.52 1.05 20.41
N THR A 216 8.10 0.89 21.60
CA THR A 216 9.50 1.25 21.77
C THR A 216 10.23 0.18 22.58
N TYR A 217 11.53 0.07 22.31
CA TYR A 217 12.41 -0.88 23.00
C TYR A 217 12.29 -0.71 24.52
N ARG A 218 12.47 0.50 25.00
CA ARG A 218 12.42 0.77 26.44
C ARG A 218 11.02 0.57 27.05
N ARG A 219 9.97 0.99 26.35
CA ARG A 219 8.61 0.76 26.84
C ARG A 219 8.33 -0.75 26.97
N SER A 220 8.76 -1.54 25.99
CA SER A 220 8.53 -2.98 26.03
C SER A 220 9.34 -3.66 27.13
N LEU A 221 10.57 -3.19 27.34
CA LEU A 221 11.35 -3.69 28.49
C LEU A 221 10.62 -3.35 29.78
N GLY A 222 10.09 -2.13 29.88
CA GLY A 222 9.33 -1.70 31.05
C GLY A 222 8.08 -2.53 31.33
N VAL A 223 7.46 -3.05 30.27
CA VAL A 223 6.29 -3.95 30.42
C VAL A 223 6.71 -5.25 31.11
N LEU A 224 7.83 -5.83 30.67
CA LEU A 224 8.37 -7.02 31.34
C LEU A 224 8.71 -6.73 32.80
N THR A 225 9.34 -5.59 33.07
CA THR A 225 9.71 -5.28 34.46
C THR A 225 8.46 -5.13 35.31
N ALA A 226 7.43 -4.50 34.75
CA ALA A 226 6.18 -4.34 35.46
C ALA A 226 5.57 -5.71 35.77
N ALA A 227 5.61 -6.62 34.79
CA ALA A 227 5.08 -7.95 35.03
C ALA A 227 5.90 -8.69 36.09
N ARG A 228 7.22 -8.50 36.08
CA ARG A 228 8.08 -9.16 37.07
C ARG A 228 7.74 -8.63 38.46
N ASP A 229 7.60 -7.32 38.57
CA ASP A 229 7.32 -6.67 39.84
C ASP A 229 5.96 -7.09 40.37
N ALA A 230 5.02 -7.36 39.47
CA ALA A 230 3.71 -7.89 39.89
C ALA A 230 3.72 -9.37 40.31
N GLY A 231 4.87 -10.01 40.27
CA GLY A 231 4.99 -11.38 40.73
C GLY A 231 4.84 -12.46 39.66
N LEU A 232 4.79 -12.05 38.40
CA LEU A 232 4.61 -12.98 37.29
C LEU A 232 5.94 -13.49 36.70
N VAL A 233 5.92 -14.74 36.22
CA VAL A 233 6.99 -15.29 35.38
C VAL A 233 6.86 -14.63 34.00
N THR A 234 7.96 -14.13 33.49
CA THR A 234 7.92 -13.33 32.28
C THR A 234 8.68 -14.00 31.14
N LYS A 235 8.30 -13.64 29.92
CA LYS A 235 8.86 -14.28 28.73
C LYS A 235 9.00 -13.26 27.62
N SER A 236 10.06 -13.35 26.82
CA SER A 236 10.15 -12.49 25.65
C SER A 236 10.80 -13.24 24.48
N ASN A 237 11.04 -12.54 23.39
CA ASN A 237 11.42 -13.18 22.14
C ASN A 237 12.29 -12.22 21.36
N LEU A 238 13.23 -12.76 20.58
CA LEU A 238 14.01 -11.98 19.62
C LEU A 238 13.89 -12.60 18.23
N ILE A 239 13.64 -11.76 17.24
CA ILE A 239 13.53 -12.17 15.86
C ILE A 239 14.80 -11.76 15.13
N LEU A 240 15.64 -12.71 14.73
CA LEU A 240 16.93 -12.36 14.15
C LEU A 240 16.87 -12.39 12.64
N GLY A 241 17.78 -11.67 12.00
CA GLY A 241 17.79 -11.56 10.54
C GLY A 241 17.11 -10.29 10.05
N LEU A 242 16.89 -9.35 10.96
CA LEU A 242 16.21 -8.10 10.62
C LEU A 242 17.18 -6.92 10.43
N GLY A 243 18.47 -7.20 10.54
CA GLY A 243 19.49 -6.15 10.41
C GLY A 243 20.43 -6.08 11.61
N GLU A 244 20.06 -6.75 12.69
CA GLU A 244 20.85 -6.70 13.93
C GLU A 244 22.15 -7.47 13.77
N THR A 245 23.17 -7.10 14.55
CA THR A 245 24.38 -7.91 14.67
C THR A 245 24.25 -8.87 15.84
N SER A 246 25.11 -9.88 15.87
CA SER A 246 25.10 -10.80 16.99
C SER A 246 25.51 -10.11 18.29
N ASP A 247 26.40 -9.12 18.21
CA ASP A 247 26.74 -8.37 19.41
C ASP A 247 25.50 -7.66 19.97
N GLU A 248 24.67 -7.11 19.10
CA GLU A 248 23.47 -6.42 19.52
C GLU A 248 22.45 -7.39 20.13
N VAL A 249 22.43 -8.61 19.61
CA VAL A 249 21.62 -9.69 20.18
C VAL A 249 22.06 -10.00 21.60
N ARG A 250 23.36 -10.09 21.81
CA ARG A 250 23.88 -10.35 23.14
C ARG A 250 23.53 -9.19 24.08
N THR A 251 23.62 -7.96 23.61
CA THR A 251 23.23 -6.80 24.41
C THR A 251 21.73 -6.88 24.77
N ALA A 252 20.88 -7.21 23.79
CA ALA A 252 19.43 -7.32 24.01
C ALA A 252 19.08 -8.42 25.02
N LEU A 253 19.76 -9.56 24.95
CA LEU A 253 19.57 -10.63 25.94
C LEU A 253 19.93 -10.13 27.35
N GLY A 254 21.02 -9.37 27.45
CA GLY A 254 21.38 -8.75 28.73
C GLY A 254 20.34 -7.76 29.21
N ASP A 255 19.83 -6.95 28.28
CA ASP A 255 18.79 -5.98 28.60
C ASP A 255 17.54 -6.68 29.11
N LEU A 256 17.18 -7.79 28.48
CA LEU A 256 15.98 -8.53 28.83
C LEU A 256 16.17 -9.12 30.23
N ARG A 257 17.32 -9.74 30.45
CA ARG A 257 17.60 -10.37 31.73
C ARG A 257 17.59 -9.32 32.85
N ASP A 258 18.28 -8.22 32.62
CA ASP A 258 18.37 -7.16 33.62
C ASP A 258 17.00 -6.55 33.92
N ALA A 259 16.13 -6.53 32.90
CA ALA A 259 14.78 -6.04 33.07
C ALA A 259 13.91 -7.01 33.85
N GLY A 260 14.40 -8.24 34.06
CA GLY A 260 13.68 -9.22 34.83
C GLY A 260 13.02 -10.33 34.01
N CYS A 261 13.32 -10.39 32.72
CA CYS A 261 12.74 -11.44 31.86
C CYS A 261 13.23 -12.84 32.27
N ASP A 262 12.32 -13.79 32.46
CA ASP A 262 12.69 -15.15 32.93
C ASP A 262 12.96 -16.18 31.83
N ILE A 263 12.18 -16.11 30.76
CA ILE A 263 12.20 -17.09 29.68
C ILE A 263 12.43 -16.35 28.37
N VAL A 264 13.31 -16.85 27.50
CA VAL A 264 13.48 -16.16 26.22
C VAL A 264 13.57 -17.15 25.07
N THR A 265 12.92 -16.81 23.96
CA THR A 265 13.08 -17.55 22.70
C THR A 265 13.88 -16.72 21.71
N ILE A 266 14.73 -17.39 20.95
CA ILE A 266 15.64 -16.72 20.00
C ILE A 266 15.47 -17.42 18.67
N THR A 267 15.13 -16.65 17.64
CA THR A 267 14.45 -17.19 16.48
C THR A 267 14.91 -16.56 15.18
N GLN A 268 14.48 -17.14 14.05
CA GLN A 268 14.79 -16.59 12.72
C GLN A 268 13.57 -15.95 12.06
N TYR A 269 13.76 -14.73 11.57
CA TYR A 269 12.76 -14.06 10.75
C TYR A 269 12.49 -14.80 9.46
N LEU A 270 11.22 -15.06 9.17
CA LEU A 270 10.80 -15.43 7.81
C LEU A 270 9.99 -14.31 7.19
N ARG A 271 10.34 -13.92 5.98
CA ARG A 271 9.71 -12.79 5.32
C ARG A 271 8.38 -13.22 4.72
N PRO A 272 7.24 -12.66 5.22
CA PRO A 272 5.91 -13.07 4.73
C PRO A 272 5.65 -12.70 3.27
N SER A 273 6.21 -11.60 2.80
CA SER A 273 5.97 -11.12 1.43
C SER A 273 6.99 -10.09 1.02
N ALA A 274 6.98 -9.71 -0.27
CA ALA A 274 7.92 -8.72 -0.80
C ALA A 274 7.73 -7.38 -0.14
N ARG A 275 6.53 -7.13 0.34
CA ARG A 275 6.23 -5.85 0.96
C ARG A 275 6.71 -5.81 2.43
N HIS A 276 7.16 -6.95 2.93
CA HIS A 276 7.71 -7.02 4.28
C HIS A 276 9.21 -6.87 4.27
N HIS A 277 9.78 -6.67 5.45
CA HIS A 277 11.19 -6.37 5.59
C HIS A 277 12.03 -7.46 4.97
N PRO A 278 13.11 -7.09 4.30
CA PRO A 278 13.99 -8.12 3.72
C PRO A 278 14.69 -8.96 4.80
N VAL A 279 15.06 -10.18 4.45
CA VAL A 279 15.83 -10.99 5.40
C VAL A 279 17.29 -10.61 5.29
N GLU A 280 17.84 -9.97 6.31
CA GLU A 280 19.19 -9.43 6.21
C GLU A 280 20.26 -10.49 6.38
N ARG A 281 19.94 -11.55 7.13
CA ARG A 281 20.86 -12.68 7.27
C ARG A 281 20.11 -13.93 7.68
N TRP A 282 20.69 -15.09 7.36
CA TRP A 282 20.19 -16.37 7.86
C TRP A 282 21.13 -16.85 8.96
N VAL A 283 20.64 -16.88 10.17
CA VAL A 283 21.46 -17.25 11.30
C VAL A 283 21.62 -18.76 11.32
N LYS A 284 22.87 -19.24 11.33
CA LYS A 284 23.11 -20.69 11.26
C LYS A 284 22.63 -21.40 12.53
N PRO A 285 22.17 -22.64 12.39
CA PRO A 285 21.79 -23.42 13.56
C PRO A 285 22.85 -23.43 14.67
N GLU A 286 24.14 -23.55 14.31
CA GLU A 286 25.20 -23.50 15.32
C GLU A 286 25.23 -22.16 16.04
N GLU A 287 24.91 -21.05 15.36
CA GLU A 287 24.95 -19.79 16.09
CA GLU A 287 24.87 -19.74 16.00
C GLU A 287 23.77 -19.66 17.05
N PHE A 288 22.61 -20.24 16.72
CA PHE A 288 21.53 -20.31 17.70
C PHE A 288 21.94 -21.09 18.94
N VAL A 289 22.69 -22.18 18.76
CA VAL A 289 23.21 -22.92 19.92
C VAL A 289 24.05 -22.00 20.79
N GLN A 290 24.93 -21.21 20.17
CA GLN A 290 25.73 -20.25 20.92
CA GLN A 290 25.73 -20.26 20.92
C GLN A 290 24.89 -19.20 21.63
N PHE A 291 23.83 -18.71 20.97
CA PHE A 291 22.98 -17.71 21.63
C PHE A 291 22.28 -18.30 22.83
N ALA A 292 21.79 -19.54 22.68
CA ALA A 292 21.13 -20.22 23.78
C ALA A 292 22.10 -20.37 24.97
N ARG A 293 23.35 -20.73 24.70
CA ARG A 293 24.32 -20.88 25.76
C ARG A 293 24.61 -19.57 26.48
N PHE A 294 24.73 -18.50 25.69
CA PHE A 294 24.95 -17.18 26.24
C PHE A 294 23.80 -16.79 27.19
N ALA A 295 22.57 -16.97 26.73
CA ALA A 295 21.40 -16.66 27.55
C ALA A 295 21.38 -17.49 28.83
N GLU A 296 21.66 -18.78 28.73
CA GLU A 296 21.75 -19.62 29.93
C GLU A 296 22.75 -19.02 30.91
N GLY A 297 23.88 -18.59 30.35
CA GLY A 297 24.97 -18.01 31.12
C GLY A 297 24.54 -16.72 31.81
N LEU A 298 23.57 -15.99 31.26
CA LEU A 298 23.12 -14.74 31.89
C LEU A 298 22.14 -15.00 33.03
N GLY A 299 21.64 -16.22 33.11
CA GLY A 299 20.77 -16.60 34.20
C GLY A 299 19.29 -16.69 33.87
N PHE A 300 18.95 -16.78 32.59
CA PHE A 300 17.57 -17.06 32.21
C PHE A 300 17.15 -18.43 32.73
N ALA A 301 15.91 -18.52 33.23
CA ALA A 301 15.35 -19.77 33.73
C ALA A 301 14.99 -20.69 32.58
N GLY A 302 14.61 -20.10 31.47
CA GLY A 302 14.18 -20.89 30.32
C GLY A 302 14.70 -20.24 29.05
N VAL A 303 15.29 -21.07 28.20
CA VAL A 303 15.88 -20.60 26.92
C VAL A 303 15.55 -21.61 25.84
N LEU A 304 15.08 -21.13 24.70
CA LEU A 304 14.88 -22.01 23.56
C LEU A 304 15.25 -21.25 22.29
N ALA A 305 16.19 -21.80 21.52
CA ALA A 305 16.70 -21.12 20.34
C ALA A 305 16.66 -22.01 19.09
N GLY A 306 16.46 -21.41 17.92
CA GLY A 306 16.45 -22.18 16.69
C GLY A 306 15.71 -21.41 15.63
N PRO A 307 15.94 -21.75 14.35
CA PRO A 307 15.39 -20.87 13.32
C PRO A 307 13.89 -20.83 13.38
N LEU A 308 13.22 -21.96 13.58
CA LEU A 308 11.76 -21.96 13.57
C LEU A 308 11.18 -22.07 14.98
N VAL A 309 12.01 -21.85 15.99
CA VAL A 309 11.45 -21.60 17.30
C VAL A 309 10.58 -20.35 17.20
N ARG A 310 9.50 -20.34 17.98
CA ARG A 310 8.60 -19.18 18.07
C ARG A 310 8.18 -18.99 19.54
N SER A 311 7.65 -17.82 19.87
CA SER A 311 7.28 -17.49 21.24
C SER A 311 6.43 -18.59 21.93
N SER A 312 5.47 -19.20 21.21
CA SER A 312 4.60 -20.20 21.83
C SER A 312 5.08 -21.62 21.59
N TYR A 313 6.12 -21.78 20.80
CA TYR A 313 6.55 -23.09 20.33
C TYR A 313 6.99 -23.98 21.48
N ARG A 314 6.30 -25.10 21.65
CA ARG A 314 6.53 -26.02 22.77
C ARG A 314 6.57 -25.28 24.11
N ALA A 315 5.77 -24.23 24.26
CA ALA A 315 5.88 -23.35 25.43
C ALA A 315 5.62 -24.05 26.76
N GLY A 316 4.67 -24.99 26.78
CA GLY A 316 4.38 -25.71 28.00
C GLY A 316 5.57 -26.52 28.51
N ARG A 317 6.27 -27.16 27.58
CA ARG A 317 7.46 -27.92 27.93
C ARG A 317 8.56 -26.97 28.39
N LEU A 318 8.70 -25.84 27.71
CA LEU A 318 9.67 -24.82 28.13
C LEU A 318 9.32 -24.27 29.51
N TYR A 319 8.03 -24.08 29.78
CA TYR A 319 7.59 -23.59 31.09
C TYR A 319 7.98 -24.55 32.22
N GLU A 320 7.69 -25.83 32.04
CA GLU A 320 8.07 -26.87 32.99
C GLU A 320 9.57 -26.85 33.27
N GLN A 321 10.37 -26.69 32.22
CA GLN A 321 11.82 -26.64 32.38
C GLN A 321 12.20 -25.41 33.20
N ALA A 322 11.57 -24.28 32.91
CA ALA A 322 11.86 -23.04 33.63
C ALA A 322 11.45 -23.15 35.09
N ARG A 323 10.28 -23.76 35.30
CA ARG A 323 9.70 -23.92 36.62
C ARG A 323 10.59 -24.74 37.54
N ASN A 324 11.46 -25.56 36.94
CA ASN A 324 12.37 -26.43 37.69
C ASN A 324 13.82 -25.95 37.76
N SER A 325 14.11 -24.84 37.10
CA SER A 325 15.51 -24.43 36.99
C SER A 325 16.01 -23.81 38.29
N ARG A 326 17.31 -24.00 38.54
CA ARG A 326 17.99 -23.33 39.65
C ARG A 326 17.76 -21.83 39.54
N ALA A 327 17.78 -21.34 38.31
CA ALA A 327 17.57 -19.93 38.00
C ALA A 327 16.37 -19.34 38.75
N LEU A 328 15.27 -20.09 38.74
CA LEU A 328 14.13 -20.06 39.69
C LEU A 328 12.83 -20.25 38.90
N ALA A 329 12.30 -19.13 38.41
CA ALA A 329 11.12 -19.00 37.59
C ALA A 329 10.53 -20.27 37.02
N GLU B 1 -5.54 -20.51 5.07
CA GLU B 1 -4.60 -19.46 5.49
C GLU B 1 -3.27 -19.53 4.74
N SER B 2 -2.53 -18.42 4.76
CA SER B 2 -1.34 -18.23 3.93
C SER B 2 -0.04 -18.39 4.73
N THR B 3 0.63 -19.53 4.55
CA THR B 3 1.80 -19.93 5.34
C THR B 3 3.10 -19.46 4.70
O XOK B 4 5.98 -20.64 4.86
N XOK B 4 3.98 -18.83 5.49
CA XOK B 4 5.24 -18.36 5.03
C XOK B 4 6.04 -19.48 4.39
CB XOK B 4 6.03 -17.66 6.12
CG XOK B 4 5.26 -16.56 6.82
CD XOK B 4 6.14 -15.74 7.74
CE XOK B 4 6.50 -16.48 9.01
NZ XOK B 4 5.46 -16.29 9.95
C1 XOK B 4 5.79 -16.60 11.27
O1 XOK B 4 6.90 -17.00 11.57
C2 XOK B 4 4.71 -16.40 12.30
C3 XOK B 4 5.03 -17.05 13.63
C4 XOK B 4 3.84 -17.07 14.59
C5 XOK B 4 4.17 -17.66 15.94
C6 XOK B 4 2.92 -18.20 16.65
C7 XOK B 4 3.16 -18.57 18.11
C8 XOK B 4 3.52 -17.36 18.95
S6 XOK B 4 2.19 -19.57 15.74
N SER B 5 6.79 -19.15 3.35
CA SER B 5 7.55 -20.14 2.59
C SER B 5 8.82 -20.56 3.31
N VAL B 6 9.12 -21.85 3.24
CA VAL B 6 10.41 -22.36 3.69
C VAL B 6 11.23 -22.78 2.46
N SER B 7 12.37 -23.43 2.64
CA SER B 7 13.27 -23.68 1.51
C SER B 7 12.57 -24.58 0.50
N ASP B 8 12.80 -24.29 -0.78
CA ASP B 8 12.08 -24.98 -1.86
C ASP B 8 12.94 -26.07 -2.51
N GLY C 27 2.33 40.91 -13.98
CA GLY C 27 3.01 41.83 -14.89
C GLY C 27 4.51 41.86 -14.67
N ARG C 28 4.95 42.68 -13.71
CA ARG C 28 6.36 42.81 -13.39
C ARG C 28 6.86 41.56 -12.68
N ARG C 29 5.91 40.81 -12.10
CA ARG C 29 6.23 39.55 -11.41
C ARG C 29 6.41 38.44 -12.42
N LEU C 30 5.56 38.41 -13.44
CA LEU C 30 5.77 37.52 -14.57
C LEU C 30 7.09 37.80 -15.25
N LEU C 31 7.37 39.08 -15.50
CA LEU C 31 8.59 39.46 -16.16
C LEU C 31 9.80 39.05 -15.34
N ARG C 32 9.71 39.27 -14.03
CA ARG C 32 10.77 38.86 -13.12
C ARG C 32 10.96 37.36 -13.23
N LEU C 33 9.85 36.64 -13.38
CA LEU C 33 9.89 35.19 -13.44
C LEU C 33 10.63 34.73 -14.69
N GLU C 34 10.30 35.33 -15.82
CA GLU C 34 10.90 34.96 -17.09
C GLU C 34 12.40 35.29 -17.09
N VAL C 35 12.77 36.39 -16.46
CA VAL C 35 14.16 36.78 -16.32
C VAL C 35 14.95 35.79 -15.47
N ARG C 36 14.31 35.30 -14.41
CA ARG C 36 14.90 34.25 -13.60
C ARG C 36 15.10 32.98 -14.43
N ASN C 37 14.06 32.57 -15.16
CA ASN C 37 14.10 31.33 -15.92
C ASN C 37 15.21 31.31 -16.96
N ALA C 38 15.39 32.40 -17.70
CA ALA C 38 16.33 32.42 -18.83
C ALA C 38 17.80 32.34 -18.37
N GLN C 39 18.04 32.53 -17.08
CA GLN C 39 19.38 32.32 -16.51
C GLN C 39 19.83 30.88 -16.52
N THR C 40 18.89 29.94 -16.55
CA THR C 40 19.27 28.54 -16.61
C THR C 40 19.38 28.11 -18.08
N PRO C 41 20.58 27.65 -18.49
CA PRO C 41 20.77 27.19 -19.86
C PRO C 41 19.80 26.07 -20.19
N ILE C 42 19.45 25.91 -21.46
CA ILE C 42 18.62 24.78 -21.89
C ILE C 42 19.33 23.48 -21.54
N GLU C 43 18.64 22.63 -20.79
CA GLU C 43 19.14 21.35 -20.33
C GLU C 43 19.21 20.32 -21.46
N ARG C 44 20.28 19.54 -21.50
CA ARG C 44 20.33 18.41 -22.42
C ARG C 44 19.34 17.36 -21.95
N LYS C 45 18.61 16.74 -22.88
CA LYS C 45 17.65 15.70 -22.51
C LYS C 45 18.36 14.38 -22.32
N PRO C 46 17.94 13.60 -21.31
CA PRO C 46 18.48 12.26 -21.08
C PRO C 46 18.08 11.30 -22.20
N PRO C 47 18.85 10.21 -22.39
CA PRO C 47 18.69 9.39 -23.60
C PRO C 47 17.34 8.66 -23.67
N TRP C 48 16.65 8.50 -22.56
CA TRP C 48 15.37 7.81 -22.59
C TRP C 48 14.26 8.68 -23.17
N ILE C 49 14.43 10.00 -23.20
CA ILE C 49 13.44 10.88 -23.81
C ILE C 49 13.65 10.82 -25.32
N LYS C 50 12.88 10.00 -26.00
CA LYS C 50 13.05 9.85 -27.44
C LYS C 50 11.70 9.86 -28.13
N THR C 51 11.67 10.43 -29.33
CA THR C 51 10.45 10.52 -30.13
C THR C 51 10.39 9.31 -31.06
N ARG C 52 9.54 8.36 -30.72
CA ARG C 52 9.53 7.06 -31.38
C ARG C 52 9.10 7.13 -32.86
N ALA C 53 7.90 7.64 -33.10
CA ALA C 53 7.33 7.61 -34.45
C ALA C 53 7.77 8.81 -35.30
N ARG C 54 7.34 8.80 -36.57
CA ARG C 54 7.62 9.90 -37.50
C ARG C 54 6.35 10.28 -38.28
N ILE C 55 6.47 11.31 -39.10
CA ILE C 55 5.36 11.78 -39.92
C ILE C 55 4.88 10.68 -40.85
N GLY C 56 3.58 10.60 -41.04
CA GLY C 56 2.99 9.64 -41.96
C GLY C 56 1.63 10.08 -42.46
N PRO C 57 0.93 9.20 -43.18
CA PRO C 57 -0.39 9.47 -43.76
C PRO C 57 -1.44 9.89 -42.72
N GLU C 58 -1.49 9.21 -41.57
CA GLU C 58 -2.54 9.48 -40.58
C GLU C 58 -2.34 10.88 -39.99
N TYR C 59 -1.09 11.24 -39.71
CA TYR C 59 -0.76 12.57 -39.22
C TYR C 59 -1.26 13.66 -40.17
N THR C 60 -0.88 13.53 -41.44
CA THR C 60 -1.27 14.50 -42.45
C THR C 60 -2.76 14.59 -42.60
N GLU C 61 -3.43 13.43 -42.58
CA GLU C 61 -4.89 13.42 -42.68
C GLU C 61 -5.50 14.18 -41.51
N LEU C 62 -4.97 13.94 -40.32
CA LEU C 62 -5.45 14.63 -39.13
C LEU C 62 -5.16 16.13 -39.21
N LYS C 63 -3.96 16.46 -39.66
CA LYS C 63 -3.56 17.85 -39.81
C LYS C 63 -4.52 18.57 -40.75
N ASN C 64 -4.81 17.96 -41.87
CA ASN C 64 -5.67 18.64 -42.83
C ASN C 64 -7.10 18.75 -42.33
N LEU C 65 -7.55 17.75 -41.57
CA LEU C 65 -8.88 17.76 -41.00
C LEU C 65 -9.05 18.93 -40.04
N VAL C 66 -8.12 19.04 -39.09
CA VAL C 66 -8.11 20.13 -38.11
C VAL C 66 -8.09 21.51 -38.79
N ARG C 67 -7.34 21.64 -39.87
CA ARG C 67 -7.30 22.89 -40.63
C ARG C 67 -8.65 23.21 -41.28
N ARG C 68 -9.17 22.26 -42.05
CA ARG C 68 -10.45 22.39 -42.74
C ARG C 68 -11.57 22.77 -41.76
N GLU C 69 -11.51 22.22 -40.56
CA GLU C 69 -12.58 22.42 -39.60
C GLU C 69 -12.38 23.62 -38.68
N GLY C 70 -11.29 24.37 -38.88
CA GLY C 70 -11.03 25.56 -38.08
C GLY C 70 -10.90 25.27 -36.60
N LEU C 71 -10.15 24.21 -36.27
CA LEU C 71 -9.98 23.75 -34.91
C LEU C 71 -8.54 23.87 -34.45
N HIS C 72 -8.31 23.64 -33.16
CA HIS C 72 -6.96 23.58 -32.62
C HIS C 72 -6.79 22.26 -31.86
N THR C 73 -5.56 21.80 -31.72
CA THR C 73 -5.26 20.67 -30.85
C THR C 73 -4.25 21.11 -29.78
N VAL C 74 -4.34 20.50 -28.62
CA VAL C 74 -3.38 20.78 -27.60
C VAL C 74 -2.06 20.13 -28.02
N CYS C 75 -2.15 19.06 -28.83
CA CYS C 75 -0.96 18.36 -29.31
C CYS C 75 -0.02 19.33 -30.04
N GLU C 76 -0.59 20.15 -30.91
CA GLU C 76 0.16 21.19 -31.61
C GLU C 76 0.49 22.39 -30.72
N GLU C 77 -0.52 22.97 -30.08
CA GLU C 77 -0.32 24.25 -29.38
C GLU C 77 0.61 24.12 -28.16
N ALA C 78 0.57 22.98 -27.49
CA ALA C 78 1.42 22.79 -26.32
C ALA C 78 2.74 22.12 -26.70
N GLY C 79 2.91 21.79 -27.98
CA GLY C 79 4.17 21.28 -28.47
C GLY C 79 4.52 19.89 -27.98
N CYS C 80 3.51 19.06 -27.80
CA CYS C 80 3.74 17.71 -27.28
C CYS C 80 4.68 16.89 -28.14
N PRO C 81 5.70 16.26 -27.52
CA PRO C 81 6.58 15.43 -28.36
C PRO C 81 5.94 14.14 -28.88
N ASN C 82 4.80 13.74 -28.33
CA ASN C 82 4.14 12.51 -28.78
C ASN C 82 3.26 12.65 -30.03
N ILE C 83 3.23 13.84 -30.64
CA ILE C 83 2.23 14.10 -31.66
C ILE C 83 2.30 13.05 -32.79
N PHE C 84 3.51 12.67 -33.20
CA PHE C 84 3.63 11.71 -34.31
C PHE C 84 3.19 10.33 -33.89
N GLU C 85 3.50 9.95 -32.65
CA GLU C 85 3.05 8.66 -32.11
C GLU C 85 1.51 8.57 -32.01
N CYS C 86 0.92 9.54 -31.31
CA CYS C 86 -0.52 9.56 -31.15
C CYS C 86 -1.28 9.69 -32.47
N TRP C 87 -0.86 10.60 -33.35
CA TRP C 87 -1.69 10.87 -34.52
C TRP C 87 -1.62 9.68 -35.48
N GLU C 88 -0.48 8.98 -35.50
CA GLU C 88 -0.30 7.73 -36.26
C GLU C 88 -1.38 6.72 -35.90
N ASP C 89 -1.73 6.69 -34.61
CA ASP C 89 -2.76 5.83 -34.07
C ASP C 89 -4.15 6.47 -34.14
N ARG C 90 -4.25 7.59 -34.85
CA ARG C 90 -5.48 8.36 -34.95
C ARG C 90 -5.97 8.76 -33.56
N GLU C 91 -5.02 9.13 -32.70
CA GLU C 91 -5.35 9.69 -31.40
C GLU C 91 -4.87 11.13 -31.34
N ALA C 92 -5.76 12.03 -30.92
CA ALA C 92 -5.41 13.44 -30.79
C ALA C 92 -6.36 14.09 -29.80
N THR C 93 -5.97 15.23 -29.27
CA THR C 93 -6.75 15.89 -28.25
C THR C 93 -7.05 17.33 -28.67
N PHE C 94 -8.33 17.63 -28.80
CA PHE C 94 -8.75 18.96 -29.23
C PHE C 94 -8.42 20.00 -28.17
N LEU C 95 -8.14 21.21 -28.62
CA LEU C 95 -8.03 22.38 -27.72
C LEU C 95 -9.13 23.34 -28.13
N ILE C 96 -10.13 23.48 -27.28
CA ILE C 96 -11.28 24.33 -27.59
C ILE C 96 -11.09 25.71 -26.98
N GLY C 97 -11.89 26.68 -27.44
CA GLY C 97 -11.79 28.04 -26.90
C GLY C 97 -10.72 28.93 -27.52
N GLY C 98 -10.12 28.49 -28.62
CA GLY C 98 -9.08 29.27 -29.28
C GLY C 98 -7.70 28.85 -28.86
N ASP C 99 -6.67 29.54 -29.38
CA ASP C 99 -5.29 29.20 -29.08
C ASP C 99 -4.61 30.26 -28.21
N GLN C 100 -5.43 31.12 -27.61
CA GLN C 100 -5.01 32.17 -26.69
C GLN C 100 -5.58 31.94 -25.31
N CYS C 101 -4.73 31.62 -24.34
CA CYS C 101 -5.23 31.38 -22.99
C CYS C 101 -5.24 32.66 -22.14
N THR C 102 -6.21 32.79 -21.23
CA THR C 102 -6.22 33.98 -20.39
C THR C 102 -5.30 33.83 -19.18
N ARG C 103 -4.71 32.66 -19.01
CA ARG C 103 -3.79 32.40 -17.91
C ARG C 103 -2.41 32.09 -18.46
N ARG C 104 -1.46 31.92 -17.55
CA ARG C 104 -0.07 31.71 -17.91
C ARG C 104 0.54 30.77 -16.85
N CYS C 105 0.78 29.54 -17.24
CA CYS C 105 1.39 28.56 -16.35
C CYS C 105 2.82 28.32 -16.83
N ASP C 106 3.75 28.12 -15.90
CA ASP C 106 5.17 28.25 -16.23
C ASP C 106 5.78 27.03 -16.97
N PHE C 107 4.98 25.98 -17.14
CA PHE C 107 5.37 24.82 -17.92
C PHE C 107 4.76 24.87 -19.32
N CYS C 108 3.79 25.75 -19.52
CA CYS C 108 2.93 25.66 -20.69
C CYS C 108 3.33 26.60 -21.83
N GLN C 109 3.48 26.07 -23.03
CA GLN C 109 3.87 26.93 -24.13
C GLN C 109 2.70 27.50 -24.92
N ILE C 110 1.46 27.18 -24.55
CA ILE C 110 0.31 27.78 -25.22
C ILE C 110 0.33 29.32 -25.05
N ASP C 111 0.04 30.05 -26.12
CA ASP C 111 -0.03 31.52 -26.08
C ASP C 111 -0.90 32.03 -24.94
N THR C 112 -0.47 33.12 -24.31
CA THR C 112 -1.30 33.85 -23.37
C THR C 112 -1.65 35.19 -23.99
N GLY C 113 -2.93 35.51 -24.08
CA GLY C 113 -3.35 36.76 -24.71
C GLY C 113 -4.84 36.94 -24.65
N LYS C 114 -5.34 38.00 -25.28
CA LYS C 114 -6.78 38.25 -25.33
C LYS C 114 -7.44 37.36 -26.35
N PRO C 115 -8.36 36.49 -25.90
CA PRO C 115 -9.08 35.61 -26.82
C PRO C 115 -10.03 36.37 -27.75
N ALA C 116 -10.27 35.79 -28.92
CA ALA C 116 -11.30 36.30 -29.82
C ALA C 116 -12.68 36.06 -29.19
N GLU C 117 -13.73 36.62 -29.79
CA GLU C 117 -15.07 36.32 -29.30
C GLU C 117 -15.34 34.82 -29.36
N LEU C 118 -16.15 34.36 -28.43
CA LEU C 118 -16.50 32.95 -28.33
C LEU C 118 -17.06 32.40 -29.65
N ASP C 119 -16.43 31.35 -30.18
CA ASP C 119 -16.95 30.64 -31.34
C ASP C 119 -17.97 29.59 -30.89
N ARG C 120 -19.26 29.93 -30.96
CA ARG C 120 -20.30 29.02 -30.50
C ARG C 120 -20.52 27.82 -31.42
N ASP C 121 -19.88 27.81 -32.59
CA ASP C 121 -20.04 26.71 -33.54
C ASP C 121 -18.98 25.63 -33.30
N GLU C 122 -18.00 25.93 -32.44
CA GLU C 122 -16.87 25.00 -32.29
C GLU C 122 -17.28 23.63 -31.72
N PRO C 123 -18.23 23.60 -30.76
CA PRO C 123 -18.66 22.26 -30.31
C PRO C 123 -19.15 21.37 -31.45
N ARG C 124 -19.96 21.91 -32.35
CA ARG C 124 -20.41 21.14 -33.52
C ARG C 124 -19.26 20.61 -34.37
N ARG C 125 -18.28 21.47 -34.66
CA ARG C 125 -17.16 21.09 -35.53
C ARG C 125 -16.25 20.05 -34.85
N VAL C 126 -16.04 20.17 -33.56
CA VAL C 126 -15.31 19.13 -32.83
C VAL C 126 -16.06 17.80 -32.96
N ALA C 127 -17.35 17.84 -32.64
CA ALA C 127 -18.20 16.65 -32.73
C ALA C 127 -18.16 16.04 -34.13
N ASP C 128 -18.21 16.91 -35.12
CA ASP C 128 -18.17 16.47 -36.51
C ASP C 128 -16.83 15.81 -36.84
N SER C 129 -15.74 16.39 -36.35
CA SER C 129 -14.40 15.83 -36.53
C SER C 129 -14.24 14.47 -35.88
N VAL C 130 -14.73 14.36 -34.64
CA VAL C 130 -14.72 13.08 -33.94
C VAL C 130 -15.42 12.02 -34.81
N ARG C 131 -16.55 12.41 -35.37
CA ARG C 131 -17.31 11.52 -36.23
C ARG C 131 -16.53 11.10 -37.47
N THR C 132 -15.86 12.06 -38.10
CA THR C 132 -15.09 11.78 -39.31
C THR C 132 -13.94 10.83 -39.02
N MET C 133 -13.29 11.02 -37.88
CA MET C 133 -12.19 10.16 -37.45
C MET C 133 -12.66 8.79 -36.99
N GLY C 134 -13.97 8.64 -36.79
CA GLY C 134 -14.54 7.41 -36.27
C GLY C 134 -14.03 7.03 -34.89
N LEU C 135 -13.72 8.03 -34.07
CA LEU C 135 -13.22 7.78 -32.72
C LEU C 135 -14.22 7.06 -31.84
N ARG C 136 -13.72 6.10 -31.10
CA ARG C 136 -14.53 5.42 -30.10
C ARG C 136 -14.30 6.05 -28.72
N TYR C 137 -13.21 6.80 -28.57
CA TYR C 137 -12.92 7.53 -27.33
C TYR C 137 -12.33 8.86 -27.75
N ALA C 138 -12.91 9.95 -27.26
CA ALA C 138 -12.44 11.27 -27.66
C ALA C 138 -11.92 12.03 -26.46
N THR C 139 -10.73 12.63 -26.60
CA THR C 139 -10.16 13.47 -25.56
C THR C 139 -10.24 14.94 -25.96
N VAL C 140 -10.70 15.78 -25.03
CA VAL C 140 -10.92 17.20 -25.24
C VAL C 140 -10.34 18.02 -24.10
N THR C 141 -9.58 19.07 -24.42
CA THR C 141 -9.24 20.04 -23.40
C THR C 141 -9.42 21.42 -24.03
N GLY C 142 -8.96 22.48 -23.37
CA GLY C 142 -9.14 23.82 -23.91
C GLY C 142 -8.36 24.82 -23.09
N VAL C 143 -8.44 26.08 -23.47
CA VAL C 143 -7.78 27.12 -22.69
C VAL C 143 -8.71 27.66 -21.62
N ALA C 144 -8.14 28.38 -20.67
CA ALA C 144 -8.94 29.13 -19.72
C ALA C 144 -9.54 30.30 -20.46
N ARG C 145 -10.74 30.70 -20.05
CA ARG C 145 -11.44 31.79 -20.70
C ARG C 145 -12.01 32.74 -19.63
N ASP C 146 -11.11 33.38 -18.90
CA ASP C 146 -11.48 34.34 -17.86
C ASP C 146 -12.08 35.62 -18.43
N ASP C 147 -11.95 35.80 -19.74
CA ASP C 147 -12.59 36.90 -20.43
C ASP C 147 -14.11 36.75 -20.47
N LEU C 148 -14.60 35.52 -20.36
CA LEU C 148 -16.04 35.24 -20.52
C LEU C 148 -16.76 35.27 -19.18
N PRO C 149 -18.04 35.71 -19.18
CA PRO C 149 -18.81 35.79 -17.93
C PRO C 149 -18.85 34.45 -17.19
N ASP C 150 -18.85 33.34 -17.93
CA ASP C 150 -18.95 32.04 -17.30
C ASP C 150 -17.66 31.24 -17.32
N GLY C 151 -16.54 31.90 -17.59
CA GLY C 151 -15.28 31.20 -17.69
C GLY C 151 -15.18 30.15 -18.82
N GLY C 152 -16.15 30.14 -19.74
CA GLY C 152 -16.15 29.14 -20.80
C GLY C 152 -16.89 27.87 -20.42
N ALA C 153 -17.61 27.89 -19.31
CA ALA C 153 -18.30 26.69 -18.81
C ALA C 153 -19.26 26.11 -19.86
N TRP C 154 -20.04 26.98 -20.50
CA TRP C 154 -20.98 26.51 -21.50
C TRP C 154 -20.25 25.81 -22.67
N LEU C 155 -19.20 26.45 -23.16
CA LEU C 155 -18.39 25.88 -24.25
C LEU C 155 -17.91 24.47 -23.95
N TYR C 156 -17.37 24.27 -22.76
CA TYR C 156 -16.86 22.95 -22.40
C TYR C 156 -18.00 21.93 -22.31
N ALA C 157 -19.09 22.30 -21.65
CA ALA C 157 -20.23 21.40 -21.57
C ALA C 157 -20.80 21.10 -22.96
N ALA C 158 -20.93 22.15 -23.77
CA ALA C 158 -21.55 22.04 -25.08
C ALA C 158 -20.71 21.16 -26.01
N THR C 159 -19.41 21.11 -25.79
CA THR C 159 -18.55 20.28 -26.62
C THR C 159 -18.74 18.78 -26.30
N VAL C 160 -18.83 18.45 -25.02
CA VAL C 160 -19.12 17.08 -24.63
C VAL C 160 -20.50 16.68 -25.17
N ARG C 161 -21.47 17.58 -24.98
CA ARG C 161 -22.83 17.36 -25.46
C ARG C 161 -22.87 17.08 -26.96
N ALA C 162 -22.21 17.93 -27.74
CA ALA C 162 -22.19 17.78 -29.19
C ALA C 162 -21.57 16.44 -29.60
N ILE C 163 -20.42 16.10 -29.01
CA ILE C 163 -19.76 14.84 -29.36
C ILE C 163 -20.67 13.65 -29.09
N LYS C 164 -21.33 13.64 -27.94
CA LYS C 164 -22.13 12.48 -27.57
C LYS C 164 -23.39 12.43 -28.41
N GLU C 165 -23.88 13.61 -28.80
CA GLU C 165 -25.09 13.73 -29.63
C GLU C 165 -24.87 13.12 -31.02
N LEU C 166 -23.72 13.40 -31.61
CA LEU C 166 -23.40 12.93 -32.96
C LEU C 166 -22.76 11.55 -32.92
N ASN C 167 -22.20 11.20 -31.76
CA ASN C 167 -21.48 9.95 -31.61
C ASN C 167 -21.89 9.21 -30.37
N PRO C 168 -23.13 8.69 -30.33
CA PRO C 168 -23.72 8.19 -29.08
C PRO C 168 -22.88 7.22 -28.26
N SER C 169 -22.13 6.33 -28.90
CA SER C 169 -21.36 5.34 -28.14
C SER C 169 -19.87 5.70 -27.94
N THR C 170 -19.49 6.93 -28.30
CA THR C 170 -18.10 7.38 -28.12
C THR C 170 -17.91 7.96 -26.72
N GLY C 171 -16.98 7.38 -25.95
CA GLY C 171 -16.59 7.90 -24.65
C GLY C 171 -15.92 9.27 -24.78
N VAL C 172 -16.14 10.14 -23.80
CA VAL C 172 -15.49 11.45 -23.83
C VAL C 172 -14.71 11.69 -22.55
N GLU C 173 -13.43 12.04 -22.71
CA GLU C 173 -12.60 12.44 -21.60
C GLU C 173 -12.37 13.94 -21.74
N LEU C 174 -12.86 14.69 -20.76
CA LEU C 174 -12.78 16.15 -20.77
C LEU C 174 -11.81 16.66 -19.74
N LEU C 175 -10.77 17.35 -20.20
CA LEU C 175 -9.76 17.90 -19.29
C LEU C 175 -10.01 19.40 -19.14
N ILE C 176 -10.42 19.81 -17.94
CA ILE C 176 -10.90 21.20 -17.74
C ILE C 176 -9.96 22.08 -16.94
N PRO C 177 -10.11 23.41 -17.08
CA PRO C 177 -9.59 24.31 -16.06
C PRO C 177 -10.48 24.24 -14.80
N ASP C 178 -10.29 25.13 -13.83
CA ASP C 178 -11.03 25.01 -12.58
C ASP C 178 -12.32 25.85 -12.54
N PHE C 179 -12.48 26.72 -13.53
CA PHE C 179 -13.57 27.70 -13.57
C PHE C 179 -13.66 28.42 -12.22
N ASN C 180 -12.51 28.71 -11.65
CA ASN C 180 -12.40 29.32 -10.32
C ASN C 180 -13.17 28.57 -9.21
N GLY C 181 -13.37 27.27 -9.42
CA GLY C 181 -14.05 26.43 -8.46
C GLY C 181 -15.51 26.79 -8.23
N GLU C 182 -16.11 27.53 -9.15
CA GLU C 182 -17.47 28.02 -8.93
C GLU C 182 -18.43 26.84 -9.09
N PRO C 183 -19.25 26.55 -8.05
CA PRO C 183 -20.04 25.30 -8.09
C PRO C 183 -21.00 25.14 -9.27
N THR C 184 -21.59 26.22 -9.76
CA THR C 184 -22.56 26.11 -10.83
C THR C 184 -21.88 25.99 -12.22
N ARG C 185 -20.73 26.65 -12.38
N ARG C 185 -20.74 26.66 -12.39
CA ARG C 185 -19.95 26.49 -13.61
CA ARG C 185 -19.96 26.47 -13.61
C ARG C 185 -19.53 25.03 -13.69
C ARG C 185 -19.55 25.02 -13.69
N LEU C 186 -19.09 24.49 -12.56
CA LEU C 186 -18.69 23.10 -12.50
C LEU C 186 -19.88 22.18 -12.70
N ALA C 187 -21.00 22.46 -12.03
CA ALA C 187 -22.20 21.67 -12.22
C ALA C 187 -22.60 21.59 -13.69
N GLU C 188 -22.47 22.72 -14.38
CA GLU C 188 -22.83 22.76 -15.79
C GLU C 188 -21.97 21.82 -16.62
N VAL C 189 -20.67 21.84 -16.37
CA VAL C 189 -19.77 20.94 -17.09
C VAL C 189 -20.05 19.49 -16.72
N PHE C 190 -20.25 19.23 -15.43
CA PHE C 190 -20.45 17.85 -14.95
C PHE C 190 -21.73 17.27 -15.53
N GLU C 191 -22.73 18.13 -15.68
CA GLU C 191 -24.02 17.74 -16.23
C GLU C 191 -23.89 17.13 -17.63
N SER C 192 -22.89 17.56 -18.41
CA SER C 192 -22.75 17.02 -19.77
C SER C 192 -22.37 15.52 -19.79
N GLY C 193 -21.86 15.04 -18.67
CA GLY C 193 -21.64 13.61 -18.45
C GLY C 193 -20.49 12.94 -19.17
N PRO C 194 -19.29 13.55 -19.14
CA PRO C 194 -18.18 12.84 -19.79
C PRO C 194 -17.84 11.55 -19.04
N GLU C 195 -17.32 10.55 -19.75
CA GLU C 195 -16.87 9.31 -19.13
C GLU C 195 -15.77 9.57 -18.10
N VAL C 196 -14.87 10.50 -18.43
CA VAL C 196 -13.81 10.90 -17.52
C VAL C 196 -13.76 12.42 -17.45
N LEU C 197 -13.80 12.94 -16.23
CA LEU C 197 -13.55 14.36 -15.95
C LEU C 197 -12.15 14.49 -15.42
N ALA C 198 -11.30 15.17 -16.18
CA ALA C 198 -9.92 15.35 -15.74
C ALA C 198 -9.67 16.80 -15.35
N HIS C 199 -8.95 17.01 -14.26
CA HIS C 199 -8.49 18.34 -13.87
C HIS C 199 -7.15 18.14 -13.20
N ASN C 200 -6.10 18.75 -13.74
CA ASN C 200 -4.74 18.42 -13.32
C ASN C 200 -4.21 19.31 -12.22
N VAL C 201 -3.75 18.70 -11.14
CA VAL C 201 -3.14 19.48 -10.05
CA VAL C 201 -3.14 19.44 -10.04
C VAL C 201 -1.70 19.83 -10.43
N GLU C 202 -1.05 18.97 -11.21
CA GLU C 202 0.28 19.23 -11.79
C GLU C 202 1.44 19.28 -10.82
N THR C 203 1.30 20.04 -9.75
CA THR C 203 2.47 20.22 -8.91
C THR C 203 2.10 20.30 -7.43
N VAL C 204 3.06 20.68 -6.59
CA VAL C 204 2.94 20.52 -5.13
C VAL C 204 2.85 21.89 -4.43
N PRO C 205 2.23 21.93 -3.24
CA PRO C 205 1.91 23.20 -2.57
C PRO C 205 3.06 24.20 -2.45
N ARG C 206 4.26 23.72 -2.13
CA ARG C 206 5.38 24.62 -1.87
C ARG C 206 5.69 25.52 -3.06
N ILE C 207 5.53 24.99 -4.25
CA ILE C 207 5.94 25.69 -5.45
C ILE C 207 4.77 25.99 -6.37
N PHE C 208 3.55 25.72 -5.89
CA PHE C 208 2.36 25.85 -6.76
C PHE C 208 2.17 27.26 -7.30
N LYS C 209 2.31 28.25 -6.43
CA LYS C 209 1.95 29.61 -6.81
C LYS C 209 2.86 30.11 -7.89
N ARG C 210 4.10 29.66 -7.83
CA ARG C 210 5.10 30.05 -8.81
C ARG C 210 4.88 29.44 -10.19
N ILE C 211 4.18 28.28 -10.21
N ILE C 211 4.14 28.33 -10.24
CA ILE C 211 3.97 27.54 -11.44
CA ILE C 211 3.98 27.61 -11.50
C ILE C 211 2.62 27.82 -12.08
C ILE C 211 2.59 27.81 -12.11
N ARG C 212 1.57 27.78 -11.27
CA ARG C 212 0.21 27.90 -11.73
C ARG C 212 -0.54 28.95 -10.92
N PRO C 213 -0.19 30.23 -11.08
CA PRO C 213 -0.65 31.27 -10.15
C PRO C 213 -2.16 31.59 -10.18
N ALA C 214 -2.85 31.29 -11.29
CA ALA C 214 -4.30 31.53 -11.36
C ALA C 214 -5.12 30.39 -10.79
N PHE C 215 -4.43 29.33 -10.35
CA PHE C 215 -5.07 28.17 -9.70
C PHE C 215 -4.60 28.07 -8.26
N THR C 216 -5.19 27.17 -7.48
CA THR C 216 -4.52 26.72 -6.25
C THR C 216 -4.61 25.21 -6.08
N TYR C 217 -3.63 24.65 -5.37
CA TYR C 217 -3.57 23.23 -5.04
C TYR C 217 -4.88 22.75 -4.45
N ARG C 218 -5.36 23.42 -3.40
CA ARG C 218 -6.56 22.98 -2.71
C ARG C 218 -7.81 23.16 -3.58
N ARG C 219 -7.89 24.25 -4.33
CA ARG C 219 -9.04 24.49 -5.19
CA ARG C 219 -9.05 24.48 -5.17
C ARG C 219 -9.12 23.42 -6.27
N SER C 220 -7.98 23.09 -6.85
CA SER C 220 -7.95 22.06 -7.87
C SER C 220 -8.32 20.69 -7.32
N LEU C 221 -7.84 20.36 -6.13
CA LEU C 221 -8.25 19.11 -5.51
C LEU C 221 -9.76 19.14 -5.32
N GLY C 222 -10.27 20.31 -4.98
CA GLY C 222 -11.68 20.49 -4.76
C GLY C 222 -12.52 20.27 -6.00
N VAL C 223 -11.97 20.63 -7.17
CA VAL C 223 -12.64 20.38 -8.45
C VAL C 223 -12.85 18.88 -8.63
N LEU C 224 -11.82 18.10 -8.30
CA LEU C 224 -11.91 16.65 -8.45
C LEU C 224 -12.95 16.09 -7.49
N THR C 225 -12.95 16.59 -6.25
CA THR C 225 -13.90 16.15 -5.25
C THR C 225 -15.32 16.41 -5.73
N ALA C 226 -15.56 17.61 -6.26
CA ALA C 226 -16.88 17.95 -6.78
C ALA C 226 -17.30 17.03 -7.94
N ALA C 227 -16.39 16.76 -8.86
CA ALA C 227 -16.67 15.83 -9.96
C ALA C 227 -16.99 14.43 -9.42
N ARG C 228 -16.19 13.97 -8.47
N ARG C 228 -16.19 13.97 -8.47
CA ARG C 228 -16.42 12.65 -7.84
CA ARG C 228 -16.39 12.67 -7.83
C ARG C 228 -17.80 12.63 -7.18
C ARG C 228 -17.75 12.61 -7.13
N ASP C 229 -18.12 13.70 -6.47
CA ASP C 229 -19.41 13.79 -5.78
C ASP C 229 -20.58 13.80 -6.77
N ALA C 230 -20.34 14.28 -7.99
CA ALA C 230 -21.38 14.31 -9.02
C ALA C 230 -21.49 12.98 -9.76
N GLY C 231 -20.70 12.01 -9.32
CA GLY C 231 -20.80 10.66 -9.84
C GLY C 231 -19.89 10.38 -11.03
N LEU C 232 -18.94 11.26 -11.31
CA LEU C 232 -18.06 11.10 -12.46
C LEU C 232 -16.79 10.31 -12.13
N VAL C 233 -16.23 9.61 -13.10
CA VAL C 233 -14.88 9.07 -12.96
C VAL C 233 -13.90 10.24 -13.10
N THR C 234 -12.93 10.33 -12.21
CA THR C 234 -12.04 11.50 -12.19
C THR C 234 -10.61 11.13 -12.48
N LYS C 235 -9.86 12.10 -12.98
CA LYS C 235 -8.50 11.87 -13.43
C LYS C 235 -7.66 13.12 -13.20
N SER C 236 -6.39 12.92 -12.86
CA SER C 236 -5.50 14.07 -12.70
C SER C 236 -4.08 13.71 -13.10
N ASN C 237 -3.16 14.65 -12.92
CA ASN C 237 -1.81 14.57 -13.48
C ASN C 237 -0.80 15.24 -12.56
N LEU C 238 0.40 14.68 -12.53
CA LEU C 238 1.53 15.32 -11.89
C LEU C 238 2.61 15.54 -12.93
N ILE C 239 3.14 16.76 -12.99
CA ILE C 239 4.29 17.07 -13.84
C ILE C 239 5.56 17.11 -12.98
N LEU C 240 6.43 16.12 -13.13
CA LEU C 240 7.62 16.07 -12.27
C LEU C 240 8.76 16.77 -12.99
N GLY C 241 9.76 17.19 -12.23
CA GLY C 241 10.91 17.90 -12.76
C GLY C 241 10.78 19.41 -12.59
N LEU C 242 9.77 19.85 -11.83
CA LEU C 242 9.52 21.27 -11.65
C LEU C 242 10.11 21.81 -10.35
N GLY C 243 10.84 20.96 -9.62
CA GLY C 243 11.45 21.37 -8.36
C GLY C 243 10.86 20.67 -7.13
N GLU C 244 9.80 19.90 -7.33
CA GLU C 244 9.23 19.08 -6.25
C GLU C 244 10.19 17.99 -5.79
N THR C 245 10.03 17.55 -4.54
CA THR C 245 10.78 16.41 -4.01
C THR C 245 9.97 15.13 -4.09
N SER C 246 10.63 13.99 -4.00
CA SER C 246 9.93 12.71 -3.99
C SER C 246 8.94 12.63 -2.85
N ASP C 247 9.30 13.21 -1.72
CA ASP C 247 8.36 13.24 -0.58
C ASP C 247 7.09 13.99 -0.98
N GLU C 248 7.25 15.10 -1.69
CA GLU C 248 6.10 15.89 -2.09
C GLU C 248 5.23 15.19 -3.12
N VAL C 249 5.86 14.40 -3.97
CA VAL C 249 5.15 13.61 -4.96
C VAL C 249 4.29 12.59 -4.22
N ARG C 250 4.86 11.93 -3.22
CA ARG C 250 4.08 10.96 -2.44
C ARG C 250 2.92 11.63 -1.71
N THR C 251 3.17 12.83 -1.19
CA THR C 251 2.13 13.60 -0.53
C THR C 251 1.02 13.97 -1.52
N ALA C 252 1.41 14.41 -2.71
CA ALA C 252 0.47 14.83 -3.73
C ALA C 252 -0.42 13.67 -4.16
N LEU C 253 0.19 12.49 -4.31
CA LEU C 253 -0.56 11.30 -4.70
C LEU C 253 -1.57 10.94 -3.62
N GLY C 254 -1.17 11.06 -2.36
CA GLY C 254 -2.09 10.84 -1.26
C GLY C 254 -3.23 11.86 -1.25
N ASP C 255 -2.92 13.14 -1.46
CA ASP C 255 -3.95 14.17 -1.51
C ASP C 255 -4.94 13.94 -2.65
N LEU C 256 -4.42 13.52 -3.79
CA LEU C 256 -5.28 13.20 -4.93
C LEU C 256 -6.25 12.07 -4.62
N ARG C 257 -5.74 10.96 -4.08
CA ARG C 257 -6.59 9.85 -3.70
CA ARG C 257 -6.59 9.84 -3.68
C ARG C 257 -7.64 10.29 -2.68
N ASP C 258 -7.21 11.08 -1.69
CA ASP C 258 -8.11 11.57 -0.64
C ASP C 258 -9.19 12.48 -1.21
N ALA C 259 -8.86 13.21 -2.28
CA ALA C 259 -9.83 14.10 -2.91
C ALA C 259 -10.81 13.36 -3.80
N GLY C 260 -10.57 12.08 -4.00
CA GLY C 260 -11.47 11.26 -4.82
C GLY C 260 -11.04 11.12 -6.26
N CYS C 261 -9.75 11.31 -6.54
CA CYS C 261 -9.23 11.10 -7.88
C CYS C 261 -9.12 9.60 -8.19
N ASP C 262 -9.73 9.16 -9.29
CA ASP C 262 -9.70 7.73 -9.68
C ASP C 262 -8.46 7.31 -10.51
N ILE C 263 -8.00 8.20 -11.38
CA ILE C 263 -6.97 7.87 -12.34
C ILE C 263 -5.91 8.92 -12.27
N VAL C 264 -4.66 8.51 -12.30
CA VAL C 264 -3.60 9.51 -12.26
C VAL C 264 -2.50 9.18 -13.24
N THR C 265 -2.05 10.21 -13.95
CA THR C 265 -0.85 10.13 -14.79
C THR C 265 0.31 10.83 -14.09
N ILE C 266 1.49 10.22 -14.17
CA ILE C 266 2.70 10.76 -13.53
C ILE C 266 3.75 10.90 -14.60
N THR C 267 4.27 12.12 -14.78
CA THR C 267 4.94 12.48 -16.03
C THR C 267 6.23 13.30 -15.82
N GLN C 268 6.97 13.51 -16.90
CA GLN C 268 8.15 14.37 -16.87
C GLN C 268 7.92 15.68 -17.61
N TYR C 269 8.21 16.79 -16.92
CA TYR C 269 8.27 18.12 -17.51
C TYR C 269 9.31 18.23 -18.65
N LEU C 270 8.90 18.73 -19.80
CA LEU C 270 9.83 19.20 -20.83
C LEU C 270 9.65 20.71 -21.01
N ARG C 271 10.77 21.43 -20.95
CA ARG C 271 10.79 22.89 -20.92
C ARG C 271 10.59 23.47 -22.32
N PRO C 272 9.50 24.22 -22.53
CA PRO C 272 9.23 24.73 -23.87
C PRO C 272 10.26 25.73 -24.40
N SER C 273 10.82 26.56 -23.53
CA SER C 273 11.70 27.64 -23.96
C SER C 273 12.50 28.15 -22.80
N ALA C 274 13.50 28.99 -23.08
CA ALA C 274 14.33 29.58 -22.03
C ALA C 274 13.52 30.39 -21.05
N ARG C 275 12.40 30.94 -21.50
CA ARG C 275 11.55 31.76 -20.66
C ARG C 275 10.67 30.94 -19.74
N HIS C 276 10.54 29.64 -20.02
CA HIS C 276 9.74 28.75 -19.18
C HIS C 276 10.59 28.14 -18.06
N HIS C 277 9.92 27.53 -17.08
CA HIS C 277 10.60 26.96 -15.91
C HIS C 277 11.71 25.98 -16.28
N PRO C 278 12.83 26.03 -15.56
CA PRO C 278 13.88 25.04 -15.85
C PRO C 278 13.48 23.62 -15.48
N VAL C 279 14.14 22.63 -16.08
CA VAL C 279 13.94 21.26 -15.66
C VAL C 279 14.90 20.99 -14.51
N GLU C 280 14.34 20.86 -13.32
CA GLU C 280 15.15 20.71 -12.11
C GLU C 280 15.58 19.27 -11.83
N ARG C 281 14.90 18.30 -12.45
CA ARG C 281 15.22 16.90 -12.22
C ARG C 281 14.77 16.07 -13.41
N TRP C 282 15.63 15.15 -13.85
CA TRP C 282 15.24 14.16 -14.85
C TRP C 282 14.92 12.88 -14.13
N VAL C 283 13.62 12.58 -14.03
CA VAL C 283 13.17 11.41 -13.28
C VAL C 283 13.43 10.15 -14.09
N LYS C 284 14.14 9.21 -13.49
CA LYS C 284 14.53 8.01 -14.20
C LYS C 284 13.31 7.13 -14.44
N PRO C 285 13.31 6.40 -15.57
CA PRO C 285 12.23 5.45 -15.84
C PRO C 285 11.98 4.54 -14.65
N GLU C 286 13.04 4.07 -14.00
CA GLU C 286 12.90 3.17 -12.86
CA GLU C 286 12.91 3.18 -12.85
C GLU C 286 12.22 3.89 -11.68
N GLU C 287 12.42 5.19 -11.58
CA GLU C 287 11.79 6.01 -10.55
C GLU C 287 10.29 6.26 -10.83
N PHE C 288 9.94 6.37 -12.10
CA PHE C 288 8.52 6.44 -12.44
C PHE C 288 7.81 5.15 -12.06
N VAL C 289 8.50 4.03 -12.22
CA VAL C 289 7.94 2.74 -11.86
C VAL C 289 7.62 2.69 -10.35
N GLN C 290 8.54 3.19 -9.53
CA GLN C 290 8.34 3.15 -8.08
C GLN C 290 7.24 4.09 -7.65
N PHE C 291 7.14 5.25 -8.31
CA PHE C 291 6.04 6.17 -8.05
C PHE C 291 4.70 5.53 -8.40
N ALA C 292 4.65 4.82 -9.54
CA ALA C 292 3.43 4.12 -9.93
C ALA C 292 3.02 3.07 -8.89
N ARG C 293 4.00 2.30 -8.40
CA ARG C 293 3.74 1.30 -7.34
C ARG C 293 3.16 1.98 -6.10
N PHE C 294 3.70 3.14 -5.74
CA PHE C 294 3.18 3.84 -4.56
C PHE C 294 1.76 4.28 -4.84
N ALA C 295 1.51 4.79 -6.05
CA ALA C 295 0.15 5.20 -6.43
C ALA C 295 -0.79 4.00 -6.36
N GLU C 296 -0.35 2.89 -6.91
CA GLU C 296 -1.16 1.68 -6.90
C GLU C 296 -1.52 1.31 -5.46
N GLY C 297 -0.55 1.45 -4.57
CA GLY C 297 -0.76 1.11 -3.17
C GLY C 297 -1.75 1.99 -2.44
N LEU C 298 -1.98 3.18 -2.97
CA LEU C 298 -3.00 4.06 -2.43
C LEU C 298 -4.41 3.72 -2.90
N GLY C 299 -4.53 2.92 -3.95
CA GLY C 299 -5.85 2.42 -4.32
C GLY C 299 -6.45 3.08 -5.54
N PHE C 300 -5.63 3.77 -6.31
CA PHE C 300 -6.11 4.36 -7.56
C PHE C 300 -6.66 3.28 -8.50
N ALA C 301 -7.73 3.60 -9.20
CA ALA C 301 -8.30 2.69 -10.21
C ALA C 301 -7.44 2.57 -11.48
N GLY C 302 -6.73 3.62 -11.80
CA GLY C 302 -5.84 3.62 -12.95
C GLY C 302 -4.61 4.46 -12.65
N VAL C 303 -3.44 3.94 -13.00
CA VAL C 303 -2.17 4.64 -12.81
C VAL C 303 -1.33 4.45 -14.06
N LEU C 304 -0.79 5.55 -14.60
CA LEU C 304 0.07 5.50 -15.78
C LEU C 304 1.22 6.47 -15.61
N ALA C 305 2.43 5.94 -15.55
CA ALA C 305 3.62 6.72 -15.20
C ALA C 305 4.72 6.51 -16.22
N GLY C 306 5.40 7.59 -16.58
CA GLY C 306 6.56 7.55 -17.43
C GLY C 306 6.88 8.92 -17.96
N PRO C 307 8.11 9.13 -18.46
CA PRO C 307 8.51 10.48 -18.86
C PRO C 307 7.57 11.15 -19.87
N LEU C 308 7.19 10.44 -20.93
CA LEU C 308 6.36 11.06 -21.96
C LEU C 308 4.89 10.63 -21.88
N VAL C 309 4.50 10.02 -20.79
CA VAL C 309 3.07 9.96 -20.47
C VAL C 309 2.53 11.40 -20.38
N ARG C 310 1.29 11.58 -20.82
CA ARG C 310 0.57 12.85 -20.70
C ARG C 310 -0.86 12.51 -20.37
N SER C 311 -1.61 13.52 -19.94
CA SER C 311 -2.98 13.33 -19.49
C SER C 311 -3.84 12.55 -20.47
N SER C 312 -3.71 12.79 -21.76
CA SER C 312 -4.53 12.11 -22.76
C SER C 312 -3.85 10.91 -23.42
N TYR C 313 -2.58 10.68 -23.10
CA TYR C 313 -1.81 9.62 -23.73
C TYR C 313 -2.41 8.24 -23.49
N ARG C 314 -2.77 7.57 -24.59
CA ARG C 314 -3.44 6.29 -24.52
C ARG C 314 -4.62 6.30 -23.53
N ALA C 315 -5.35 7.41 -23.49
CA ALA C 315 -6.38 7.60 -22.46
C ALA C 315 -7.49 6.57 -22.57
N GLY C 316 -7.92 6.25 -23.78
CA GLY C 316 -9.01 5.30 -23.97
C GLY C 316 -8.65 3.94 -23.38
N ARG C 317 -7.43 3.49 -23.63
CA ARG C 317 -6.94 2.24 -23.07
C ARG C 317 -6.84 2.28 -21.55
N LEU C 318 -6.38 3.40 -21.01
CA LEU C 318 -6.26 3.55 -19.58
C LEU C 318 -7.64 3.50 -18.92
N TYR C 319 -8.60 4.14 -19.56
CA TYR C 319 -9.96 4.20 -19.01
C TYR C 319 -10.56 2.79 -18.98
N GLU C 320 -10.36 2.08 -20.07
CA GLU C 320 -10.84 0.71 -20.18
C GLU C 320 -10.29 -0.13 -19.02
N GLN C 321 -9.01 0.07 -18.70
CA GLN C 321 -8.38 -0.63 -17.58
C GLN C 321 -8.94 -0.20 -16.24
N ALA C 322 -9.01 1.10 -16.00
CA ALA C 322 -9.61 1.64 -14.80
C ALA C 322 -11.04 1.14 -14.60
N ARG C 323 -11.79 1.00 -15.69
CA ARG C 323 -13.19 0.61 -15.64
C ARG C 323 -13.36 -0.84 -15.16
N ASN C 324 -12.37 -1.67 -15.47
CA ASN C 324 -12.31 -3.06 -14.98
C ASN C 324 -11.65 -3.20 -13.60
N SER C 325 -11.33 -2.08 -12.96
CA SER C 325 -10.58 -2.12 -11.69
C SER C 325 -11.47 -2.46 -10.47
N ARG C 326 -10.89 -3.14 -9.49
CA ARG C 326 -11.57 -3.78 -8.37
C ARG C 326 -12.34 -2.84 -7.42
N GLU D 1 3.06 23.38 -35.87
CA GLU D 1 3.42 23.26 -34.47
C GLU D 1 4.93 23.42 -34.28
N SER D 2 5.31 23.96 -33.11
CA SER D 2 6.69 23.95 -32.63
C SER D 2 6.82 22.93 -31.51
N THR D 3 7.36 21.77 -31.81
CA THR D 3 7.38 20.66 -30.85
C THR D 3 8.54 20.77 -29.85
O XOK D 4 10.20 18.46 -28.48
N XOK D 4 8.27 20.50 -28.57
CA XOK D 4 9.33 20.53 -27.59
C XOK D 4 10.44 19.56 -27.92
CB XOK D 4 8.84 20.40 -26.15
CG XOK D 4 7.59 21.18 -25.83
CD XOK D 4 7.25 21.08 -24.34
CE XOK D 4 6.49 19.82 -24.01
NZ XOK D 4 5.13 19.99 -24.37
C1 XOK D 4 4.28 19.04 -23.78
O1 XOK D 4 4.71 18.13 -23.07
C2 XOK D 4 2.80 19.14 -24.09
C3 XOK D 4 2.04 17.95 -23.57
C4 XOK D 4 0.57 18.04 -23.98
C5 XOK D 4 -0.18 16.75 -23.75
C6 XOK D 4 -1.44 16.66 -24.61
C7 XOK D 4 -2.52 15.72 -24.11
C8 XOK D 4 -3.21 16.13 -22.80
S6 XOK D 4 -0.98 16.37 -26.32
N SER D 5 11.67 19.94 -27.59
CA SER D 5 12.85 19.10 -27.88
C SER D 5 12.95 17.84 -27.01
N VAL D 6 13.39 16.76 -27.62
CA VAL D 6 13.70 15.53 -26.91
C VAL D 6 15.21 15.27 -27.06
N SER D 7 15.70 14.11 -26.66
CA SER D 7 17.15 13.89 -26.68
C SER D 7 17.66 13.84 -28.13
N ASP D 8 18.93 14.14 -28.32
CA ASP D 8 19.50 14.12 -29.66
C ASP D 8 20.18 12.79 -29.92
N ALA E 24 -19.64 -45.62 -31.75
CA ALA E 24 -20.32 -44.36 -31.50
C ALA E 24 -21.79 -44.42 -31.93
N ALA E 25 -22.42 -45.56 -31.70
CA ALA E 25 -23.82 -45.73 -32.10
C ALA E 25 -24.78 -44.78 -31.38
N GLU E 26 -24.64 -44.66 -30.06
CA GLU E 26 -25.56 -43.81 -29.29
C GLU E 26 -25.37 -42.34 -29.68
N GLY E 27 -24.13 -41.89 -29.82
CA GLY E 27 -23.87 -40.51 -30.16
C GLY E 27 -24.51 -40.12 -31.49
N ARG E 28 -24.39 -40.99 -32.48
CA ARG E 28 -24.94 -40.73 -33.82
C ARG E 28 -26.46 -40.87 -33.83
N ARG E 29 -26.98 -41.69 -32.93
CA ARG E 29 -28.42 -41.72 -32.70
C ARG E 29 -28.87 -40.34 -32.23
N LEU E 30 -28.10 -39.74 -31.33
CA LEU E 30 -28.45 -38.43 -30.83
C LEU E 30 -28.17 -37.35 -31.88
N LEU E 31 -27.17 -37.55 -32.73
CA LEU E 31 -26.97 -36.64 -33.85
C LEU E 31 -28.23 -36.56 -34.71
N ARG E 32 -28.81 -37.70 -35.04
CA ARG E 32 -30.04 -37.69 -35.83
C ARG E 32 -31.15 -36.96 -35.10
N LEU E 33 -31.34 -37.27 -33.83
CA LEU E 33 -32.38 -36.66 -33.01
C LEU E 33 -32.27 -35.12 -33.00
N GLU E 34 -31.04 -34.64 -32.87
CA GLU E 34 -30.76 -33.22 -32.77
C GLU E 34 -30.87 -32.47 -34.10
N VAL E 35 -30.39 -33.07 -35.18
CA VAL E 35 -30.65 -32.52 -36.49
C VAL E 35 -32.17 -32.41 -36.67
N ARG E 36 -32.89 -33.42 -36.20
CA ARG E 36 -34.35 -33.39 -36.31
C ARG E 36 -34.99 -32.34 -35.42
N ASN E 37 -34.47 -32.17 -34.21
CA ASN E 37 -34.89 -31.06 -33.35
C ASN E 37 -34.79 -29.71 -34.07
N ALA E 38 -33.70 -29.51 -34.81
CA ALA E 38 -33.46 -28.22 -35.45
C ALA E 38 -34.42 -27.94 -36.60
N GLN E 39 -35.25 -28.93 -36.95
CA GLN E 39 -36.30 -28.75 -37.96
C GLN E 39 -37.51 -28.00 -37.40
N THR E 40 -37.58 -27.88 -36.08
CA THR E 40 -38.59 -27.12 -35.39
C THR E 40 -38.02 -25.76 -35.04
N PRO E 41 -38.61 -24.69 -35.59
CA PRO E 41 -38.15 -23.32 -35.36
C PRO E 41 -38.08 -22.95 -33.89
N ILE E 42 -37.10 -22.11 -33.56
CA ILE E 42 -36.96 -21.50 -32.25
C ILE E 42 -38.22 -20.70 -31.90
N GLU E 43 -38.73 -20.94 -30.71
CA GLU E 43 -40.00 -20.40 -30.25
C GLU E 43 -39.90 -18.95 -29.77
N ARG E 44 -40.98 -18.20 -29.92
CA ARG E 44 -41.09 -16.87 -29.30
C ARG E 44 -41.33 -17.08 -27.82
N LYS E 45 -40.63 -16.32 -26.98
CA LYS E 45 -40.82 -16.44 -25.54
C LYS E 45 -41.94 -15.53 -25.06
N PRO E 46 -42.74 -16.02 -24.09
CA PRO E 46 -43.84 -15.21 -23.55
C PRO E 46 -43.33 -14.09 -22.62
N PRO E 47 -44.18 -13.08 -22.33
CA PRO E 47 -43.71 -11.90 -21.58
C PRO E 47 -43.27 -12.17 -20.14
N TRP E 48 -43.76 -13.23 -19.52
CA TRP E 48 -43.41 -13.51 -18.12
C TRP E 48 -42.04 -14.15 -18.00
N ILE E 49 -41.45 -14.51 -19.14
CA ILE E 49 -40.07 -14.98 -19.17
C ILE E 49 -39.17 -13.76 -19.33
N LYS E 50 -38.84 -13.13 -18.21
CA LYS E 50 -38.08 -11.89 -18.24
C LYS E 50 -37.21 -11.81 -16.99
N THR E 51 -36.03 -11.31 -17.19
CA THR E 51 -35.11 -11.14 -16.13
C THR E 51 -34.50 -9.73 -16.17
N ARG E 52 -33.93 -9.32 -15.05
CA ARG E 52 -33.02 -8.15 -15.02
C ARG E 52 -31.54 -8.41 -15.27
N ALA E 53 -31.17 -8.46 -16.53
CA ALA E 53 -29.86 -8.84 -16.99
C ALA E 53 -28.84 -7.75 -16.78
N ARG E 54 -28.57 -7.39 -15.53
CA ARG E 54 -27.55 -6.44 -15.25
C ARG E 54 -26.41 -6.99 -14.47
N ILE E 55 -25.24 -6.88 -15.06
CA ILE E 55 -24.04 -7.16 -14.38
C ILE E 55 -23.82 -6.05 -13.40
N GLY E 56 -23.42 -6.40 -12.20
CA GLY E 56 -23.01 -5.49 -11.15
C GLY E 56 -21.66 -5.94 -10.61
N PRO E 57 -21.23 -5.36 -9.49
CA PRO E 57 -19.95 -5.73 -8.87
C PRO E 57 -19.95 -7.11 -8.20
N GLU E 58 -21.05 -7.52 -7.58
CA GLU E 58 -21.11 -8.83 -6.94
C GLU E 58 -20.90 -9.95 -7.97
N TYR E 59 -21.53 -9.80 -9.12
CA TYR E 59 -21.38 -10.73 -10.23
C TYR E 59 -19.93 -10.81 -10.69
N THR E 60 -19.25 -9.67 -10.69
CA THR E 60 -17.89 -9.64 -11.23
C THR E 60 -16.89 -10.30 -10.29
N GLU E 61 -17.05 -10.08 -8.99
CA GLU E 61 -16.12 -10.68 -8.02
C GLU E 61 -16.28 -12.19 -7.92
N LEU E 62 -17.51 -12.66 -8.13
CA LEU E 62 -17.78 -14.09 -8.14
C LEU E 62 -17.17 -14.68 -9.40
N LYS E 63 -17.26 -13.94 -10.49
CA LYS E 63 -16.67 -14.39 -11.74
C LYS E 63 -15.16 -14.49 -11.56
N ASN E 64 -14.57 -13.50 -10.91
CA ASN E 64 -13.11 -13.52 -10.66
C ASN E 64 -12.72 -14.60 -9.65
N LEU E 65 -13.58 -14.84 -8.67
CA LEU E 65 -13.33 -15.89 -7.70
C LEU E 65 -13.29 -17.26 -8.39
N VAL E 66 -14.25 -17.50 -9.27
CA VAL E 66 -14.38 -18.79 -9.97
C VAL E 66 -13.14 -19.08 -10.80
N ARG E 67 -12.62 -18.08 -11.50
CA ARG E 67 -11.39 -18.26 -12.28
C ARG E 67 -10.18 -18.44 -11.37
N ARG E 68 -10.11 -17.67 -10.30
CA ARG E 68 -8.96 -17.71 -9.40
C ARG E 68 -8.82 -19.09 -8.78
N GLU E 69 -9.95 -19.77 -8.60
CA GLU E 69 -9.95 -21.06 -7.94
C GLU E 69 -10.07 -22.24 -8.91
N GLY E 70 -10.05 -21.95 -10.21
CA GLY E 70 -10.16 -22.97 -11.23
C GLY E 70 -11.43 -23.81 -11.12
N LEU E 71 -12.55 -23.15 -10.86
CA LEU E 71 -13.83 -23.82 -10.67
C LEU E 71 -14.76 -23.59 -11.85
N HIS E 72 -15.89 -24.28 -11.83
CA HIS E 72 -16.96 -24.01 -12.78
C HIS E 72 -18.27 -23.83 -12.01
N THR E 73 -19.21 -23.11 -12.61
CA THR E 73 -20.55 -23.02 -12.05
C THR E 73 -21.57 -23.56 -13.03
N VAL E 74 -22.64 -24.11 -12.50
CA VAL E 74 -23.69 -24.59 -13.37
C VAL E 74 -24.41 -23.38 -13.93
N CYS E 75 -24.39 -22.27 -13.19
CA CYS E 75 -25.06 -21.04 -13.64
C CYS E 75 -24.51 -20.67 -15.02
N GLU E 76 -23.19 -20.76 -15.15
CA GLU E 76 -22.55 -20.43 -16.41
C GLU E 76 -22.72 -21.50 -17.46
N GLU E 77 -22.36 -22.74 -17.11
CA GLU E 77 -22.27 -23.81 -18.10
C GLU E 77 -23.61 -24.19 -18.70
N ALA E 78 -24.66 -24.17 -17.88
CA ALA E 78 -25.99 -24.53 -18.35
C ALA E 78 -26.76 -23.32 -18.93
N GLY E 79 -26.20 -22.12 -18.81
CA GLY E 79 -26.79 -20.93 -19.42
C GLY E 79 -27.97 -20.33 -18.68
N CYS E 80 -27.98 -20.43 -17.36
CA CYS E 80 -29.15 -20.04 -16.62
C CYS E 80 -29.44 -18.54 -16.74
N PRO E 81 -30.70 -18.18 -17.05
CA PRO E 81 -31.11 -16.78 -17.16
C PRO E 81 -31.04 -16.03 -15.83
N ASN E 82 -31.03 -16.75 -14.70
CA ASN E 82 -31.03 -16.11 -13.39
C ASN E 82 -29.66 -15.65 -12.90
N ILE E 83 -28.63 -15.79 -13.73
CA ILE E 83 -27.28 -15.65 -13.21
C ILE E 83 -27.06 -14.25 -12.63
N PHE E 84 -27.55 -13.21 -13.28
CA PHE E 84 -27.34 -11.85 -12.78
C PHE E 84 -28.06 -11.62 -11.46
N GLU E 85 -29.30 -12.10 -11.38
CA GLU E 85 -30.10 -12.02 -10.16
C GLU E 85 -29.47 -12.80 -8.99
N CYS E 86 -29.18 -14.08 -9.19
CA CYS E 86 -28.58 -14.86 -8.11
C CYS E 86 -27.21 -14.32 -7.70
N TRP E 87 -26.33 -14.13 -8.67
CA TRP E 87 -24.96 -13.74 -8.35
C TRP E 87 -24.90 -12.36 -7.66
N GLU E 88 -25.81 -11.46 -8.01
CA GLU E 88 -25.86 -10.16 -7.34
C GLU E 88 -26.22 -10.34 -5.86
N ASP E 89 -26.95 -11.40 -5.54
CA ASP E 89 -27.22 -11.71 -4.13
C ASP E 89 -26.20 -12.68 -3.53
N ARG E 90 -25.10 -12.86 -4.25
CA ARG E 90 -24.02 -13.73 -3.84
C ARG E 90 -24.54 -15.16 -3.66
N GLU E 91 -25.43 -15.57 -4.57
CA GLU E 91 -25.88 -16.96 -4.62
C GLU E 91 -25.41 -17.53 -5.95
N ALA E 92 -24.80 -18.71 -5.90
CA ALA E 92 -24.25 -19.35 -7.09
C ALA E 92 -24.15 -20.82 -6.79
N THR E 93 -24.12 -21.64 -7.84
CA THR E 93 -24.09 -23.07 -7.65
C THR E 93 -22.88 -23.65 -8.39
N PHE E 94 -22.02 -24.32 -7.64
CA PHE E 94 -20.85 -24.88 -8.25
C PHE E 94 -21.21 -26.07 -9.12
N LEU E 95 -20.44 -26.24 -10.18
CA LEU E 95 -20.49 -27.44 -11.01
C LEU E 95 -19.17 -28.19 -10.82
N ILE E 96 -19.19 -29.32 -10.13
CA ILE E 96 -17.94 -30.04 -9.89
C ILE E 96 -17.71 -31.12 -10.94
N GLY E 97 -16.46 -31.58 -11.04
CA GLY E 97 -16.10 -32.60 -12.01
C GLY E 97 -15.77 -32.12 -13.41
N GLY E 98 -15.56 -30.82 -13.59
CA GLY E 98 -15.20 -30.28 -14.89
C GLY E 98 -16.42 -29.85 -15.69
N ASP E 99 -16.19 -29.34 -16.90
CA ASP E 99 -17.31 -28.83 -17.69
C ASP E 99 -17.66 -29.74 -18.87
N GLN E 100 -17.18 -30.98 -18.81
CA GLN E 100 -17.52 -31.99 -19.78
C GLN E 100 -18.28 -33.10 -19.10
N CYS E 101 -19.51 -33.32 -19.55
CA CYS E 101 -20.33 -34.38 -18.99
C CYS E 101 -20.30 -35.64 -19.85
N THR E 102 -20.38 -36.80 -19.20
CA THR E 102 -20.34 -38.06 -19.94
C THR E 102 -21.73 -38.45 -20.44
N ARG E 103 -22.73 -37.65 -20.11
CA ARG E 103 -24.08 -37.90 -20.60
C ARG E 103 -24.55 -36.73 -21.42
N ARG E 104 -25.71 -36.88 -22.04
CA ARG E 104 -26.26 -35.85 -22.92
C ARG E 104 -27.78 -35.85 -22.76
N CYS E 105 -28.33 -34.82 -22.13
CA CYS E 105 -29.77 -34.72 -21.91
C CYS E 105 -30.34 -33.64 -22.84
N ASP E 106 -31.54 -33.83 -23.36
CA ASP E 106 -31.95 -33.02 -24.51
C ASP E 106 -32.43 -31.62 -24.12
N PHE E 107 -32.34 -31.28 -22.83
CA PHE E 107 -32.60 -29.91 -22.37
C PHE E 107 -31.31 -29.17 -21.98
N CYS E 108 -30.22 -29.91 -21.86
CA CYS E 108 -29.01 -29.42 -21.22
C CYS E 108 -27.98 -28.91 -22.21
N GLN E 109 -27.48 -27.70 -22.01
CA GLN E 109 -26.47 -27.19 -22.93
C GLN E 109 -25.05 -27.44 -22.43
N ILE E 110 -24.87 -28.13 -21.30
CA ILE E 110 -23.52 -28.40 -20.81
C ILE E 110 -22.82 -29.34 -21.80
N ASP E 111 -21.56 -29.05 -22.10
CA ASP E 111 -20.76 -29.83 -23.04
C ASP E 111 -20.82 -31.32 -22.78
N THR E 112 -20.93 -32.12 -23.83
CA THR E 112 -20.73 -33.57 -23.72
C THR E 112 -19.32 -33.90 -24.14
N GLY E 113 -18.57 -34.61 -23.32
CA GLY E 113 -17.21 -34.89 -23.73
C GLY E 113 -16.50 -35.87 -22.85
N LYS E 114 -15.23 -36.13 -23.17
CA LYS E 114 -14.40 -37.03 -22.39
C LYS E 114 -13.72 -36.22 -21.31
N PRO E 115 -14.08 -36.47 -20.05
CA PRO E 115 -13.48 -35.66 -18.98
C PRO E 115 -11.97 -35.77 -18.88
N ALA E 116 -11.35 -34.67 -18.48
CA ALA E 116 -9.96 -34.68 -18.06
C ALA E 116 -9.82 -35.49 -16.78
N GLU E 117 -8.59 -35.85 -16.45
CA GLU E 117 -8.34 -36.63 -15.25
C GLU E 117 -8.99 -35.97 -14.06
N LEU E 118 -9.49 -36.82 -13.17
CA LEU E 118 -10.15 -36.38 -11.95
C LEU E 118 -9.26 -35.44 -11.12
N ASP E 119 -9.71 -34.20 -11.01
CA ASP E 119 -9.03 -33.21 -10.17
C ASP E 119 -9.44 -33.42 -8.70
N ARG E 120 -8.60 -34.14 -7.96
CA ARG E 120 -8.86 -34.43 -6.55
C ARG E 120 -8.68 -33.24 -5.61
N ASP E 121 -8.19 -32.13 -6.13
CA ASP E 121 -8.01 -30.92 -5.34
C ASP E 121 -9.23 -30.00 -5.44
N GLU E 122 -10.19 -30.34 -6.28
CA GLU E 122 -11.38 -29.48 -6.43
C GLU E 122 -12.23 -29.34 -5.14
N PRO E 123 -12.50 -30.42 -4.40
CA PRO E 123 -13.23 -30.21 -3.16
C PRO E 123 -12.65 -29.12 -2.25
N ARG E 124 -11.32 -29.07 -2.12
CA ARG E 124 -10.68 -28.03 -1.32
C ARG E 124 -10.99 -26.63 -1.83
N ARG E 125 -10.89 -26.45 -3.15
CA ARG E 125 -11.05 -25.14 -3.74
C ARG E 125 -12.51 -24.69 -3.68
N VAL E 126 -13.44 -25.64 -3.77
CA VAL E 126 -14.83 -25.32 -3.58
C VAL E 126 -15.09 -24.93 -2.13
N ALA E 127 -14.55 -25.69 -1.18
CA ALA E 127 -14.70 -25.34 0.24
C ALA E 127 -14.12 -23.95 0.55
N ASP E 128 -12.92 -23.66 0.05
CA ASP E 128 -12.31 -22.35 0.28
C ASP E 128 -13.15 -21.24 -0.34
N SER E 129 -13.71 -21.51 -1.51
CA SER E 129 -14.56 -20.53 -2.20
C SER E 129 -15.81 -20.22 -1.39
N VAL E 130 -16.45 -21.26 -0.88
CA VAL E 130 -17.60 -21.06 0.00
C VAL E 130 -17.21 -20.17 1.20
N ARG E 131 -16.06 -20.45 1.79
CA ARG E 131 -15.56 -19.68 2.92
C ARG E 131 -15.39 -18.21 2.52
N THR E 132 -14.80 -17.97 1.36
CA THR E 132 -14.53 -16.61 0.90
C THR E 132 -15.81 -15.82 0.68
N MET E 133 -16.83 -16.50 0.16
CA MET E 133 -18.12 -15.88 -0.11
C MET E 133 -18.98 -15.66 1.13
N GLY E 134 -18.60 -16.26 2.25
CA GLY E 134 -19.37 -16.15 3.47
C GLY E 134 -20.78 -16.73 3.40
N LEU E 135 -20.96 -17.79 2.61
CA LEU E 135 -22.27 -18.42 2.46
C LEU E 135 -22.75 -19.10 3.73
N ARG E 136 -24.00 -18.87 4.09
CA ARG E 136 -24.63 -19.70 5.12
C ARG E 136 -25.25 -20.94 4.50
N TYR E 137 -25.46 -20.91 3.19
CA TYR E 137 -26.04 -22.08 2.50
C TYR E 137 -25.36 -22.25 1.16
N ALA E 138 -24.77 -23.41 0.91
CA ALA E 138 -24.03 -23.60 -0.32
C ALA E 138 -24.70 -24.64 -1.19
N THR E 139 -24.88 -24.31 -2.46
CA THR E 139 -25.47 -25.25 -3.41
C THR E 139 -24.38 -25.80 -4.32
N VAL E 140 -24.39 -27.11 -4.52
CA VAL E 140 -23.36 -27.77 -5.31
C VAL E 140 -24.01 -28.78 -6.26
N THR E 141 -23.62 -28.77 -7.53
CA THR E 141 -23.99 -29.87 -8.41
C THR E 141 -22.76 -30.26 -9.22
N GLY E 142 -22.94 -31.13 -10.21
CA GLY E 142 -21.82 -31.56 -11.03
C GLY E 142 -22.24 -32.28 -12.30
N VAL E 143 -21.26 -32.65 -13.11
CA VAL E 143 -21.50 -33.45 -14.32
C VAL E 143 -21.54 -34.93 -14.00
N ALA E 144 -22.06 -35.73 -14.91
CA ALA E 144 -21.93 -37.17 -14.80
C ALA E 144 -20.47 -37.54 -15.08
N ARG E 145 -19.95 -38.50 -14.33
CA ARG E 145 -18.58 -38.95 -14.56
C ARG E 145 -18.53 -40.46 -14.78
N ASP E 146 -19.13 -40.91 -15.88
CA ASP E 146 -19.17 -42.34 -16.21
C ASP E 146 -17.80 -42.90 -16.59
N ASP E 147 -16.83 -42.01 -16.78
CA ASP E 147 -15.44 -42.37 -17.05
C ASP E 147 -14.74 -42.94 -15.81
N LEU E 148 -15.30 -42.69 -14.62
CA LEU E 148 -14.66 -43.10 -13.36
C LEU E 148 -15.25 -44.42 -12.86
N PRO E 149 -14.42 -45.25 -12.19
CA PRO E 149 -14.90 -46.53 -11.65
C PRO E 149 -16.09 -46.36 -10.72
N ASP E 150 -16.05 -45.31 -9.91
CA ASP E 150 -17.09 -45.01 -8.92
C ASP E 150 -18.06 -43.95 -9.40
N GLY E 151 -18.00 -43.60 -10.67
CA GLY E 151 -18.87 -42.58 -11.25
C GLY E 151 -18.79 -41.20 -10.60
N GLY E 152 -17.68 -40.93 -9.91
CA GLY E 152 -17.48 -39.65 -9.25
C GLY E 152 -18.03 -39.56 -7.84
N ALA E 153 -18.44 -40.70 -7.27
CA ALA E 153 -19.03 -40.71 -5.93
C ALA E 153 -18.08 -40.10 -4.89
N TRP E 154 -16.80 -40.48 -4.92
CA TRP E 154 -15.82 -39.89 -4.00
C TRP E 154 -15.81 -38.38 -4.13
N LEU E 155 -15.75 -37.87 -5.36
CA LEU E 155 -15.66 -36.43 -5.61
C LEU E 155 -16.83 -35.65 -5.03
N TYR E 156 -18.04 -36.14 -5.25
CA TYR E 156 -19.23 -35.50 -4.71
C TYR E 156 -19.24 -35.56 -3.17
N ALA E 157 -18.91 -36.70 -2.59
CA ALA E 157 -18.87 -36.82 -1.13
C ALA E 157 -17.78 -35.93 -0.54
N ALA E 158 -16.60 -35.93 -1.17
CA ALA E 158 -15.46 -35.15 -0.70
C ALA E 158 -15.74 -33.64 -0.74
N THR E 159 -16.53 -33.20 -1.70
CA THR E 159 -16.85 -31.78 -1.78
C THR E 159 -17.76 -31.35 -0.62
N VAL E 160 -18.82 -32.11 -0.36
CA VAL E 160 -19.66 -31.83 0.81
C VAL E 160 -18.83 -31.82 2.09
N ARG E 161 -18.03 -32.87 2.26
CA ARG E 161 -17.20 -33.07 3.45
C ARG E 161 -16.24 -31.89 3.69
N ALA E 162 -15.53 -31.49 2.63
CA ALA E 162 -14.58 -30.38 2.68
C ALA E 162 -15.26 -29.06 2.98
N ILE E 163 -16.44 -28.87 2.41
CA ILE E 163 -17.21 -27.67 2.68
C ILE E 163 -17.57 -27.58 4.16
N LYS E 164 -18.10 -28.67 4.70
CA LYS E 164 -18.51 -28.68 6.10
C LYS E 164 -17.31 -28.58 7.05
N GLU E 165 -16.22 -29.26 6.74
CA GLU E 165 -15.01 -29.15 7.57
C GLU E 165 -14.53 -27.70 7.68
N LEU E 166 -14.65 -26.95 6.60
CA LEU E 166 -14.16 -25.58 6.54
C LEU E 166 -15.21 -24.53 6.95
N ASN E 167 -16.47 -24.88 6.78
CA ASN E 167 -17.58 -23.96 6.99
C ASN E 167 -18.65 -24.60 7.88
N PRO E 168 -18.33 -24.79 9.16
CA PRO E 168 -19.19 -25.62 10.03
C PRO E 168 -20.63 -25.10 10.21
N SER E 169 -20.89 -23.83 9.92
CA SER E 169 -22.23 -23.31 10.09
C SER E 169 -22.94 -23.15 8.74
N THR E 170 -22.36 -23.71 7.69
CA THR E 170 -22.90 -23.54 6.35
C THR E 170 -23.70 -24.78 5.98
N GLY E 171 -24.96 -24.58 5.58
CA GLY E 171 -25.79 -25.69 5.11
C GLY E 171 -25.38 -26.06 3.69
N VAL E 172 -25.47 -27.34 3.35
CA VAL E 172 -25.05 -27.80 2.02
C VAL E 172 -26.18 -28.56 1.30
N GLU E 173 -26.49 -28.11 0.09
CA GLU E 173 -27.48 -28.78 -0.75
C GLU E 173 -26.71 -29.35 -1.93
N LEU E 174 -26.78 -30.68 -2.09
CA LEU E 174 -26.02 -31.36 -3.14
C LEU E 174 -26.94 -31.99 -4.19
N LEU E 175 -26.85 -31.49 -5.42
CA LEU E 175 -27.67 -32.00 -6.52
C LEU E 175 -26.87 -32.97 -7.35
N ILE E 176 -27.25 -34.25 -7.30
CA ILE E 176 -26.43 -35.34 -7.85
C ILE E 176 -27.01 -36.00 -9.10
N PRO E 177 -26.12 -36.61 -9.91
CA PRO E 177 -26.57 -37.57 -10.93
C PRO E 177 -27.05 -38.83 -10.19
N ASP E 178 -27.39 -39.89 -10.90
CA ASP E 178 -27.91 -41.08 -10.21
C ASP E 178 -26.85 -42.11 -9.82
N PHE E 179 -25.63 -41.96 -10.34
CA PHE E 179 -24.54 -42.91 -10.10
C PHE E 179 -24.99 -44.30 -10.51
N ASN E 180 -25.80 -44.35 -11.57
CA ASN E 180 -26.47 -45.56 -12.03
C ASN E 180 -27.23 -46.29 -10.93
N GLY E 181 -27.51 -45.61 -9.84
CA GLY E 181 -28.30 -46.19 -8.77
C GLY E 181 -27.53 -47.21 -7.94
N GLU E 182 -26.22 -47.30 -8.13
N GLU E 182 -26.22 -47.25 -8.13
CA GLU E 182 -25.43 -48.29 -7.41
CA GLU E 182 -25.35 -48.16 -7.38
C GLU E 182 -25.36 -47.89 -5.94
C GLU E 182 -25.39 -47.83 -5.88
N PRO E 183 -25.70 -48.82 -5.04
CA PRO E 183 -25.89 -48.50 -3.62
C PRO E 183 -24.64 -48.03 -2.85
N THR E 184 -23.46 -48.49 -3.22
CA THR E 184 -22.25 -48.09 -2.48
C THR E 184 -21.82 -46.70 -2.91
N ARG E 185 -22.01 -46.40 -4.19
CA ARG E 185 -21.80 -45.06 -4.69
C ARG E 185 -22.70 -44.10 -3.92
N LEU E 186 -23.99 -44.39 -3.90
CA LEU E 186 -24.94 -43.54 -3.19
C LEU E 186 -24.61 -43.48 -1.69
N ALA E 187 -24.28 -44.63 -1.10
CA ALA E 187 -24.00 -44.66 0.33
C ALA E 187 -22.85 -43.73 0.68
N GLU E 188 -21.81 -43.70 -0.15
CA GLU E 188 -20.67 -42.81 0.08
C GLU E 188 -21.08 -41.32 0.05
N VAL E 189 -21.88 -40.95 -0.94
CA VAL E 189 -22.37 -39.57 -1.04
C VAL E 189 -23.25 -39.22 0.18
N PHE E 190 -24.19 -40.11 0.51
CA PHE E 190 -25.13 -39.85 1.61
C PHE E 190 -24.38 -39.67 2.93
N GLU E 191 -23.33 -40.47 3.10
CA GLU E 191 -22.52 -40.44 4.31
C GLU E 191 -21.89 -39.08 4.58
N SER E 192 -21.66 -38.29 3.53
CA SER E 192 -21.11 -36.96 3.70
C SER E 192 -22.11 -36.01 4.41
N GLY E 193 -23.38 -36.39 4.43
CA GLY E 193 -24.39 -35.69 5.22
C GLY E 193 -24.78 -34.26 4.81
N PRO E 194 -25.09 -34.06 3.53
CA PRO E 194 -25.60 -32.73 3.16
C PRO E 194 -26.95 -32.46 3.82
N GLU E 195 -27.25 -31.18 4.03
CA GLU E 195 -28.54 -30.77 4.58
C GLU E 195 -29.68 -31.14 3.65
N VAL E 196 -29.43 -30.99 2.35
CA VAL E 196 -30.39 -31.46 1.33
C VAL E 196 -29.70 -32.30 0.26
N LEU E 197 -30.27 -33.48 -0.03
CA LEU E 197 -29.85 -34.29 -1.16
C LEU E 197 -30.88 -34.12 -2.28
N ALA E 198 -30.47 -33.49 -3.37
CA ALA E 198 -31.32 -33.28 -4.52
C ALA E 198 -30.94 -34.21 -5.65
N HIS E 199 -31.95 -34.77 -6.30
CA HIS E 199 -31.80 -35.51 -7.54
C HIS E 199 -33.07 -35.30 -8.34
N ASN E 200 -32.89 -34.83 -9.58
CA ASN E 200 -34.02 -34.34 -10.34
C ASN E 200 -34.56 -35.35 -11.31
N VAL E 201 -35.85 -35.62 -11.19
CA VAL E 201 -36.50 -36.57 -12.10
CA VAL E 201 -36.50 -36.56 -12.09
C VAL E 201 -36.78 -35.87 -13.43
N GLU E 202 -37.04 -34.56 -13.37
CA GLU E 202 -37.23 -33.68 -14.55
C GLU E 202 -38.47 -33.89 -15.38
N THR E 203 -38.73 -35.12 -15.76
CA THR E 203 -39.85 -35.33 -16.67
C THR E 203 -40.65 -36.61 -16.36
N VAL E 204 -41.52 -37.00 -17.28
CA VAL E 204 -42.49 -38.05 -17.00
C VAL E 204 -42.15 -39.33 -17.79
N PRO E 205 -42.66 -40.49 -17.33
CA PRO E 205 -42.26 -41.79 -17.88
C PRO E 205 -42.47 -41.91 -19.38
N ARG E 206 -43.56 -41.34 -19.89
CA ARG E 206 -43.90 -41.53 -21.30
C ARG E 206 -42.79 -41.01 -22.19
N ILE E 207 -42.17 -39.90 -21.82
CA ILE E 207 -41.19 -39.27 -22.70
C ILE E 207 -39.78 -39.30 -22.13
N PHE E 208 -39.60 -39.97 -21.01
CA PHE E 208 -38.37 -39.89 -20.26
C PHE E 208 -37.16 -40.24 -21.11
N LYS E 209 -37.23 -41.35 -21.82
CA LYS E 209 -36.09 -41.85 -22.60
C LYS E 209 -35.67 -40.86 -23.70
N ARG E 210 -36.62 -40.07 -24.19
CA ARG E 210 -36.32 -39.10 -25.24
C ARG E 210 -35.62 -37.88 -24.71
N ILE E 211 -35.69 -37.69 -23.39
N ILE E 211 -35.61 -37.71 -23.39
CA ILE E 211 -35.12 -36.51 -22.73
CA ILE E 211 -35.03 -36.50 -22.83
C ILE E 211 -33.81 -36.85 -22.03
C ILE E 211 -33.79 -36.81 -21.98
N ARG E 212 -33.85 -37.89 -21.21
CA ARG E 212 -32.72 -38.27 -20.37
C ARG E 212 -32.39 -39.73 -20.56
N PRO E 213 -31.88 -40.08 -21.74
CA PRO E 213 -31.73 -41.49 -22.13
C PRO E 213 -30.74 -42.27 -21.24
N ALA E 214 -29.80 -41.60 -20.57
CA ALA E 214 -28.86 -42.31 -19.71
C ALA E 214 -29.37 -42.47 -18.28
N PHE E 215 -30.61 -42.06 -18.01
CA PHE E 215 -31.25 -42.20 -16.71
C PHE E 215 -32.55 -42.98 -16.88
N THR E 216 -33.23 -43.32 -15.78
CA THR E 216 -34.64 -43.69 -15.88
C THR E 216 -35.52 -43.07 -14.77
N TYR E 217 -36.81 -42.95 -15.06
CA TYR E 217 -37.76 -42.38 -14.11
C TYR E 217 -37.76 -43.15 -12.82
N ARG E 218 -37.90 -44.47 -12.90
CA ARG E 218 -37.95 -45.31 -11.70
C ARG E 218 -36.63 -45.29 -10.93
N ARG E 219 -35.51 -45.28 -11.61
N ARG E 219 -35.51 -45.27 -11.62
N ARG E 219 -35.52 -45.27 -11.63
CA ARG E 219 -34.21 -45.27 -11.00
CA ARG E 219 -34.23 -45.26 -10.99
CA ARG E 219 -34.24 -45.25 -11.01
C ARG E 219 -33.99 -43.96 -10.24
C ARG E 219 -34.00 -43.97 -10.24
C ARG E 219 -34.00 -43.97 -10.24
N SER E 220 -34.37 -42.88 -10.88
CA SER E 220 -34.20 -41.58 -10.24
C SER E 220 -35.11 -41.44 -9.00
N LEU E 221 -36.33 -41.97 -9.07
CA LEU E 221 -37.17 -41.98 -7.89
C LEU E 221 -36.50 -42.83 -6.80
N GLY E 222 -35.88 -43.94 -7.21
CA GLY E 222 -35.15 -44.80 -6.27
C GLY E 222 -34.02 -44.09 -5.55
N VAL E 223 -33.31 -43.21 -6.25
CA VAL E 223 -32.27 -42.41 -5.62
C VAL E 223 -32.85 -41.57 -4.47
N LEU E 224 -33.99 -40.93 -4.70
CA LEU E 224 -34.60 -40.11 -3.65
C LEU E 224 -35.03 -40.97 -2.47
N THR E 225 -35.63 -42.12 -2.77
CA THR E 225 -36.01 -43.06 -1.71
C THR E 225 -34.80 -43.53 -0.88
N ALA E 226 -33.68 -43.83 -1.55
CA ALA E 226 -32.46 -44.22 -0.85
C ALA E 226 -31.97 -43.10 0.05
N ALA E 227 -32.02 -41.87 -0.46
CA ALA E 227 -31.58 -40.72 0.31
C ALA E 227 -32.47 -40.56 1.53
N ARG E 228 -33.77 -40.75 1.35
CA ARG E 228 -34.73 -40.59 2.43
C ARG E 228 -34.48 -41.67 3.49
N ASP E 229 -34.26 -42.89 3.02
CA ASP E 229 -33.96 -44.02 3.92
C ASP E 229 -32.66 -43.79 4.70
N ALA E 230 -31.71 -43.10 4.08
CA ALA E 230 -30.45 -42.72 4.74
C ALA E 230 -30.63 -41.56 5.73
N GLY E 231 -31.84 -41.02 5.82
CA GLY E 231 -32.13 -39.98 6.80
C GLY E 231 -31.87 -38.58 6.32
N LEU E 232 -31.80 -38.42 5.00
CA LEU E 232 -31.55 -37.10 4.44
C LEU E 232 -32.85 -36.40 4.04
N VAL E 233 -32.86 -35.07 4.11
CA VAL E 233 -33.92 -34.28 3.50
C VAL E 233 -33.73 -34.35 1.98
N THR E 234 -34.78 -34.62 1.22
CA THR E 234 -34.63 -34.84 -0.21
C THR E 234 -35.31 -33.78 -1.08
N LYS E 235 -34.82 -33.61 -2.30
CA LYS E 235 -35.35 -32.57 -3.15
C LYS E 235 -35.38 -33.02 -4.61
N SER E 236 -36.35 -32.56 -5.38
CA SER E 236 -36.35 -32.88 -6.80
C SER E 236 -36.98 -31.75 -7.59
N ASN E 237 -37.04 -31.94 -8.90
CA ASN E 237 -37.38 -30.87 -9.83
C ASN E 237 -38.18 -31.43 -10.99
N LEU E 238 -39.10 -30.64 -11.51
CA LEU E 238 -39.72 -31.00 -12.77
C LEU E 238 -39.49 -29.86 -13.76
N ILE E 239 -39.23 -30.24 -15.00
CA ILE E 239 -39.10 -29.28 -16.09
C ILE E 239 -40.28 -29.40 -17.03
N LEU E 240 -41.13 -28.37 -17.09
CA LEU E 240 -42.35 -28.45 -17.91
C LEU E 240 -42.13 -27.81 -19.27
N GLY E 241 -42.95 -28.18 -20.25
CA GLY E 241 -42.78 -27.62 -21.58
C GLY E 241 -42.06 -28.60 -22.51
N LEU E 242 -41.87 -29.84 -22.05
CA LEU E 242 -41.14 -30.83 -22.85
C LEU E 242 -42.07 -31.85 -23.55
N GLY E 243 -43.38 -31.65 -23.45
CA GLY E 243 -44.33 -32.56 -24.09
C GLY E 243 -45.25 -33.27 -23.10
N GLU E 244 -44.92 -33.20 -21.81
CA GLU E 244 -45.78 -33.76 -20.77
C GLU E 244 -47.13 -33.05 -20.72
N THR E 245 -48.17 -33.77 -20.29
CA THR E 245 -49.46 -33.14 -20.00
C THR E 245 -49.49 -32.74 -18.53
N SER E 246 -50.44 -31.88 -18.17
CA SER E 246 -50.53 -31.45 -16.77
C SER E 246 -50.93 -32.64 -15.89
N ASP E 247 -51.70 -33.57 -16.45
CA ASP E 247 -52.07 -34.78 -15.72
C ASP E 247 -50.80 -35.52 -15.33
N GLU E 248 -49.89 -35.63 -16.28
CA GLU E 248 -48.62 -36.33 -16.04
C GLU E 248 -47.74 -35.62 -15.00
N VAL E 249 -47.80 -34.29 -15.00
CA VAL E 249 -47.10 -33.51 -14.00
C VAL E 249 -47.64 -33.87 -12.61
N ARG E 250 -48.95 -33.84 -12.49
CA ARG E 250 -49.55 -34.17 -11.20
C ARG E 250 -49.21 -35.61 -10.78
N THR E 251 -49.16 -36.52 -11.74
CA THR E 251 -48.79 -37.89 -11.44
C THR E 251 -47.34 -37.97 -10.96
N ALA E 252 -46.47 -37.25 -11.64
CA ALA E 252 -45.08 -37.10 -11.21
C ALA E 252 -44.92 -36.53 -9.79
N LEU E 253 -45.68 -35.49 -9.44
CA LEU E 253 -45.63 -34.96 -8.08
C LEU E 253 -46.09 -36.02 -7.07
N GLY E 254 -47.16 -36.75 -7.42
CA GLY E 254 -47.59 -37.87 -6.58
C GLY E 254 -46.49 -38.93 -6.45
N ASP E 255 -45.83 -39.25 -7.55
CA ASP E 255 -44.77 -40.27 -7.53
C ASP E 255 -43.59 -39.80 -6.68
N LEU E 256 -43.22 -38.54 -6.83
CA LEU E 256 -42.14 -37.98 -6.04
C LEU E 256 -42.49 -38.07 -4.57
N ARG E 257 -43.72 -37.71 -4.22
CA ARG E 257 -44.12 -37.72 -2.83
C ARG E 257 -44.02 -39.13 -2.25
N ASP E 258 -44.62 -40.08 -2.96
CA ASP E 258 -44.62 -41.47 -2.54
C ASP E 258 -43.21 -42.04 -2.43
N ALA E 259 -42.27 -41.48 -3.19
CA ALA E 259 -40.90 -41.94 -3.17
C ALA E 259 -40.13 -41.35 -2.01
N GLY E 260 -40.75 -40.43 -1.28
CA GLY E 260 -40.09 -39.82 -0.15
C GLY E 260 -39.47 -38.46 -0.39
N CYS E 261 -39.84 -37.81 -1.49
CA CYS E 261 -39.33 -36.48 -1.76
C CYS E 261 -39.96 -35.43 -0.84
N ASP E 262 -39.12 -34.65 -0.16
CA ASP E 262 -39.54 -33.56 0.75
C ASP E 262 -39.77 -32.20 0.08
N ILE E 263 -38.89 -31.83 -0.85
CA ILE E 263 -38.91 -30.51 -1.43
C ILE E 263 -39.01 -30.66 -2.94
N VAL E 264 -39.81 -29.84 -3.60
CA VAL E 264 -39.93 -29.95 -5.04
C VAL E 264 -39.99 -28.58 -5.71
N THR E 265 -39.28 -28.44 -6.84
CA THR E 265 -39.35 -27.24 -7.67
C THR E 265 -40.03 -27.59 -8.98
N ILE E 266 -40.88 -26.69 -9.45
CA ILE E 266 -41.66 -26.89 -10.66
C ILE E 266 -41.40 -25.72 -11.60
N THR E 267 -40.95 -26.01 -12.82
CA THR E 267 -40.24 -25.02 -13.62
C THR E 267 -40.62 -25.05 -15.11
N GLN E 268 -40.20 -24.02 -15.85
CA GLN E 268 -40.37 -23.98 -17.30
C GLN E 268 -39.06 -24.25 -18.01
N TYR E 269 -39.13 -25.16 -18.97
CA TYR E 269 -38.03 -25.42 -19.90
C TYR E 269 -37.76 -24.20 -20.76
N LEU E 270 -36.47 -23.84 -20.88
CA LEU E 270 -36.00 -22.95 -21.94
C LEU E 270 -35.04 -23.69 -22.84
N ARG E 271 -35.25 -23.57 -24.14
CA ARG E 271 -34.53 -24.34 -25.13
C ARG E 271 -33.20 -23.64 -25.45
N PRO E 272 -32.08 -24.31 -25.15
CA PRO E 272 -30.75 -23.70 -25.32
C PRO E 272 -30.33 -23.45 -26.77
N SER E 273 -30.82 -24.26 -27.70
CA SER E 273 -30.42 -24.13 -29.10
C SER E 273 -31.35 -24.92 -29.99
N ALA E 274 -31.24 -24.75 -31.30
CA ALA E 274 -32.11 -25.44 -32.25
C ALA E 274 -31.93 -26.94 -32.16
N ARG E 275 -30.73 -27.36 -31.74
CA ARG E 275 -30.38 -28.78 -31.65
C ARG E 275 -30.95 -29.43 -30.40
N HIS E 276 -31.53 -28.63 -29.50
CA HIS E 276 -32.15 -29.16 -28.29
C HIS E 276 -33.65 -29.30 -28.47
N HIS E 277 -34.28 -30.00 -27.53
CA HIS E 277 -35.72 -30.27 -27.59
C HIS E 277 -36.55 -29.01 -27.79
N PRO E 278 -37.54 -29.06 -28.68
CA PRO E 278 -38.49 -27.94 -28.82
C PRO E 278 -39.21 -27.61 -27.51
N VAL E 279 -39.62 -26.35 -27.33
CA VAL E 279 -40.51 -25.98 -26.23
C VAL E 279 -41.94 -26.29 -26.69
N GLU E 280 -42.54 -27.33 -26.12
N GLU E 280 -42.53 -27.32 -26.11
CA GLU E 280 -43.85 -27.76 -26.61
CA GLU E 280 -43.84 -27.79 -26.55
C GLU E 280 -45.02 -26.98 -26.01
C GLU E 280 -44.97 -26.90 -26.05
N ARG E 281 -44.79 -26.31 -24.89
CA ARG E 281 -45.80 -25.38 -24.36
C ARG E 281 -45.18 -24.45 -23.35
N TRP E 282 -45.81 -23.28 -23.22
CA TRP E 282 -45.45 -22.30 -22.20
C TRP E 282 -46.50 -22.34 -21.10
N VAL E 283 -46.10 -22.85 -19.95
CA VAL E 283 -46.99 -23.01 -18.84
C VAL E 283 -47.29 -21.63 -18.27
N LYS E 284 -48.58 -21.32 -18.10
CA LYS E 284 -48.95 -19.97 -17.67
C LYS E 284 -48.64 -19.72 -16.20
N PRO E 285 -48.31 -18.48 -15.85
CA PRO E 285 -48.11 -18.15 -14.43
C PRO E 285 -49.17 -18.73 -13.51
N GLU E 286 -50.44 -18.62 -13.92
CA GLU E 286 -51.57 -19.13 -13.16
CA GLU E 286 -51.57 -19.14 -13.16
C GLU E 286 -51.53 -20.66 -13.00
N GLU E 287 -50.97 -21.34 -14.00
N GLU E 287 -50.99 -21.37 -14.00
CA GLU E 287 -50.88 -22.79 -13.95
CA GLU E 287 -50.94 -22.82 -13.84
C GLU E 287 -49.81 -23.23 -12.95
C GLU E 287 -49.81 -23.24 -12.92
N PHE E 288 -48.71 -22.47 -12.88
CA PHE E 288 -47.65 -22.75 -11.89
C PHE E 288 -48.22 -22.62 -10.49
N VAL E 289 -49.03 -21.60 -10.25
CA VAL E 289 -49.69 -21.44 -8.96
C VAL E 289 -50.57 -22.66 -8.64
N GLN E 290 -51.38 -23.09 -9.60
CA GLN E 290 -52.20 -24.27 -9.37
C GLN E 290 -51.34 -25.52 -9.09
N PHE E 291 -50.21 -25.68 -9.77
CA PHE E 291 -49.31 -26.80 -9.48
C PHE E 291 -48.74 -26.69 -8.07
N ALA E 292 -48.44 -25.47 -7.64
CA ALA E 292 -47.89 -25.27 -6.29
C ALA E 292 -48.92 -25.66 -5.24
N ARG E 293 -50.15 -25.24 -5.46
CA ARG E 293 -51.24 -25.59 -4.54
C ARG E 293 -51.44 -27.10 -4.52
N PHE E 294 -51.33 -27.73 -5.69
CA PHE E 294 -51.49 -29.18 -5.76
C PHE E 294 -50.38 -29.90 -4.99
N ALA E 295 -49.14 -29.47 -5.19
CA ALA E 295 -48.03 -30.10 -4.48
C ALA E 295 -48.13 -29.86 -2.97
N GLU E 296 -48.48 -28.65 -2.54
CA GLU E 296 -48.63 -28.38 -1.12
C GLU E 296 -49.69 -29.29 -0.52
N GLY E 297 -50.73 -29.56 -1.28
CA GLY E 297 -51.77 -30.46 -0.86
C GLY E 297 -51.32 -31.90 -0.69
N LEU E 298 -50.29 -32.32 -1.42
CA LEU E 298 -49.72 -33.66 -1.29
C LEU E 298 -48.90 -33.81 -0.02
N GLY E 299 -48.53 -32.71 0.60
CA GLY E 299 -47.77 -32.77 1.83
C GLY E 299 -46.27 -32.55 1.71
N PHE E 300 -45.80 -32.11 0.54
CA PHE E 300 -44.41 -31.67 0.42
C PHE E 300 -44.07 -30.63 1.46
N ALA E 301 -42.89 -30.74 2.07
CA ALA E 301 -42.42 -29.77 3.08
C ALA E 301 -42.02 -28.45 2.45
N GLY E 302 -41.56 -28.52 1.19
CA GLY E 302 -41.20 -27.31 0.46
C GLY E 302 -41.65 -27.40 -0.97
N VAL E 303 -42.28 -26.33 -1.45
CA VAL E 303 -42.79 -26.27 -2.81
C VAL E 303 -42.47 -24.91 -3.40
N LEU E 304 -41.88 -24.89 -4.59
CA LEU E 304 -41.62 -23.62 -5.27
C LEU E 304 -41.83 -23.79 -6.76
N ALA E 305 -42.79 -23.05 -7.29
CA ALA E 305 -43.20 -23.17 -8.68
C ALA E 305 -43.15 -21.84 -9.38
N GLY E 306 -42.62 -21.84 -10.61
CA GLY E 306 -42.64 -20.67 -11.46
C GLY E 306 -41.70 -20.90 -12.64
N PRO E 307 -41.87 -20.12 -13.71
CA PRO E 307 -41.16 -20.33 -14.97
C PRO E 307 -39.66 -20.37 -14.80
N LEU E 308 -39.10 -19.40 -14.10
CA LEU E 308 -37.66 -19.32 -13.97
C LEU E 308 -37.16 -19.82 -12.61
N VAL E 309 -38.04 -20.46 -11.85
CA VAL E 309 -37.59 -21.24 -10.68
C VAL E 309 -36.61 -22.29 -11.21
N ARG E 310 -35.54 -22.57 -10.46
CA ARG E 310 -34.61 -23.64 -10.82
C ARG E 310 -34.25 -24.41 -9.55
N SER E 311 -33.60 -25.56 -9.70
CA SER E 311 -33.35 -26.46 -8.57
C SER E 311 -32.65 -25.80 -7.38
N SER E 312 -31.70 -24.89 -7.66
CA SER E 312 -30.96 -24.20 -6.59
C SER E 312 -31.49 -22.80 -6.28
N TYR E 313 -32.47 -22.35 -7.05
CA TYR E 313 -32.95 -20.99 -6.91
C TYR E 313 -33.57 -20.71 -5.55
N ARG E 314 -33.01 -19.76 -4.81
CA ARG E 314 -33.46 -19.45 -3.44
C ARG E 314 -33.50 -20.70 -2.56
N ALA E 315 -32.55 -21.60 -2.77
CA ALA E 315 -32.58 -22.91 -2.12
C ALA E 315 -32.54 -22.82 -0.61
N GLY E 316 -31.72 -21.91 -0.09
CA GLY E 316 -31.63 -21.70 1.34
C GLY E 316 -32.94 -21.28 1.97
N ARG E 317 -33.68 -20.42 1.29
CA ARG E 317 -34.98 -19.98 1.76
C ARG E 317 -35.94 -21.15 1.79
N LEU E 318 -35.91 -21.94 0.74
CA LEU E 318 -36.82 -23.07 0.62
C LEU E 318 -36.50 -24.12 1.67
N TYR E 319 -35.22 -24.38 1.88
CA TYR E 319 -34.84 -25.31 2.93
C TYR E 319 -35.35 -24.85 4.31
N GLU E 320 -35.19 -23.56 4.61
CA GLU E 320 -35.66 -23.01 5.88
C GLU E 320 -37.17 -23.17 6.03
N GLN E 321 -37.90 -22.96 4.95
CA GLN E 321 -39.33 -23.15 4.96
C GLN E 321 -39.67 -24.61 5.21
N ALA E 322 -38.97 -25.50 4.54
CA ALA E 322 -39.19 -26.93 4.71
C ALA E 322 -38.92 -27.38 6.14
N ARG E 323 -37.82 -26.88 6.68
CA ARG E 323 -37.42 -27.14 8.06
C ARG E 323 -38.48 -26.71 9.06
N ASN E 324 -39.15 -25.59 8.81
CA ASN E 324 -40.17 -25.09 9.74
C ASN E 324 -41.55 -25.76 9.60
N SER E 325 -41.70 -26.71 8.67
CA SER E 325 -43.02 -27.23 8.35
C SER E 325 -43.45 -28.37 9.28
N SER F 2 -22.72 -18.17 -22.09
CA SER F 2 -23.77 -18.09 -23.10
C SER F 2 -25.13 -18.41 -22.49
N THR F 3 -25.89 -17.36 -22.20
CA THR F 3 -27.14 -17.42 -21.45
C THR F 3 -28.33 -17.77 -22.35
O XOK F 4 -31.40 -16.86 -21.86
N XOK F 4 -29.23 -18.62 -21.86
CA XOK F 4 -30.43 -18.94 -22.55
C XOK F 4 -31.27 -17.71 -22.79
CB XOK F 4 -31.21 -19.99 -21.79
CG XOK F 4 -30.48 -21.31 -21.74
CD XOK F 4 -31.39 -22.47 -21.40
CE XOK F 4 -31.84 -22.41 -19.95
NZ XOK F 4 -30.80 -22.88 -19.13
C1 XOK F 4 -31.22 -23.14 -17.81
O1 XOK F 4 -32.39 -22.95 -17.49
C2 XOK F 4 -30.18 -23.67 -16.82
C3 XOK F 4 -30.61 -23.63 -15.37
C4 XOK F 4 -29.53 -24.05 -14.40
C5 XOK F 4 -29.98 -23.99 -12.94
C6 XOK F 4 -28.80 -23.79 -11.98
C7 XOK F 4 -29.13 -24.09 -10.53
C8 XOK F 4 -29.55 -25.55 -10.35
S6 XOK F 4 -28.09 -22.16 -12.18
N SER F 5 -31.84 -17.59 -23.98
CA SER F 5 -32.66 -16.43 -24.33
C SER F 5 -33.98 -16.34 -23.57
N VAL F 6 -34.31 -15.13 -23.14
CA VAL F 6 -35.60 -14.83 -22.52
C VAL F 6 -36.40 -13.91 -23.46
N SER F 7 -37.52 -13.34 -22.98
CA SER F 7 -38.39 -12.54 -23.86
C SER F 7 -37.67 -11.52 -24.75
N LEU G 30 -2.14 -7.98 -43.76
CA LEU G 30 -3.14 -7.85 -44.82
C LEU G 30 -3.61 -9.21 -45.32
N LEU G 31 -4.88 -9.30 -45.70
CA LEU G 31 -5.39 -10.45 -46.41
C LEU G 31 -4.78 -10.50 -47.81
N ARG G 32 -4.30 -9.34 -48.27
CA ARG G 32 -3.59 -9.25 -49.54
C ARG G 32 -2.27 -10.02 -49.48
N LEU G 33 -1.43 -9.68 -48.51
CA LEU G 33 -0.16 -10.35 -48.30
C LEU G 33 -0.35 -11.86 -48.14
N GLU G 34 -1.44 -12.24 -47.47
CA GLU G 34 -1.71 -13.64 -47.22
C GLU G 34 -2.09 -14.37 -48.50
N VAL G 35 -2.82 -13.68 -49.38
CA VAL G 35 -3.19 -14.26 -50.68
C VAL G 35 -1.94 -14.47 -51.56
N ARG G 36 -1.06 -13.48 -51.61
CA ARG G 36 0.18 -13.61 -52.38
C ARG G 36 1.07 -14.70 -51.78
N ASN G 37 1.13 -14.77 -50.45
CA ASN G 37 1.84 -15.87 -49.79
C ASN G 37 1.30 -17.21 -50.24
N ALA G 38 -0.04 -17.36 -50.24
CA ALA G 38 -0.61 -18.67 -50.54
C ALA G 38 -0.50 -19.03 -52.02
N GLN G 39 0.13 -18.16 -52.81
CA GLN G 39 0.40 -18.43 -54.22
C GLN G 39 1.62 -19.34 -54.36
N THR G 40 2.47 -19.35 -53.35
CA THR G 40 3.56 -20.33 -53.30
C THR G 40 3.06 -21.55 -52.56
N PRO G 41 2.91 -22.68 -53.27
CA PRO G 41 2.37 -23.87 -52.60
C PRO G 41 3.29 -24.35 -51.48
N ILE G 42 2.78 -25.22 -50.62
CA ILE G 42 3.54 -25.79 -49.52
C ILE G 42 4.88 -26.40 -49.96
N GLU G 43 5.96 -26.06 -49.26
CA GLU G 43 7.29 -26.58 -49.58
C GLU G 43 7.53 -27.98 -49.01
N ARG G 44 8.40 -28.74 -49.68
CA ARG G 44 8.89 -30.00 -49.14
C ARG G 44 9.94 -29.75 -48.07
N LYS G 45 9.88 -30.51 -46.97
CA LYS G 45 10.84 -30.32 -45.90
C LYS G 45 12.01 -31.28 -46.07
N PRO G 46 13.24 -30.77 -45.93
CA PRO G 46 14.46 -31.59 -46.07
C PRO G 46 14.52 -32.66 -44.99
N PRO G 47 15.36 -33.70 -45.20
CA PRO G 47 15.29 -34.85 -44.29
C PRO G 47 15.71 -34.55 -42.85
N TRP G 48 16.55 -33.53 -42.65
CA TRP G 48 17.04 -33.24 -41.31
C TRP G 48 16.01 -32.59 -40.40
N ILE G 49 14.91 -32.07 -40.92
CA ILE G 49 13.88 -31.59 -40.00
C ILE G 49 12.89 -32.76 -39.77
N LYS G 50 13.42 -33.82 -39.19
CA LYS G 50 12.59 -34.92 -38.71
C LYS G 50 12.56 -34.90 -37.19
N THR G 51 11.36 -34.98 -36.63
CA THR G 51 11.23 -35.14 -35.18
C THR G 51 10.81 -36.58 -34.88
N ARG G 52 11.18 -37.03 -33.69
CA ARG G 52 10.93 -38.42 -33.32
C ARG G 52 9.83 -38.54 -32.28
N ALA G 53 10.03 -37.85 -31.16
CA ALA G 53 9.23 -38.06 -29.94
C ALA G 53 7.72 -38.18 -30.18
N ARG G 54 7.10 -39.04 -29.38
CA ARG G 54 5.65 -39.27 -29.46
C ARG G 54 5.01 -38.92 -28.11
N ILE G 55 3.69 -39.03 -28.03
CA ILE G 55 2.97 -38.69 -26.81
C ILE G 55 3.36 -39.61 -25.67
N GLY G 56 3.46 -39.06 -24.47
CA GLY G 56 3.78 -39.83 -23.28
C GLY G 56 3.03 -39.29 -22.07
N PRO G 57 3.19 -39.95 -20.91
CA PRO G 57 2.50 -39.49 -19.70
C PRO G 57 3.01 -38.16 -19.15
N GLU G 58 4.22 -37.78 -19.54
CA GLU G 58 4.73 -36.47 -19.14
C GLU G 58 4.02 -35.40 -19.96
N TYR G 59 4.01 -35.55 -21.27
CA TYR G 59 3.26 -34.69 -22.17
C TYR G 59 1.83 -34.53 -21.68
N THR G 60 1.22 -35.66 -21.31
CA THR G 60 -0.17 -35.68 -20.85
C THR G 60 -0.38 -34.98 -19.51
N GLU G 61 0.52 -35.21 -18.56
CA GLU G 61 0.43 -34.56 -17.26
C GLU G 61 0.58 -33.04 -17.41
N LEU G 62 1.42 -32.64 -18.35
CA LEU G 62 1.69 -31.24 -18.61
C LEU G 62 0.49 -30.56 -19.29
N LYS G 63 -0.09 -31.22 -20.30
CA LYS G 63 -1.36 -30.77 -20.88
C LYS G 63 -2.41 -30.56 -19.81
N ASN G 64 -2.51 -31.53 -18.90
CA ASN G 64 -3.52 -31.51 -17.85
C ASN G 64 -3.34 -30.36 -16.88
N LEU G 65 -2.09 -30.09 -16.52
CA LEU G 65 -1.76 -28.98 -15.64
C LEU G 65 -2.13 -27.63 -16.25
N VAL G 66 -1.74 -27.43 -17.49
CA VAL G 66 -1.93 -26.15 -18.17
C VAL G 66 -3.42 -25.88 -18.41
N ARG G 67 -4.13 -26.91 -18.87
CA ARG G 67 -5.58 -26.84 -19.01
C ARG G 67 -6.24 -26.50 -17.68
N ARG G 68 -5.83 -27.17 -16.62
CA ARG G 68 -6.45 -26.97 -15.31
C ARG G 68 -6.18 -25.58 -14.73
N GLU G 69 -4.95 -25.11 -14.83
CA GLU G 69 -4.59 -23.79 -14.31
C GLU G 69 -5.02 -22.62 -15.21
N GLY G 70 -5.85 -22.89 -16.21
CA GLY G 70 -6.28 -21.87 -17.15
C GLY G 70 -5.12 -21.08 -17.78
N LEU G 71 -4.14 -21.79 -18.34
CA LEU G 71 -2.94 -21.17 -18.88
C LEU G 71 -2.80 -21.56 -20.34
N HIS G 72 -1.89 -20.89 -21.05
CA HIS G 72 -1.53 -21.27 -22.40
C HIS G 72 -0.03 -21.51 -22.51
N THR G 73 0.37 -22.24 -23.53
CA THR G 73 1.77 -22.41 -23.84
C THR G 73 2.06 -21.97 -25.24
N VAL G 74 3.25 -21.43 -25.44
CA VAL G 74 3.67 -21.05 -26.77
C VAL G 74 3.94 -22.33 -27.60
N CYS G 75 4.28 -23.42 -26.91
CA CYS G 75 4.51 -24.71 -27.56
C CYS G 75 3.28 -25.12 -28.37
N GLU G 76 2.10 -25.06 -27.75
CA GLU G 76 0.84 -25.30 -28.43
C GLU G 76 0.46 -24.21 -29.44
N GLU G 77 0.44 -22.95 -29.00
CA GLU G 77 -0.16 -21.91 -29.84
C GLU G 77 0.67 -21.60 -31.07
N ALA G 78 1.98 -21.71 -30.98
CA ALA G 78 2.80 -21.41 -32.13
C ALA G 78 3.03 -22.66 -32.99
N GLY G 79 2.57 -23.80 -32.48
CA GLY G 79 2.69 -25.07 -33.20
C GLY G 79 4.08 -25.67 -33.24
N CYS G 80 4.82 -25.60 -32.14
CA CYS G 80 6.21 -26.04 -32.19
C CYS G 80 6.32 -27.55 -32.45
N PRO G 81 7.15 -27.94 -33.44
CA PRO G 81 7.31 -29.37 -33.73
C PRO G 81 8.05 -30.09 -32.59
N ASN G 82 8.78 -29.36 -31.75
CA ASN G 82 9.53 -29.95 -30.64
C ASN G 82 8.70 -30.33 -29.42
N ILE G 83 7.39 -30.10 -29.45
CA ILE G 83 6.59 -30.20 -28.21
C ILE G 83 6.61 -31.55 -27.52
N PHE G 84 6.58 -32.63 -28.30
CA PHE G 84 6.67 -33.94 -27.68
C PHE G 84 8.04 -34.12 -27.03
N GLU G 85 9.10 -33.69 -27.70
CA GLU G 85 10.46 -33.86 -27.16
C GLU G 85 10.60 -33.09 -25.85
N CYS G 86 10.32 -31.78 -25.92
CA CYS G 86 10.40 -30.89 -24.77
C CYS G 86 9.52 -31.32 -23.59
N TRP G 87 8.26 -31.60 -23.85
CA TRP G 87 7.34 -31.89 -22.76
C TRP G 87 7.61 -33.25 -22.10
N GLU G 88 8.22 -34.18 -22.82
CA GLU G 88 8.60 -35.46 -22.23
C GLU G 88 9.69 -35.22 -21.18
N ASP G 89 10.51 -34.22 -21.44
CA ASP G 89 11.53 -33.79 -20.49
C ASP G 89 10.98 -32.84 -19.43
N ARG G 90 9.66 -32.69 -19.39
CA ARG G 90 9.00 -31.72 -18.51
C ARG G 90 9.54 -30.31 -18.72
N GLU G 91 9.79 -29.95 -19.97
CA GLU G 91 10.18 -28.59 -20.31
C GLU G 91 9.08 -28.02 -21.19
N ALA G 92 8.68 -26.79 -20.91
CA ALA G 92 7.57 -26.14 -21.61
C ALA G 92 7.69 -24.65 -21.42
N THR G 93 7.10 -23.87 -22.32
CA THR G 93 7.19 -22.42 -22.23
C THR G 93 5.81 -21.77 -22.21
N PHE G 94 5.52 -21.10 -21.10
CA PHE G 94 4.22 -20.46 -20.92
C PHE G 94 4.01 -19.34 -21.91
N LEU G 95 2.76 -19.13 -22.31
CA LEU G 95 2.38 -17.97 -23.11
C LEU G 95 1.42 -17.16 -22.26
N ILE G 96 1.84 -15.99 -21.79
CA ILE G 96 0.96 -15.20 -20.94
C ILE G 96 0.23 -14.13 -21.74
N GLY G 97 -0.87 -13.66 -21.21
CA GLY G 97 -1.60 -12.58 -21.85
C GLY G 97 -2.69 -13.05 -22.81
N GLY G 98 -3.04 -14.33 -22.72
CA GLY G 98 -4.12 -14.90 -23.52
C GLY G 98 -3.58 -15.46 -24.82
N ASP G 99 -4.45 -16.00 -25.67
CA ASP G 99 -3.98 -16.61 -26.91
C ASP G 99 -4.33 -15.77 -28.15
N GLN G 100 -4.60 -14.49 -27.89
CA GLN G 100 -4.89 -13.52 -28.94
C GLN G 100 -3.87 -12.40 -28.90
N CYS G 101 -3.07 -12.29 -29.96
CA CYS G 101 -2.05 -11.28 -30.04
C CYS G 101 -2.55 -10.07 -30.79
N THR G 102 -2.05 -8.90 -30.42
CA THR G 102 -2.48 -7.67 -31.08
C THR G 102 -1.63 -7.38 -32.30
N ARG G 103 -0.62 -8.22 -32.54
CA ARG G 103 0.22 -8.05 -33.71
C ARG G 103 0.12 -9.28 -34.61
N ARG G 104 0.79 -9.21 -35.76
CA ARG G 104 0.69 -10.27 -36.75
C ARG G 104 2.02 -10.37 -37.46
N CYS G 105 2.70 -11.49 -37.27
CA CYS G 105 4.02 -11.67 -37.82
C CYS G 105 3.94 -12.77 -38.84
N ASP G 106 4.66 -12.63 -39.96
CA ASP G 106 4.34 -13.47 -41.11
C ASP G 106 4.95 -14.86 -41.02
N PHE G 107 5.68 -15.12 -39.92
CA PHE G 107 6.16 -16.45 -39.62
C PHE G 107 5.34 -17.10 -38.52
N CYS G 108 4.46 -16.33 -37.88
CA CYS G 108 3.86 -16.81 -36.63
C CYS G 108 2.41 -17.23 -36.76
N GLN G 109 2.07 -18.30 -36.05
CA GLN G 109 0.76 -18.91 -36.21
C GLN G 109 -0.22 -18.59 -35.06
N ILE G 110 0.26 -17.88 -34.04
CA ILE G 110 -0.62 -17.47 -32.93
C ILE G 110 -1.69 -16.53 -33.46
N ASP G 111 -2.92 -16.72 -32.99
CA ASP G 111 -4.06 -15.92 -33.40
C ASP G 111 -3.82 -14.43 -33.26
N THR G 112 -4.20 -13.67 -34.29
CA THR G 112 -4.32 -12.21 -34.19
C THR G 112 -5.74 -11.91 -33.81
N GLY G 113 -5.93 -11.00 -32.85
CA GLY G 113 -7.29 -10.71 -32.39
C GLY G 113 -7.33 -9.82 -31.18
N LYS G 114 -8.54 -9.37 -30.84
CA LYS G 114 -8.74 -8.52 -29.69
C LYS G 114 -8.70 -9.36 -28.41
N PRO G 115 -7.77 -9.04 -27.51
CA PRO G 115 -7.65 -9.83 -26.27
C PRO G 115 -8.82 -9.63 -25.33
N ALA G 116 -9.07 -10.62 -24.49
CA ALA G 116 -10.00 -10.50 -23.39
C ALA G 116 -9.43 -9.50 -22.38
N GLU G 117 -10.24 -9.14 -21.38
CA GLU G 117 -9.76 -8.30 -20.29
C GLU G 117 -8.50 -8.90 -19.69
N LEU G 118 -7.61 -8.06 -19.21
CA LEU G 118 -6.37 -8.52 -18.61
C LEU G 118 -6.65 -9.40 -17.39
N ASP G 119 -6.23 -10.67 -17.46
CA ASP G 119 -6.37 -11.60 -16.35
C ASP G 119 -5.24 -11.34 -15.38
N ARG G 120 -5.52 -10.52 -14.38
CA ARG G 120 -4.53 -10.08 -13.40
C ARG G 120 -4.05 -11.20 -12.46
N ASP G 121 -4.76 -12.33 -12.50
CA ASP G 121 -4.44 -13.46 -11.65
C ASP G 121 -3.45 -14.41 -12.33
N GLU G 122 -3.29 -14.28 -13.65
CA GLU G 122 -2.42 -15.22 -14.39
C GLU G 122 -0.98 -15.39 -13.82
N PRO G 123 -0.31 -14.30 -13.39
CA PRO G 123 1.04 -14.50 -12.85
C PRO G 123 1.10 -15.49 -11.68
N ARG G 124 0.11 -15.41 -10.79
CA ARG G 124 0.05 -16.31 -9.65
C ARG G 124 -0.06 -17.76 -10.10
N ARG G 125 -0.92 -18.03 -11.09
CA ARG G 125 -1.09 -19.40 -11.56
C ARG G 125 0.12 -19.93 -12.34
N VAL G 126 0.82 -19.06 -13.08
CA VAL G 126 2.01 -19.51 -13.79
C VAL G 126 3.03 -19.99 -12.77
N ALA G 127 3.19 -19.18 -11.73
CA ALA G 127 4.12 -19.46 -10.65
C ALA G 127 3.76 -20.72 -9.89
N ASP G 128 2.46 -20.95 -9.65
CA ASP G 128 2.02 -22.20 -9.02
C ASP G 128 2.36 -23.39 -9.90
N SER G 129 2.20 -23.25 -11.21
CA SER G 129 2.48 -24.34 -12.13
C SER G 129 3.98 -24.66 -12.17
N VAL G 130 4.79 -23.62 -12.04
CA VAL G 130 6.24 -23.79 -11.99
C VAL G 130 6.64 -24.57 -10.72
N ARG G 131 5.98 -24.27 -9.61
CA ARG G 131 6.23 -25.01 -8.38
C ARG G 131 5.81 -26.50 -8.53
N THR G 132 4.63 -26.73 -9.08
CA THR G 132 4.15 -28.10 -9.33
C THR G 132 5.09 -28.89 -10.24
N MET G 133 5.56 -28.26 -11.31
CA MET G 133 6.50 -28.90 -12.22
C MET G 133 7.89 -29.08 -11.61
N GLY G 134 8.15 -28.43 -10.48
CA GLY G 134 9.45 -28.48 -9.83
C GLY G 134 10.61 -28.00 -10.69
N LEU G 135 10.34 -27.04 -11.58
CA LEU G 135 11.35 -26.54 -12.50
C LEU G 135 12.47 -25.80 -11.77
N ARG G 136 13.70 -26.04 -12.21
CA ARG G 136 14.80 -25.23 -11.73
C ARG G 136 15.09 -24.09 -12.71
N TYR G 137 14.45 -24.15 -13.87
CA TYR G 137 14.55 -23.10 -14.88
C TYR G 137 13.21 -22.97 -15.59
N ALA G 138 12.64 -21.78 -15.58
CA ALA G 138 11.32 -21.56 -16.17
C ALA G 138 11.41 -20.65 -17.37
N THR G 139 10.79 -21.06 -18.47
CA THR G 139 10.75 -20.22 -19.66
CA THR G 139 10.76 -20.23 -19.66
C THR G 139 9.35 -19.65 -19.85
N VAL G 140 9.30 -18.33 -20.08
CA VAL G 140 8.03 -17.61 -20.17
C VAL G 140 8.06 -16.62 -21.34
N THR G 141 6.99 -16.57 -22.12
CA THR G 141 6.85 -15.58 -23.19
C THR G 141 5.38 -15.20 -23.21
N GLY G 142 4.97 -14.39 -24.18
CA GLY G 142 3.58 -14.00 -24.24
C GLY G 142 3.23 -13.35 -25.56
N VAL G 143 1.98 -12.94 -25.69
CA VAL G 143 1.52 -12.19 -26.86
C VAL G 143 1.75 -10.70 -26.68
N ALA G 144 1.70 -9.94 -27.77
CA ALA G 144 1.71 -8.48 -27.64
C ALA G 144 0.33 -8.04 -27.14
N ARG G 145 0.32 -7.01 -26.29
CA ARG G 145 -0.91 -6.50 -25.72
C ARG G 145 -1.02 -4.99 -25.95
N ASP G 146 -1.11 -4.60 -27.21
CA ASP G 146 -1.19 -3.18 -27.59
C ASP G 146 -2.52 -2.56 -27.17
N ASP G 147 -3.44 -3.40 -26.70
CA ASP G 147 -4.72 -2.93 -26.18
C ASP G 147 -4.58 -2.34 -24.79
N LEU G 148 -3.45 -2.62 -24.12
CA LEU G 148 -3.23 -2.15 -22.76
C LEU G 148 -2.42 -0.86 -22.75
N PRO G 149 -2.70 0.02 -21.78
CA PRO G 149 -1.99 1.30 -21.67
C PRO G 149 -0.48 1.13 -21.58
N ASP G 150 -0.01 0.10 -20.88
CA ASP G 150 1.42 -0.19 -20.76
C ASP G 150 1.89 -1.29 -21.71
N GLY G 151 1.09 -1.65 -22.72
CA GLY G 151 1.43 -2.75 -23.59
C GLY G 151 1.67 -4.10 -22.91
N GLY G 152 1.17 -4.24 -21.68
CA GLY G 152 1.33 -5.48 -20.92
C GLY G 152 2.59 -5.56 -20.06
N ALA G 153 3.34 -4.46 -19.98
CA ALA G 153 4.58 -4.46 -19.21
C ALA G 153 4.37 -4.97 -17.79
N TRP G 154 3.27 -4.56 -17.14
CA TRP G 154 3.02 -5.03 -15.77
C TRP G 154 2.87 -6.56 -15.72
N LEU G 155 2.08 -7.11 -16.64
CA LEU G 155 1.82 -8.55 -16.68
C LEU G 155 3.13 -9.36 -16.77
N TYR G 156 4.02 -8.96 -17.68
CA TYR G 156 5.31 -9.63 -17.87
C TYR G 156 6.17 -9.50 -16.62
N ALA G 157 6.25 -8.31 -16.06
CA ALA G 157 7.08 -8.17 -14.87
C ALA G 157 6.47 -8.93 -13.69
N ALA G 158 5.14 -8.89 -13.58
CA ALA G 158 4.49 -9.56 -12.46
C ALA G 158 4.66 -11.07 -12.53
N THR G 159 4.77 -11.61 -13.75
CA THR G 159 4.90 -13.06 -13.93
C THR G 159 6.29 -13.54 -13.46
N VAL G 160 7.33 -12.79 -13.84
CA VAL G 160 8.68 -13.07 -13.33
C VAL G 160 8.66 -13.01 -11.80
N ARG G 161 8.19 -11.88 -11.28
CA ARG G 161 8.12 -11.64 -9.85
CA ARG G 161 8.14 -11.65 -9.85
C ARG G 161 7.39 -12.77 -9.13
N ALA G 162 6.20 -13.13 -9.60
CA ALA G 162 5.42 -14.22 -8.99
C ALA G 162 6.19 -15.55 -8.98
N ILE G 163 6.87 -15.85 -10.08
CA ILE G 163 7.61 -17.09 -10.15
C ILE G 163 8.76 -17.09 -9.14
N LYS G 164 9.49 -15.98 -9.07
CA LYS G 164 10.64 -15.88 -8.17
C LYS G 164 10.26 -15.81 -6.71
N GLU G 165 9.10 -15.24 -6.39
CA GLU G 165 8.68 -15.20 -4.99
C GLU G 165 8.34 -16.61 -4.46
N LEU G 166 7.70 -17.40 -5.30
CA LEU G 166 7.30 -18.76 -4.93
C LEU G 166 8.48 -19.71 -5.08
N ASN G 167 9.30 -19.47 -6.10
CA ASN G 167 10.38 -20.36 -6.47
C ASN G 167 11.72 -19.62 -6.53
N PRO G 168 12.22 -19.14 -5.37
CA PRO G 168 13.41 -18.27 -5.46
C PRO G 168 14.66 -18.98 -5.98
N SER G 169 14.69 -20.32 -6.00
CA SER G 169 15.81 -21.06 -6.59
C SER G 169 15.60 -21.34 -8.07
N THR G 170 14.49 -20.88 -8.62
CA THR G 170 14.21 -21.12 -10.04
C THR G 170 14.67 -19.95 -10.91
N GLY G 171 15.51 -20.24 -11.89
CA GLY G 171 15.93 -19.21 -12.83
C GLY G 171 14.79 -18.96 -13.80
N VAL G 172 14.63 -17.71 -14.22
CA VAL G 172 13.59 -17.35 -15.17
C VAL G 172 14.16 -16.73 -16.45
N GLU G 173 13.73 -17.27 -17.59
CA GLU G 173 14.06 -16.71 -18.91
C GLU G 173 12.77 -16.11 -19.47
N LEU G 174 12.79 -14.80 -19.74
CA LEU G 174 11.60 -14.09 -20.20
C LEU G 174 11.77 -13.59 -21.63
N LEU G 175 10.93 -14.10 -22.52
CA LEU G 175 10.98 -13.71 -23.93
C LEU G 175 9.90 -12.67 -24.19
N ILE G 176 10.31 -11.43 -24.40
CA ILE G 176 9.37 -10.33 -24.46
C ILE G 176 9.17 -9.77 -25.85
N PRO G 177 8.02 -9.12 -26.08
CA PRO G 177 7.88 -8.26 -27.24
C PRO G 177 8.70 -6.97 -27.00
N ASP G 178 8.50 -5.91 -27.77
CA ASP G 178 9.41 -4.77 -27.64
C ASP G 178 8.83 -3.63 -26.79
N PHE G 179 7.55 -3.75 -26.44
CA PHE G 179 6.82 -2.71 -25.72
C PHE G 179 7.03 -1.34 -26.38
N ASN G 180 6.99 -1.37 -27.71
CA ASN G 180 7.31 -0.23 -28.58
C ASN G 180 8.62 0.46 -28.26
N GLY G 181 9.54 -0.28 -27.64
CA GLY G 181 10.82 0.28 -27.22
C GLY G 181 10.71 1.34 -26.15
N GLU G 182 9.56 1.42 -25.53
CA GLU G 182 9.32 2.45 -24.53
C GLU G 182 10.07 2.18 -23.23
N PRO G 183 10.89 3.16 -22.77
CA PRO G 183 11.82 2.86 -21.66
C PRO G 183 11.27 2.61 -20.24
N THR G 184 10.17 3.17 -19.74
N THR G 184 10.12 3.17 -19.90
CA THR G 184 9.78 2.73 -18.38
CA THR G 184 9.61 2.91 -18.57
C THR G 184 8.91 1.50 -18.48
C THR G 184 8.95 1.54 -18.53
N ARG G 185 8.39 1.16 -19.65
CA ARG G 185 7.79 -0.17 -19.82
C ARG G 185 8.88 -1.22 -19.69
N LEU G 186 9.98 -1.02 -20.42
CA LEU G 186 11.13 -1.94 -20.36
C LEU G 186 11.78 -1.96 -19.00
N ALA G 187 11.92 -0.78 -18.39
CA ALA G 187 12.48 -0.69 -17.04
C ALA G 187 11.67 -1.50 -16.02
N GLU G 188 10.35 -1.43 -16.12
CA GLU G 188 9.51 -2.21 -15.22
C GLU G 188 9.80 -3.70 -15.41
N VAL G 189 9.89 -4.14 -16.67
CA VAL G 189 10.18 -5.56 -16.96
C VAL G 189 11.57 -5.95 -16.46
N PHE G 190 12.57 -5.13 -16.76
CA PHE G 190 13.96 -5.43 -16.36
C PHE G 190 14.10 -5.48 -14.83
N GLU G 191 13.37 -4.61 -14.13
CA GLU G 191 13.48 -4.54 -12.67
C GLU G 191 13.05 -5.86 -12.01
N SER G 192 12.20 -6.63 -12.69
CA SER G 192 11.76 -7.93 -12.15
C SER G 192 12.93 -8.93 -12.04
N GLY G 193 14.01 -8.68 -12.78
CA GLY G 193 15.23 -9.45 -12.62
C GLY G 193 15.27 -10.89 -13.16
N PRO G 194 14.75 -11.11 -14.38
CA PRO G 194 14.90 -12.47 -14.90
C PRO G 194 16.38 -12.79 -15.13
N GLU G 195 16.73 -14.08 -15.05
CA GLU G 195 18.10 -14.52 -15.30
C GLU G 195 18.52 -14.25 -16.73
N VAL G 196 17.56 -14.42 -17.64
CA VAL G 196 17.79 -14.11 -19.05
C VAL G 196 16.63 -13.30 -19.62
N LEU G 197 16.99 -12.23 -20.31
CA LEU G 197 15.99 -11.42 -20.98
C LEU G 197 16.17 -11.66 -22.46
N ALA G 198 15.17 -12.27 -23.07
CA ALA G 198 15.19 -12.61 -24.47
C ALA G 198 14.28 -11.68 -25.24
N HIS G 199 14.77 -11.20 -26.38
CA HIS G 199 13.96 -10.47 -27.34
C HIS G 199 14.53 -10.80 -28.71
N ASN G 200 13.68 -11.29 -29.59
CA ASN G 200 14.11 -11.89 -30.83
C ASN G 200 14.05 -10.91 -32.00
N VAL G 201 15.22 -10.57 -32.55
CA VAL G 201 15.26 -9.68 -33.69
CA VAL G 201 15.31 -9.69 -33.70
C VAL G 201 14.73 -10.42 -34.91
N GLU G 202 14.91 -11.75 -34.91
CA GLU G 202 14.40 -12.68 -35.90
C GLU G 202 15.01 -12.52 -37.31
N THR G 203 15.06 -11.31 -37.87
CA THR G 203 15.56 -11.19 -39.24
C THR G 203 16.36 -9.90 -39.54
N VAL G 204 16.61 -9.65 -40.82
CA VAL G 204 17.54 -8.59 -41.24
C VAL G 204 16.84 -7.37 -41.86
N PRO G 205 17.46 -6.19 -41.75
CA PRO G 205 16.72 -4.94 -42.01
C PRO G 205 16.11 -4.85 -43.41
N ARG G 206 16.78 -5.42 -44.42
CA ARG G 206 16.31 -5.32 -45.79
C ARG G 206 14.91 -5.92 -45.94
N ILE G 207 14.58 -6.89 -45.10
CA ILE G 207 13.29 -7.54 -45.23
C ILE G 207 12.47 -7.50 -43.93
N PHE G 208 12.95 -6.78 -42.93
CA PHE G 208 12.29 -6.75 -41.62
C PHE G 208 10.81 -6.36 -41.69
N LYS G 209 10.53 -5.19 -42.27
CA LYS G 209 9.18 -4.64 -42.32
C LYS G 209 8.15 -5.61 -42.89
N ARG G 210 8.57 -6.42 -43.86
CA ARG G 210 7.67 -7.36 -44.52
C ARG G 210 7.38 -8.63 -43.70
N ILE G 211 8.21 -8.93 -42.70
CA ILE G 211 7.98 -10.09 -41.83
C ILE G 211 7.38 -9.66 -40.48
N ARG G 212 7.87 -8.54 -39.94
CA ARG G 212 7.51 -8.14 -38.59
C ARG G 212 7.15 -6.67 -38.52
N PRO G 213 6.01 -6.29 -39.14
CA PRO G 213 5.68 -4.88 -39.42
C PRO G 213 5.58 -4.01 -38.17
N ALA G 214 5.19 -4.60 -37.04
CA ALA G 214 4.97 -3.85 -35.81
C ALA G 214 6.26 -3.71 -35.00
N PHE G 215 7.36 -4.20 -35.54
CA PHE G 215 8.68 -4.09 -34.90
C PHE G 215 9.65 -3.39 -35.86
N THR G 216 10.81 -3.00 -35.36
CA THR G 216 11.89 -2.61 -36.26
C THR G 216 13.19 -3.24 -35.80
N TYR G 217 14.08 -3.46 -36.78
CA TYR G 217 15.39 -4.04 -36.54
C TYR G 217 16.11 -3.26 -35.45
N ARG G 218 16.30 -1.95 -35.65
CA ARG G 218 17.07 -1.16 -34.69
C ARG G 218 16.37 -1.02 -33.35
N ARG G 219 15.05 -1.06 -33.34
CA ARG G 219 14.32 -0.91 -32.07
C ARG G 219 14.54 -2.17 -31.23
N SER G 220 14.41 -3.32 -31.88
CA SER G 220 14.63 -4.59 -31.20
C SER G 220 16.06 -4.71 -30.71
N LEU G 221 17.02 -4.27 -31.52
CA LEU G 221 18.39 -4.28 -31.07
C LEU G 221 18.51 -3.35 -29.87
N GLY G 222 17.83 -2.21 -29.94
CA GLY G 222 17.80 -1.29 -28.82
C GLY G 222 17.20 -1.90 -27.57
N VAL G 223 16.26 -2.81 -27.73
CA VAL G 223 15.69 -3.47 -26.54
C VAL G 223 16.74 -4.31 -25.85
N LEU G 224 17.55 -5.00 -26.64
CA LEU G 224 18.63 -5.82 -26.08
C LEU G 224 19.68 -4.96 -25.38
N THR G 225 20.05 -3.85 -26.02
CA THR G 225 21.01 -2.93 -25.44
C THR G 225 20.51 -2.42 -24.12
N ALA G 226 19.22 -2.11 -24.10
CA ALA G 226 18.59 -1.61 -22.88
C ALA G 226 18.71 -2.64 -21.76
N ALA G 227 18.47 -3.92 -22.09
CA ALA G 227 18.54 -4.97 -21.10
C ALA G 227 19.96 -5.15 -20.55
N ARG G 228 20.92 -5.12 -21.47
CA ARG G 228 22.33 -5.21 -21.13
C ARG G 228 22.69 -4.11 -20.15
N ASP G 229 22.28 -2.88 -20.44
CA ASP G 229 22.63 -1.75 -19.59
C ASP G 229 21.99 -1.85 -18.22
N ALA G 230 20.83 -2.51 -18.13
CA ALA G 230 20.17 -2.70 -16.84
C ALA G 230 20.83 -3.85 -16.10
N GLY G 231 21.79 -4.49 -16.75
CA GLY G 231 22.59 -5.51 -16.10
C GLY G 231 22.05 -6.92 -16.25
N LEU G 232 21.21 -7.15 -17.26
CA LEU G 232 20.66 -8.49 -17.49
C LEU G 232 21.50 -9.28 -18.50
N VAL G 233 21.45 -10.60 -18.40
CA VAL G 233 21.96 -11.45 -19.48
C VAL G 233 20.95 -11.45 -20.60
N THR G 234 21.38 -11.27 -21.84
CA THR G 234 20.45 -11.10 -22.93
C THR G 234 20.54 -12.22 -23.93
N LYS G 235 19.46 -12.42 -24.67
CA LYS G 235 19.32 -13.52 -25.59
C LYS G 235 18.46 -13.13 -26.76
N SER G 236 18.78 -13.63 -27.93
CA SER G 236 17.99 -13.36 -29.10
C SER G 236 18.07 -14.50 -30.07
N ASN G 237 17.43 -14.31 -31.21
CA ASN G 237 17.16 -15.40 -32.13
C ASN G 237 17.20 -14.91 -33.57
N LEU G 238 17.74 -15.73 -34.45
CA LEU G 238 17.60 -15.48 -35.89
C LEU G 238 16.75 -16.58 -36.46
N ILE G 239 15.75 -16.21 -37.24
CA ILE G 239 14.98 -17.21 -37.96
C ILE G 239 15.46 -17.17 -39.42
N LEU G 240 16.21 -18.19 -39.82
CA LEU G 240 16.75 -18.23 -41.17
C LEU G 240 15.77 -18.87 -42.18
N GLY G 241 15.94 -18.52 -43.46
CA GLY G 241 15.07 -19.04 -44.50
C GLY G 241 13.89 -18.12 -44.75
N LEU G 242 14.05 -16.84 -44.43
CA LEU G 242 12.97 -15.90 -44.74
C LEU G 242 13.36 -15.00 -45.92
N GLY G 243 14.50 -15.29 -46.55
CA GLY G 243 14.95 -14.55 -47.72
C GLY G 243 16.20 -13.72 -47.47
N GLU G 244 16.72 -13.78 -46.23
CA GLU G 244 17.99 -13.13 -45.92
C GLU G 244 19.15 -13.83 -46.65
N THR G 245 20.29 -13.15 -46.79
CA THR G 245 21.51 -13.75 -47.34
C THR G 245 22.45 -14.14 -46.19
N SER G 246 23.32 -15.14 -46.40
CA SER G 246 24.28 -15.51 -45.37
C SER G 246 25.12 -14.30 -44.90
N ASP G 247 25.38 -13.35 -45.81
CA ASP G 247 26.10 -12.11 -45.46
C ASP G 247 25.31 -11.25 -44.45
N GLU G 248 23.99 -11.21 -44.63
CA GLU G 248 23.12 -10.40 -43.76
C GLU G 248 23.00 -11.04 -42.37
N VAL G 249 23.08 -12.36 -42.30
CA VAL G 249 23.10 -13.10 -41.05
C VAL G 249 24.35 -12.73 -40.23
N ARG G 250 25.49 -12.74 -40.90
CA ARG G 250 26.72 -12.43 -40.20
C ARG G 250 26.73 -10.98 -39.75
N THR G 251 26.20 -10.09 -40.59
CA THR G 251 26.04 -8.70 -40.18
C THR G 251 25.09 -8.65 -38.98
N ALA G 252 24.05 -9.48 -39.00
CA ALA G 252 23.09 -9.52 -37.90
C ALA G 252 23.73 -10.02 -36.61
N LEU G 253 24.51 -11.10 -36.73
CA LEU G 253 25.26 -11.63 -35.60
C LEU G 253 26.22 -10.57 -35.05
N GLY G 254 26.80 -9.77 -35.95
CA GLY G 254 27.65 -8.68 -35.49
C GLY G 254 26.84 -7.59 -34.80
N ASP G 255 25.69 -7.28 -35.38
CA ASP G 255 24.80 -6.25 -34.86
C ASP G 255 24.32 -6.62 -33.44
N LEU G 256 23.91 -7.87 -33.29
CA LEU G 256 23.54 -8.42 -31.97
C LEU G 256 24.67 -8.29 -30.97
N ARG G 257 25.88 -8.70 -31.40
CA ARG G 257 27.07 -8.58 -30.59
C ARG G 257 27.28 -7.18 -30.07
N ASP G 258 27.29 -6.22 -30.99
CA ASP G 258 27.55 -4.83 -30.67
C ASP G 258 26.46 -4.25 -29.77
N ALA G 259 25.26 -4.78 -29.94
CA ALA G 259 24.11 -4.28 -29.19
C ALA G 259 24.12 -4.80 -27.77
N GLY G 260 24.95 -5.81 -27.50
CA GLY G 260 25.10 -6.31 -26.14
C GLY G 260 24.45 -7.67 -25.87
N CYS G 261 24.06 -8.34 -26.94
CA CYS G 261 23.47 -9.67 -26.84
C CYS G 261 24.51 -10.69 -26.37
N ASP G 262 24.11 -11.55 -25.43
CA ASP G 262 25.02 -12.54 -24.86
C ASP G 262 24.83 -13.93 -25.43
N ILE G 263 23.58 -14.26 -25.70
CA ILE G 263 23.19 -15.61 -26.12
C ILE G 263 22.37 -15.53 -27.38
N VAL G 264 22.75 -16.31 -28.40
CA VAL G 264 21.96 -16.30 -29.63
C VAL G 264 21.61 -17.71 -30.12
N THR G 265 20.34 -17.90 -30.47
N THR G 265 20.35 -17.89 -30.51
CA THR G 265 19.90 -19.11 -31.12
CA THR G 265 19.88 -19.12 -31.12
C THR G 265 19.81 -18.83 -32.61
C THR G 265 19.65 -18.93 -32.61
N ILE G 266 20.33 -19.75 -33.42
CA ILE G 266 20.32 -19.60 -34.88
C ILE G 266 19.52 -20.77 -35.44
N THR G 267 18.48 -20.48 -36.21
N THR G 267 18.42 -20.49 -36.11
CA THR G 267 17.28 -21.32 -36.32
CA THR G 267 17.35 -21.46 -36.34
C THR G 267 16.69 -21.43 -37.75
C THR G 267 16.79 -21.54 -37.80
N GLN G 268 15.91 -22.49 -38.05
CA GLN G 268 15.24 -22.58 -39.36
C GLN G 268 13.74 -22.31 -39.27
N TYR G 269 13.29 -21.37 -40.12
CA TYR G 269 11.86 -21.06 -40.26
C TYR G 269 11.10 -22.27 -40.75
N LEU G 270 9.99 -22.58 -40.09
CA LEU G 270 9.02 -23.63 -40.46
C LEU G 270 7.65 -22.95 -40.76
N ARG G 271 7.20 -23.01 -42.02
CA ARG G 271 5.98 -22.29 -42.48
C ARG G 271 4.73 -22.91 -41.91
N PRO G 272 4.01 -22.15 -41.09
CA PRO G 272 2.83 -22.71 -40.42
C PRO G 272 1.69 -23.02 -41.36
N SER G 273 1.56 -22.27 -42.45
CA SER G 273 0.42 -22.41 -43.35
C SER G 273 0.66 -21.70 -44.68
N ALA G 274 -0.19 -21.99 -45.66
CA ALA G 274 -0.09 -21.32 -46.96
C ALA G 274 -0.19 -19.80 -46.83
N ARG G 275 -0.92 -19.34 -45.80
CA ARG G 275 -1.10 -17.91 -45.57
C ARG G 275 0.20 -17.21 -45.13
N HIS G 276 1.14 -17.98 -44.59
CA HIS G 276 2.39 -17.41 -44.04
C HIS G 276 3.55 -17.37 -45.05
N HIS G 277 4.60 -16.60 -44.72
CA HIS G 277 5.67 -16.27 -45.67
C HIS G 277 6.27 -17.53 -46.26
N PRO G 278 6.70 -17.48 -47.53
CA PRO G 278 7.30 -18.68 -48.09
C PRO G 278 8.58 -19.10 -47.39
N VAL G 279 8.93 -20.37 -47.59
CA VAL G 279 10.21 -20.91 -47.19
C VAL G 279 11.26 -20.64 -48.29
N GLU G 280 12.14 -19.67 -48.05
CA GLU G 280 13.05 -19.20 -49.10
C GLU G 280 14.42 -19.90 -49.19
N ARG G 281 14.73 -20.76 -48.22
CA ARG G 281 16.04 -21.40 -48.11
C ARG G 281 15.97 -22.46 -47.05
N TRP G 282 16.41 -23.69 -47.35
CA TRP G 282 16.60 -24.69 -46.30
C TRP G 282 18.07 -24.73 -45.92
N VAL G 283 18.35 -24.23 -44.72
CA VAL G 283 19.72 -24.12 -44.26
C VAL G 283 20.25 -25.49 -43.89
N LYS G 284 21.35 -25.88 -44.52
CA LYS G 284 21.91 -27.20 -44.23
C LYS G 284 22.56 -27.22 -42.86
N PRO G 285 22.39 -28.34 -42.14
CA PRO G 285 23.00 -28.58 -40.82
C PRO G 285 24.42 -28.03 -40.75
N GLU G 286 25.22 -28.26 -41.79
CA GLU G 286 26.60 -27.75 -41.81
C GLU G 286 26.70 -26.24 -41.92
N GLU G 287 25.74 -25.62 -42.61
CA GLU G 287 25.72 -24.16 -42.68
C GLU G 287 25.47 -23.61 -41.26
N PHE G 288 24.55 -24.25 -40.55
CA PHE G 288 24.34 -23.91 -39.12
C PHE G 288 25.61 -23.96 -38.26
N VAL G 289 26.43 -25.00 -38.47
CA VAL G 289 27.67 -25.14 -37.70
C VAL G 289 28.58 -23.94 -37.94
N GLN G 290 28.71 -23.56 -39.21
CA GLN G 290 29.62 -22.46 -39.57
C GLN G 290 29.12 -21.14 -39.01
N PHE G 291 27.82 -20.92 -39.01
CA PHE G 291 27.25 -19.72 -38.37
C PHE G 291 27.60 -19.74 -36.88
N ALA G 292 27.45 -20.90 -36.26
CA ALA G 292 27.86 -21.11 -34.86
C ALA G 292 29.32 -20.69 -34.65
N ARG G 293 30.21 -21.14 -35.54
CA ARG G 293 31.62 -20.77 -35.45
C ARG G 293 31.83 -19.28 -35.58
N PHE G 294 31.14 -18.66 -36.54
CA PHE G 294 31.25 -17.23 -36.72
C PHE G 294 30.80 -16.53 -35.42
N ALA G 295 29.63 -16.93 -34.96
CA ALA G 295 29.05 -16.37 -33.73
C ALA G 295 29.98 -16.52 -32.54
N GLU G 296 30.57 -17.70 -32.38
CA GLU G 296 31.50 -17.88 -31.29
C GLU G 296 32.73 -16.99 -31.45
N GLY G 297 33.14 -16.76 -32.69
CA GLY G 297 34.29 -15.89 -32.96
C GLY G 297 34.01 -14.42 -32.65
N LEU G 298 32.73 -14.11 -32.52
CA LEU G 298 32.33 -12.75 -32.20
C LEU G 298 32.39 -12.46 -30.71
N GLY G 299 32.37 -13.52 -29.90
CA GLY G 299 32.50 -13.37 -28.45
C GLY G 299 31.22 -13.60 -27.68
N PHE G 300 30.21 -14.19 -28.33
CA PHE G 300 28.96 -14.54 -27.64
C PHE G 300 29.19 -15.54 -26.50
N ALA G 301 28.54 -15.31 -25.37
CA ALA G 301 28.69 -16.24 -24.24
C ALA G 301 28.01 -17.57 -24.50
N GLY G 302 26.95 -17.54 -25.30
CA GLY G 302 26.20 -18.74 -25.55
C GLY G 302 25.77 -18.71 -26.99
N VAL G 303 25.98 -19.81 -27.69
CA VAL G 303 25.56 -19.94 -29.08
C VAL G 303 24.93 -21.30 -29.27
N LEU G 304 23.72 -21.33 -29.84
CA LEU G 304 23.07 -22.60 -30.15
C LEU G 304 22.44 -22.51 -31.54
N ALA G 305 22.98 -23.27 -32.48
CA ALA G 305 22.52 -23.20 -33.87
C ALA G 305 22.05 -24.56 -34.35
N GLY G 306 20.83 -24.62 -34.86
CA GLY G 306 20.27 -25.85 -35.38
C GLY G 306 18.97 -25.52 -36.07
N PRO G 307 18.55 -26.36 -37.03
CA PRO G 307 17.29 -26.12 -37.77
C PRO G 307 16.10 -25.98 -36.82
N LEU G 308 15.94 -26.96 -35.91
CA LEU G 308 14.83 -26.92 -34.97
C LEU G 308 15.23 -26.46 -33.56
N VAL G 309 16.37 -25.79 -33.46
CA VAL G 309 16.64 -24.99 -32.28
C VAL G 309 15.54 -23.90 -32.21
N ARG G 310 15.08 -23.58 -31.00
CA ARG G 310 14.08 -22.54 -30.81
C ARG G 310 14.54 -21.73 -29.62
N SER G 311 13.94 -20.57 -29.42
CA SER G 311 14.34 -19.66 -28.35
C SER G 311 14.41 -20.30 -26.96
N SER G 312 13.45 -21.17 -26.65
CA SER G 312 13.42 -21.78 -25.32
C SER G 312 14.02 -23.17 -25.28
N TYR G 313 14.39 -23.70 -26.46
CA TYR G 313 14.82 -25.10 -26.56
C TYR G 313 16.08 -25.35 -25.73
N ARG G 314 16.00 -26.26 -24.77
CA ARG G 314 17.09 -26.53 -23.82
C ARG G 314 17.69 -25.25 -23.23
N ALA G 315 16.80 -24.30 -22.91
CA ALA G 315 17.23 -22.99 -22.50
C ALA G 315 18.06 -23.03 -21.23
N GLY G 316 17.63 -23.83 -20.26
CA GLY G 316 18.34 -23.96 -19.01
C GLY G 316 19.77 -24.48 -19.17
N ARG G 317 19.93 -25.48 -20.03
CA ARG G 317 21.26 -26.01 -20.34
C ARG G 317 22.11 -24.98 -21.07
N LEU G 318 21.48 -24.23 -21.97
CA LEU G 318 22.20 -23.18 -22.69
C LEU G 318 22.65 -22.09 -21.74
N TYR G 319 21.77 -21.71 -20.83
CA TYR G 319 22.10 -20.70 -19.83
C TYR G 319 23.29 -21.11 -18.98
N GLU G 320 23.24 -22.33 -18.45
CA GLU G 320 24.37 -22.86 -17.69
C GLU G 320 25.66 -22.78 -18.51
N GLN G 321 25.58 -23.08 -19.80
CA GLN G 321 26.76 -22.98 -20.66
C GLN G 321 27.22 -21.54 -20.80
N ALA G 322 26.28 -20.61 -20.97
CA ALA G 322 26.63 -19.19 -21.12
C ALA G 322 27.22 -18.63 -19.84
N ARG G 323 26.64 -18.99 -18.71
CA ARG G 323 27.15 -18.55 -17.42
C ARG G 323 28.59 -19.01 -17.20
N ASN G 324 28.96 -20.16 -17.77
CA ASN G 324 30.28 -20.73 -17.60
C ASN G 324 31.36 -20.10 -18.48
N SER G 325 30.96 -19.23 -19.40
CA SER G 325 31.91 -18.61 -20.31
C SER G 325 32.83 -17.61 -19.60
N SER H 2 -2.39 -28.27 -32.96
CA SER H 2 -2.05 -28.00 -34.36
C SER H 2 -0.54 -27.73 -34.54
N THR H 3 0.21 -28.79 -34.81
CA THR H 3 1.66 -28.71 -34.89
C THR H 3 2.14 -28.44 -36.32
O XOK H 4 4.74 -29.50 -37.55
N XOK H 4 3.15 -27.59 -36.49
CA XOK H 4 3.68 -27.34 -37.79
C XOK H 4 4.23 -28.65 -38.34
CB XOK H 4 4.68 -26.21 -37.87
CG XOK H 4 4.28 -24.94 -37.16
CD XOK H 4 5.23 -23.82 -37.52
CE XOK H 4 6.48 -23.88 -36.66
NZ XOK H 4 6.15 -23.40 -35.37
C1 XOK H 4 7.27 -23.14 -34.56
O1 XOK H 4 8.42 -23.33 -34.96
C2 XOK H 4 7.00 -22.60 -33.16
C3 XOK H 4 8.26 -22.35 -32.36
C4 XOK H 4 7.98 -21.86 -30.94
C5 XOK H 4 9.12 -22.10 -29.97
C6 XOK H 4 8.62 -22.07 -28.52
C7 XOK H 4 9.67 -21.66 -27.51
C8 XOK H 4 10.34 -20.35 -27.85
S6 XOK H 4 7.87 -23.63 -28.11
N SER H 5 4.11 -28.86 -39.65
CA SER H 5 4.47 -30.15 -40.23
C SER H 5 5.98 -30.28 -40.43
N VAL H 6 6.49 -31.49 -40.33
CA VAL H 6 7.90 -31.73 -40.55
C VAL H 6 8.12 -32.54 -41.82
N SER H 7 9.28 -33.20 -41.91
CA SER H 7 9.55 -34.10 -43.02
C SER H 7 9.59 -35.54 -42.53
N LEU I 31 49.41 25.15 -8.06
CA LEU I 31 50.84 25.36 -8.31
C LEU I 31 51.05 26.26 -9.55
N ARG I 32 50.70 25.74 -10.73
CA ARG I 32 50.74 26.56 -11.94
C ARG I 32 49.62 27.59 -11.91
N LEU I 33 48.50 27.25 -11.30
CA LEU I 33 47.38 28.18 -11.30
C LEU I 33 47.58 29.22 -10.21
N GLU I 34 48.41 28.88 -9.22
CA GLU I 34 48.75 29.84 -8.18
C GLU I 34 49.52 31.03 -8.76
N VAL I 35 50.49 30.74 -9.64
CA VAL I 35 51.25 31.84 -10.25
C VAL I 35 50.34 32.55 -11.25
N ARG I 36 49.37 31.84 -11.80
CA ARG I 36 48.35 32.45 -12.66
C ARG I 36 47.46 33.43 -11.87
N ASN I 37 47.00 32.96 -10.70
CA ASN I 37 46.19 33.77 -9.80
C ASN I 37 46.84 35.10 -9.52
N ALA I 38 48.15 35.08 -9.28
CA ALA I 38 48.82 36.26 -8.79
C ALA I 38 48.97 37.34 -9.86
N GLN I 39 48.66 36.98 -11.11
CA GLN I 39 48.66 37.99 -12.16
C GLN I 39 47.58 39.03 -11.88
N THR I 40 46.54 38.62 -11.18
CA THR I 40 45.41 39.48 -10.86
C THR I 40 45.65 40.23 -9.57
N PRO I 41 45.77 41.56 -9.68
CA PRO I 41 46.11 42.33 -8.48
C PRO I 41 45.07 42.15 -7.38
N ILE I 42 45.50 42.39 -6.15
CA ILE I 42 44.62 42.25 -5.01
C ILE I 42 43.52 43.30 -5.09
N GLU I 43 42.28 42.86 -4.97
CA GLU I 43 41.16 43.74 -5.22
C GLU I 43 40.73 44.47 -3.94
N ARG I 44 40.15 45.66 -4.09
CA ARG I 44 39.70 46.43 -2.93
C ARG I 44 38.38 45.86 -2.43
N LYS I 45 38.21 45.83 -1.11
CA LYS I 45 37.00 45.29 -0.51
C LYS I 45 35.90 46.34 -0.45
N PRO I 46 34.65 45.93 -0.72
CA PRO I 46 33.48 46.79 -0.64
C PRO I 46 33.23 47.23 0.79
N PRO I 47 32.50 48.33 1.00
CA PRO I 47 32.40 48.87 2.35
C PRO I 47 31.67 47.95 3.34
N TRP I 48 30.76 47.09 2.89
CA TRP I 48 30.04 46.22 3.82
C TRP I 48 30.94 45.16 4.44
N ILE I 49 32.09 44.93 3.82
CA ILE I 49 33.13 44.09 4.39
C ILE I 49 33.97 44.93 5.34
N LYS I 50 33.56 45.01 6.60
CA LYS I 50 34.33 45.75 7.59
C LYS I 50 34.22 45.05 8.93
N THR I 51 35.31 45.02 9.68
CA THR I 51 35.27 44.45 11.02
C THR I 51 34.90 45.56 11.99
N ARG I 52 33.94 45.28 12.86
CA ARG I 52 33.49 46.24 13.85
C ARG I 52 34.12 45.96 15.20
N ALA I 53 34.19 44.68 15.55
CA ALA I 53 34.74 44.24 16.82
C ALA I 53 36.22 44.52 16.92
N ARG I 54 36.68 44.73 18.15
CA ARG I 54 38.08 44.99 18.39
C ARG I 54 38.58 44.01 19.43
N ILE I 55 39.90 43.92 19.55
CA ILE I 55 40.54 43.11 20.59
C ILE I 55 40.01 43.48 21.97
N GLY I 56 39.88 42.48 22.84
CA GLY I 56 39.36 42.64 24.18
C GLY I 56 39.79 41.49 25.07
N PRO I 57 39.38 41.50 26.34
CA PRO I 57 39.87 40.50 27.30
C PRO I 57 39.41 39.07 27.02
N GLU I 58 38.25 38.87 26.41
CA GLU I 58 37.84 37.51 26.10
C GLU I 58 38.76 36.94 25.02
N TYR I 59 39.08 37.77 24.03
CA TYR I 59 40.01 37.36 22.98
C TYR I 59 41.36 37.03 23.57
N THR I 60 41.89 37.92 24.38
CA THR I 60 43.18 37.71 25.01
C THR I 60 43.20 36.44 25.87
N GLU I 61 42.14 36.19 26.63
CA GLU I 61 42.11 34.99 27.47
C GLU I 61 42.10 33.72 26.64
N LEU I 62 41.32 33.75 25.57
CA LEU I 62 41.24 32.62 24.67
C LEU I 62 42.57 32.39 23.99
N LYS I 63 43.20 33.46 23.51
CA LYS I 63 44.53 33.39 22.93
C LYS I 63 45.51 32.67 23.88
N ASN I 64 45.52 33.08 25.15
CA ASN I 64 46.40 32.43 26.12
C ASN I 64 46.07 30.95 26.32
N LEU I 65 44.78 30.62 26.32
CA LEU I 65 44.35 29.25 26.58
C LEU I 65 44.84 28.31 25.49
N VAL I 66 44.58 28.68 24.25
CA VAL I 66 44.96 27.88 23.11
C VAL I 66 46.50 27.72 23.03
N ARG I 67 47.23 28.79 23.33
CA ARG I 67 48.70 28.68 23.41
C ARG I 67 49.17 27.75 24.54
N ARG I 68 48.60 27.91 25.72
CA ARG I 68 49.00 27.15 26.89
C ARG I 68 48.74 25.66 26.67
N GLU I 69 47.73 25.37 25.90
CA GLU I 69 47.30 23.99 25.73
C GLU I 69 47.81 23.40 24.45
N GLY I 70 48.67 24.14 23.76
CA GLY I 70 49.26 23.67 22.52
C GLY I 70 48.22 23.30 21.48
N LEU I 71 47.23 24.18 21.32
CA LEU I 71 46.15 23.97 20.37
C LEU I 71 46.21 24.93 19.20
N HIS I 72 45.42 24.68 18.16
CA HIS I 72 45.27 25.63 17.07
C HIS I 72 43.80 25.94 16.90
N THR I 73 43.50 27.10 16.32
CA THR I 73 42.15 27.40 15.90
C THR I 73 42.08 27.69 14.41
N VAL I 74 40.95 27.38 13.81
CA VAL I 74 40.81 27.66 12.40
C VAL I 74 40.66 29.18 12.26
N CYS I 75 40.15 29.83 13.31
CA CYS I 75 39.98 31.28 13.31
C CYS I 75 41.31 31.94 13.01
N GLU I 76 42.35 31.47 13.67
CA GLU I 76 43.70 32.01 13.42
C GLU I 76 44.31 31.49 12.13
N GLU I 77 44.33 30.16 11.95
CA GLU I 77 45.09 29.60 10.83
C GLU I 77 44.50 29.97 9.46
N ALA I 78 43.17 30.07 9.36
CA ALA I 78 42.54 30.39 8.07
C ALA I 78 42.37 31.90 7.89
N GLY I 79 42.72 32.68 8.92
CA GLY I 79 42.72 34.13 8.84
C GLY I 79 41.33 34.76 8.85
N CYS I 80 40.40 34.17 9.60
CA CYS I 80 39.04 34.66 9.60
C CYS I 80 38.92 36.09 10.13
N PRO I 81 38.27 36.97 9.35
CA PRO I 81 37.99 38.35 9.75
C PRO I 81 37.12 38.45 10.99
N ASN I 82 36.33 37.44 11.32
CA ASN I 82 35.44 37.53 12.48
C ASN I 82 36.09 37.22 13.82
N ILE I 83 37.41 36.98 13.86
CA ILE I 83 38.02 36.49 15.08
C ILE I 83 37.74 37.42 16.30
N PHE I 84 37.85 38.73 16.15
CA PHE I 84 37.56 39.60 17.30
C PHE I 84 36.09 39.55 17.72
N GLU I 85 35.18 39.40 16.76
CA GLU I 85 33.75 39.30 17.08
C GLU I 85 33.40 38.01 17.81
N CYS I 86 33.78 36.87 17.23
CA CYS I 86 33.45 35.60 17.84
C CYS I 86 34.15 35.42 19.18
N TRP I 87 35.45 35.72 19.21
CA TRP I 87 36.21 35.49 20.45
C TRP I 87 35.71 36.40 21.57
N GLU I 88 35.21 37.58 21.22
CA GLU I 88 34.58 38.48 22.18
C GLU I 88 33.39 37.82 22.86
N ASP I 89 32.64 37.02 22.09
CA ASP I 89 31.51 36.25 22.60
C ASP I 89 31.90 34.88 23.14
N ARG I 90 33.20 34.63 23.27
CA ARG I 90 33.74 33.33 23.69
C ARG I 90 33.29 32.23 22.75
N GLU I 91 33.29 32.54 21.47
CA GLU I 91 33.05 31.53 20.46
C GLU I 91 34.33 31.42 19.64
N ALA I 92 34.79 30.18 19.47
CA ALA I 92 35.95 29.92 18.65
C ALA I 92 35.88 28.52 18.12
N THR I 93 36.63 28.23 17.05
CA THR I 93 36.57 26.91 16.47
C THR I 93 37.94 26.26 16.43
N PHE I 94 38.07 25.11 17.09
CA PHE I 94 39.36 24.43 17.14
C PHE I 94 39.71 23.88 15.78
N LEU I 95 41.01 23.87 15.50
CA LEU I 95 41.54 23.19 14.33
C LEU I 95 42.42 22.06 14.85
N ILE I 96 41.97 20.82 14.65
CA ILE I 96 42.74 19.66 15.11
C ILE I 96 43.61 19.09 14.00
N GLY I 97 44.59 18.28 14.37
CA GLY I 97 45.43 17.62 13.39
C GLY I 97 46.67 18.41 12.99
N GLY I 98 46.94 19.50 13.71
CA GLY I 98 48.09 20.34 13.42
C GLY I 98 47.77 21.49 12.49
N ASP I 99 48.77 22.27 12.12
CA ASP I 99 48.50 23.43 11.28
C ASP I 99 49.02 23.27 9.86
N GLN I 100 49.31 22.01 9.50
CA GLN I 100 49.77 21.68 8.16
C GLN I 100 48.75 20.78 7.49
N CYS I 101 48.12 21.25 6.41
CA CYS I 101 47.16 20.40 5.70
C CYS I 101 47.82 19.59 4.58
N THR I 102 47.34 18.37 4.34
CA THR I 102 47.89 17.57 3.25
C THR I 102 47.23 17.93 1.93
N ARG I 103 46.18 18.74 1.98
CA ARG I 103 45.53 19.18 0.75
C ARG I 103 45.72 20.67 0.55
N ARG I 104 45.32 21.15 -0.62
CA ARG I 104 45.50 22.54 -0.97
C ARG I 104 44.25 23.00 -1.70
N CYS I 105 43.49 23.90 -1.08
CA CYS I 105 42.27 24.42 -1.70
C CYS I 105 42.48 25.89 -2.01
N ASP I 106 41.93 26.37 -3.13
CA ASP I 106 42.39 27.63 -3.68
C ASP I 106 41.86 28.84 -2.95
N PHE I 107 40.99 28.64 -1.95
CA PHE I 107 40.50 29.73 -1.13
C PHE I 107 41.17 29.75 0.23
N CYS I 108 41.91 28.69 0.54
CA CYS I 108 42.30 28.42 1.92
C CYS I 108 43.73 28.83 2.25
N GLN I 109 43.87 29.57 3.35
CA GLN I 109 45.12 30.15 3.78
C GLN I 109 45.98 29.16 4.60
N ILE I 110 45.38 28.07 5.04
CA ILE I 110 46.10 27.15 5.93
C ILE I 110 47.27 26.52 5.16
N ASP I 111 48.43 26.42 5.82
CA ASP I 111 49.64 25.84 5.19
C ASP I 111 49.36 24.47 4.60
N THR I 112 49.93 24.21 3.42
CA THR I 112 50.05 22.86 2.90
C THR I 112 51.43 22.30 3.27
N GLY I 113 51.46 21.09 3.81
CA GLY I 113 52.76 20.51 4.14
C GLY I 113 52.64 19.17 4.80
N LYS I 114 53.79 18.56 5.07
CA LYS I 114 53.81 17.27 5.75
C LYS I 114 53.51 17.44 7.21
N PRO I 115 52.41 16.86 7.69
CA PRO I 115 52.10 16.97 9.11
C PRO I 115 53.13 16.32 10.02
N ALA I 116 53.26 16.83 11.24
CA ALA I 116 54.03 16.15 12.28
C ALA I 116 53.31 14.87 12.67
N GLU I 117 53.98 14.00 13.41
CA GLU I 117 53.34 12.75 13.80
C GLU I 117 52.08 13.05 14.58
N LEU I 118 51.13 12.14 14.52
CA LEU I 118 49.82 12.35 15.12
C LEU I 118 49.88 12.59 16.62
N ASP I 119 49.39 13.75 17.06
CA ASP I 119 49.30 14.07 18.48
C ASP I 119 48.05 13.46 19.10
N ARG I 120 48.16 12.26 19.68
CA ARG I 120 46.99 11.53 20.15
C ARG I 120 46.44 12.08 21.46
N ASP I 121 47.16 13.04 22.03
CA ASP I 121 46.76 13.71 23.26
C ASP I 121 45.95 14.99 22.95
N GLU I 122 45.89 15.39 21.69
CA GLU I 122 45.14 16.60 21.36
C GLU I 122 43.64 16.54 21.74
N PRO I 123 42.96 15.40 21.49
CA PRO I 123 41.55 15.33 21.89
C PRO I 123 41.29 15.68 23.34
N ARG I 124 42.16 15.20 24.23
CA ARG I 124 42.02 15.52 25.65
C ARG I 124 42.16 17.02 25.88
N ARG I 125 43.16 17.64 25.25
CA ARG I 125 43.42 19.05 25.48
C ARG I 125 42.32 19.92 24.90
N VAL I 126 41.75 19.51 23.77
CA VAL I 126 40.56 20.21 23.26
C VAL I 126 39.42 20.10 24.28
N ALA I 127 39.13 18.89 24.74
CA ALA I 127 38.06 18.67 25.73
C ALA I 127 38.24 19.51 26.99
N ASP I 128 39.49 19.63 27.44
CA ASP I 128 39.78 20.39 28.64
C ASP I 128 39.60 21.87 28.44
N SER I 129 39.97 22.35 27.25
CA SER I 129 39.78 23.74 26.91
C SER I 129 38.29 24.10 26.87
N VAL I 130 37.47 23.22 26.28
CA VAL I 130 36.03 23.44 26.25
C VAL I 130 35.49 23.56 27.69
N ARG I 131 35.99 22.70 28.56
CA ARG I 131 35.59 22.68 29.95
C ARG I 131 35.98 23.99 30.63
N THR I 132 37.25 24.36 30.48
CA THR I 132 37.78 25.59 31.07
C THR I 132 36.95 26.78 30.62
N MET I 133 36.52 26.78 29.36
CA MET I 133 35.72 27.88 28.85
C MET I 133 34.24 27.79 29.21
N GLY I 134 33.81 26.66 29.74
CA GLY I 134 32.41 26.47 30.08
C GLY I 134 31.44 26.49 28.90
N LEU I 135 31.91 26.07 27.73
CA LEU I 135 31.08 26.09 26.51
C LEU I 135 29.86 25.18 26.58
N ARG I 136 28.73 25.72 26.14
CA ARG I 136 27.47 25.01 25.93
C ARG I 136 27.44 24.30 24.58
N TYR I 137 28.19 24.87 23.64
CA TYR I 137 28.22 24.38 22.27
C TYR I 137 29.64 24.60 21.76
N ALA I 138 30.24 23.52 21.27
CA ALA I 138 31.63 23.56 20.80
C ALA I 138 31.72 23.29 19.29
N THR I 139 32.49 24.13 18.58
CA THR I 139 32.70 23.90 17.15
C THR I 139 34.12 23.41 16.93
N VAL I 140 34.27 22.40 16.09
CA VAL I 140 35.57 21.76 15.87
C VAL I 140 35.76 21.49 14.40
N THR I 141 36.93 21.84 13.86
CA THR I 141 37.27 21.37 12.55
C THR I 141 38.73 20.97 12.56
N GLY I 142 39.30 20.71 11.39
CA GLY I 142 40.66 20.23 11.32
C GLY I 142 41.16 20.23 9.91
N VAL I 143 42.43 19.83 9.74
CA VAL I 143 43.04 19.72 8.43
C VAL I 143 42.85 18.31 7.87
N ALA I 144 43.10 18.14 6.58
CA ALA I 144 43.11 16.81 6.01
C ALA I 144 44.40 16.15 6.44
N ARG I 145 44.35 14.85 6.70
CA ARG I 145 45.54 14.10 7.13
C ARG I 145 45.70 12.86 6.26
N ASP I 146 46.01 13.10 4.99
CA ASP I 146 46.20 12.01 4.02
C ASP I 146 47.46 11.20 4.28
N ASP I 147 48.25 11.64 5.25
CA ASP I 147 49.44 10.92 5.70
C ASP I 147 49.10 9.77 6.63
N LEU I 148 47.89 9.77 7.17
CA LEU I 148 47.51 8.75 8.13
C LEU I 148 46.77 7.61 7.44
N PRO I 149 46.87 6.39 8.00
CA PRO I 149 46.25 5.22 7.36
C PRO I 149 44.72 5.36 7.27
N ASP I 150 44.14 6.03 8.25
CA ASP I 150 42.70 6.29 8.30
C ASP I 150 42.29 7.72 7.90
N GLY I 151 43.22 8.51 7.34
CA GLY I 151 42.93 9.89 7.00
C GLY I 151 42.57 10.79 8.18
N GLY I 152 42.83 10.32 9.39
CA GLY I 152 42.56 11.09 10.60
C GLY I 152 41.20 10.81 11.20
N ALA I 153 40.52 9.78 10.69
CA ALA I 153 39.17 9.52 11.15
C ALA I 153 39.13 9.28 12.66
N TRP I 154 40.09 8.52 13.19
CA TRP I 154 40.13 8.28 14.64
C TRP I 154 40.27 9.60 15.41
N LEU I 155 41.12 10.50 14.94
CA LEU I 155 41.36 11.77 15.62
C LEU I 155 40.11 12.63 15.74
N TYR I 156 39.42 12.82 14.61
CA TYR I 156 38.15 13.55 14.62
C TYR I 156 37.14 12.94 15.58
N ALA I 157 36.96 11.62 15.51
CA ALA I 157 36.01 10.96 16.39
C ALA I 157 36.41 11.06 17.85
N ALA I 158 37.71 10.89 18.14
CA ALA I 158 38.19 10.92 19.50
C ALA I 158 38.00 12.30 20.09
N THR I 159 38.11 13.32 19.24
CA THR I 159 37.93 14.68 19.71
C THR I 159 36.49 14.93 20.15
N VAL I 160 35.52 14.53 19.32
CA VAL I 160 34.12 14.61 19.73
C VAL I 160 33.91 13.84 21.03
N ARG I 161 34.39 12.61 21.06
CA ARG I 161 34.23 11.73 22.21
C ARG I 161 34.88 12.33 23.46
N ALA I 162 36.09 12.86 23.33
CA ALA I 162 36.76 13.47 24.47
C ALA I 162 35.98 14.66 25.01
N ILE I 163 35.49 15.51 24.10
CA ILE I 163 34.73 16.70 24.52
C ILE I 163 33.50 16.28 25.31
N LYS I 164 32.81 15.26 24.82
CA LYS I 164 31.56 14.85 25.44
C LYS I 164 31.79 14.14 26.78
N GLU I 165 32.91 13.44 26.91
CA GLU I 165 33.21 12.76 28.17
C GLU I 165 33.40 13.75 29.31
N LEU I 166 34.08 14.86 29.02
CA LEU I 166 34.36 15.89 30.02
C LEU I 166 33.23 16.89 30.16
N ASN I 167 32.42 17.00 29.11
CA ASN I 167 31.36 18.00 29.05
C ASN I 167 30.07 17.40 28.53
N PRO I 168 29.39 16.60 29.38
CA PRO I 168 28.21 15.82 28.97
C PRO I 168 27.05 16.64 28.44
N SER I 169 27.00 17.93 28.76
CA SER I 169 25.87 18.76 28.36
CA SER I 169 25.86 18.76 28.36
C SER I 169 26.23 19.73 27.23
N THR I 170 27.43 19.61 26.71
CA THR I 170 27.92 20.51 25.66
C THR I 170 27.66 19.90 24.28
N GLY I 171 27.00 20.68 23.41
CA GLY I 171 26.74 20.19 22.07
C GLY I 171 27.99 20.31 21.24
N VAL I 172 28.18 19.44 20.25
CA VAL I 172 29.38 19.50 19.42
C VAL I 172 29.03 19.60 17.94
N GLU I 173 29.64 20.57 17.25
CA GLU I 173 29.50 20.69 15.81
C GLU I 173 30.86 20.38 15.20
N LEU I 174 30.91 19.31 14.40
CA LEU I 174 32.16 18.85 13.79
C LEU I 174 32.18 19.03 12.28
N LEU I 175 33.11 19.85 11.81
CA LEU I 175 33.28 20.16 10.39
C LEU I 175 34.43 19.32 9.88
N ILE I 176 34.10 18.34 9.03
CA ILE I 176 35.07 17.33 8.62
C ILE I 176 35.52 17.49 7.18
N PRO I 177 36.70 16.94 6.87
CA PRO I 177 37.04 16.64 5.48
C PRO I 177 36.15 15.46 4.96
N ASP I 178 36.43 14.89 3.79
CA ASP I 178 35.55 13.83 3.26
C ASP I 178 36.04 12.42 3.62
N PHE I 179 37.28 12.32 4.14
CA PHE I 179 37.95 11.03 4.35
C PHE I 179 37.82 10.14 3.10
N ASN I 180 37.90 10.79 1.94
CA ASN I 180 37.75 10.17 0.62
C ASN I 180 36.42 9.45 0.43
N GLY I 181 35.41 9.88 1.15
CA GLY I 181 34.11 9.23 1.12
C GLY I 181 34.13 7.77 1.55
N GLU I 182 35.15 7.34 2.28
CA GLU I 182 35.25 5.92 2.69
C GLU I 182 34.29 5.61 3.83
N PRO I 183 33.32 4.72 3.58
CA PRO I 183 32.20 4.52 4.51
C PRO I 183 32.59 4.15 5.94
N THR I 184 33.68 3.42 6.16
CA THR I 184 34.00 3.00 7.52
C THR I 184 34.78 4.09 8.29
N ARG I 185 35.56 4.90 7.58
CA ARG I 185 36.12 6.11 8.19
C ARG I 185 35.01 7.07 8.61
N LEU I 186 34.08 7.32 7.70
CA LEU I 186 32.92 8.17 8.00
C LEU I 186 32.09 7.59 9.15
N ALA I 187 31.83 6.28 9.10
CA ALA I 187 31.05 5.65 10.17
C ALA I 187 31.70 5.84 11.55
N GLU I 188 33.02 5.80 11.61
CA GLU I 188 33.69 5.94 12.90
C GLU I 188 33.50 7.35 13.45
N VAL I 189 33.58 8.35 12.57
CA VAL I 189 33.27 9.72 12.96
C VAL I 189 31.80 9.88 13.35
N PHE I 190 30.88 9.36 12.53
CA PHE I 190 29.44 9.48 12.83
C PHE I 190 29.10 8.84 14.17
N GLU I 191 29.75 7.74 14.49
CA GLU I 191 29.49 7.03 15.73
C GLU I 191 29.88 7.86 16.97
N SER I 192 30.72 8.88 16.82
CA SER I 192 31.03 9.73 17.96
C SER I 192 29.83 10.63 18.35
N GLY I 193 28.87 10.73 17.43
CA GLY I 193 27.61 11.41 17.72
C GLY I 193 27.64 12.92 17.93
N PRO I 194 28.33 13.67 17.06
CA PRO I 194 28.21 15.14 17.23
C PRO I 194 26.77 15.59 16.98
N GLU I 195 26.36 16.71 17.57
CA GLU I 195 25.01 17.24 17.33
C GLU I 195 24.84 17.69 15.88
N VAL I 196 25.91 18.24 15.32
CA VAL I 196 25.88 18.65 13.92
C VAL I 196 27.13 18.12 13.23
N LEU I 197 26.91 17.45 12.09
CA LEU I 197 28.00 17.00 11.26
C LEU I 197 28.04 17.91 10.04
N ALA I 198 29.10 18.71 9.92
CA ALA I 198 29.23 19.62 8.79
C ALA I 198 30.27 19.11 7.82
N HIS I 199 29.99 19.24 6.53
CA HIS I 199 30.98 19.00 5.52
C HIS I 199 30.65 19.91 4.35
N ASN I 200 31.61 20.72 3.94
CA ASN I 200 31.32 21.81 3.04
C ASN I 200 31.57 21.51 1.56
N VAL I 201 30.52 21.73 0.77
CA VAL I 201 30.63 21.56 -0.68
CA VAL I 201 30.60 21.57 -0.68
C VAL I 201 31.36 22.75 -1.30
N GLU I 202 31.16 23.95 -0.74
CA GLU I 202 31.90 25.17 -1.10
C GLU I 202 31.60 25.76 -2.45
N THR I 203 31.64 24.95 -3.49
CA THR I 203 31.45 25.51 -4.82
C THR I 203 30.72 24.54 -5.77
N VAL I 204 30.68 24.89 -7.06
CA VAL I 204 29.78 24.27 -8.01
C VAL I 204 30.55 23.41 -9.01
N PRO I 205 29.86 22.46 -9.68
CA PRO I 205 30.58 21.43 -10.44
C PRO I 205 31.48 21.95 -11.54
N ARG I 206 31.10 23.05 -12.17
CA ARG I 206 31.84 23.54 -13.32
C ARG I 206 33.26 23.94 -12.94
N ILE I 207 33.44 24.50 -11.74
CA ILE I 207 34.76 24.96 -11.34
C ILE I 207 35.34 24.21 -10.16
N PHE I 208 34.67 23.13 -9.75
CA PHE I 208 35.04 22.43 -8.53
C PHE I 208 36.49 21.93 -8.51
N LYS I 209 36.92 21.27 -9.59
CA LYS I 209 38.28 20.69 -9.64
C LYS I 209 39.34 21.78 -9.53
N ARG I 210 39.05 22.95 -10.08
CA ARG I 210 39.96 24.08 -9.98
C ARG I 210 40.10 24.61 -8.54
N ILE I 211 39.08 24.40 -7.71
CA ILE I 211 39.06 25.04 -6.38
C ILE I 211 39.44 24.07 -5.28
N ARG I 212 38.90 22.87 -5.37
CA ARG I 212 39.07 21.85 -4.36
C ARG I 212 39.45 20.50 -4.99
N PRO I 213 40.66 20.42 -5.58
CA PRO I 213 41.13 19.31 -6.40
C PRO I 213 41.11 17.93 -5.72
N ALA I 214 41.36 17.87 -4.42
CA ALA I 214 41.37 16.58 -3.72
C ALA I 214 39.98 16.12 -3.29
N PHE I 215 38.95 16.87 -3.64
CA PHE I 215 37.57 16.50 -3.32
C PHE I 215 36.79 16.39 -4.61
N THR I 216 35.54 15.94 -4.55
CA THR I 216 34.63 16.17 -5.67
C THR I 216 33.26 16.62 -5.16
N TYR I 217 32.53 17.28 -6.06
CA TYR I 217 31.19 17.79 -5.76
C TYR I 217 30.27 16.66 -5.31
N ARG I 218 30.24 15.56 -6.08
CA ARG I 218 29.32 14.47 -5.77
C ARG I 218 29.76 13.68 -4.55
N ARG I 219 31.07 13.52 -4.37
CA ARG I 219 31.57 12.83 -3.19
C ARG I 219 31.22 13.61 -1.93
N SER I 220 31.38 14.92 -1.97
CA SER I 220 31.11 15.71 -0.77
C SER I 220 29.61 15.73 -0.47
N LEU I 221 28.78 15.78 -1.52
CA LEU I 221 27.34 15.65 -1.31
C LEU I 221 27.03 14.30 -0.72
N GLY I 222 27.77 13.29 -1.17
CA GLY I 222 27.64 11.95 -0.63
C GLY I 222 27.92 11.84 0.85
N VAL I 223 28.91 12.60 1.33
CA VAL I 223 29.27 12.59 2.74
C VAL I 223 28.09 13.05 3.61
N LEU I 224 27.41 14.09 3.14
CA LEU I 224 26.26 14.64 3.85
C LEU I 224 25.12 13.59 3.92
N THR I 225 24.91 12.93 2.79
CA THR I 225 23.86 11.92 2.67
C THR I 225 24.13 10.80 3.66
N ALA I 226 25.38 10.36 3.72
CA ALA I 226 25.78 9.29 4.65
C ALA I 226 25.55 9.73 6.08
N ALA I 227 25.89 10.98 6.38
CA ALA I 227 25.67 11.55 7.71
C ALA I 227 24.18 11.61 8.10
N ARG I 228 23.35 12.04 7.15
CA ARG I 228 21.90 12.06 7.30
CA ARG I 228 21.92 12.07 7.43
C ARG I 228 21.37 10.65 7.60
N ASP I 229 21.82 9.70 6.79
CA ASP I 229 21.38 8.31 6.89
C ASP I 229 21.79 7.70 8.22
N ALA I 230 22.85 8.24 8.83
CA ALA I 230 23.32 7.77 10.12
C ALA I 230 22.54 8.43 11.27
N GLY I 231 21.61 9.31 10.91
CA GLY I 231 20.75 9.95 11.89
C GLY I 231 21.23 11.29 12.40
N LEU I 232 22.27 11.82 11.78
CA LEU I 232 22.87 13.07 12.24
C LEU I 232 22.20 14.29 11.62
N VAL I 233 22.21 15.42 12.31
CA VAL I 233 21.84 16.68 11.71
C VAL I 233 23.03 17.16 10.89
N THR I 234 22.81 17.58 9.64
CA THR I 234 23.90 17.90 8.74
C THR I 234 23.96 19.37 8.36
N LYS I 235 25.15 19.82 7.96
CA LYS I 235 25.37 21.24 7.68
C LYS I 235 26.38 21.39 6.56
N SER I 236 26.23 22.43 5.75
CA SER I 236 27.22 22.63 4.70
C SER I 236 27.26 24.11 4.35
N ASN I 237 28.14 24.45 3.40
CA ASN I 237 28.51 25.84 3.15
C ASN I 237 28.76 26.08 1.66
N LEU I 238 28.44 27.29 1.20
CA LEU I 238 28.86 27.74 -0.13
C LEU I 238 29.68 29.00 -0.02
N ILE I 239 30.76 29.06 -0.80
CA ILE I 239 31.65 30.21 -0.84
C ILE I 239 31.43 30.91 -2.17
N LEU I 240 30.79 32.07 -2.16
CA LEU I 240 30.52 32.76 -3.41
C LEU I 240 31.63 33.74 -3.74
N GLY I 241 31.78 34.05 -5.03
CA GLY I 241 32.79 35.00 -5.46
C GLY I 241 33.98 34.28 -6.07
N LEU I 242 33.81 32.98 -6.32
CA LEU I 242 34.89 32.16 -6.91
C LEU I 242 34.72 31.94 -8.42
N GLY I 243 33.69 32.53 -9.01
CA GLY I 243 33.47 32.41 -10.44
C GLY I 243 32.18 31.72 -10.82
N GLU I 244 31.49 31.16 -9.82
CA GLU I 244 30.18 30.53 -10.03
C GLU I 244 29.14 31.57 -10.47
N THR I 245 28.06 31.13 -11.10
CA THR I 245 26.93 32.01 -11.42
C THR I 245 25.83 31.91 -10.35
N SER I 246 24.95 32.90 -10.27
CA SER I 246 23.80 32.80 -9.36
C SER I 246 22.93 31.56 -9.66
N ASP I 247 22.79 31.22 -10.93
CA ASP I 247 22.04 30.04 -11.31
C ASP I 247 22.68 28.76 -10.76
N GLU I 248 24.00 28.66 -10.87
CA GLU I 248 24.71 27.52 -10.31
C GLU I 248 24.56 27.43 -8.79
N VAL I 249 24.57 28.58 -8.11
CA VAL I 249 24.36 28.63 -6.66
C VAL I 249 23.00 28.07 -6.29
N ARG I 250 21.97 28.47 -7.03
CA ARG I 250 20.63 28.00 -6.77
C ARG I 250 20.51 26.50 -7.02
N THR I 251 21.14 26.01 -8.09
CA THR I 251 21.17 24.57 -8.31
C THR I 251 21.93 23.81 -7.20
N ALA I 252 23.02 24.39 -6.71
CA ALA I 252 23.80 23.73 -5.67
C ALA I 252 22.98 23.66 -4.38
N LEU I 253 22.22 24.70 -4.11
CA LEU I 253 21.34 24.72 -2.94
C LEU I 253 20.30 23.60 -3.06
N GLY I 254 19.78 23.40 -4.27
CA GLY I 254 18.87 22.29 -4.54
C GLY I 254 19.57 20.96 -4.36
N ASP I 255 20.79 20.85 -4.89
CA ASP I 255 21.56 19.62 -4.71
C ASP I 255 21.80 19.33 -3.23
N LEU I 256 22.08 20.37 -2.45
CA LEU I 256 22.29 20.17 -1.02
C LEU I 256 21.02 19.66 -0.33
N ARG I 257 19.88 20.24 -0.70
CA ARG I 257 18.61 19.81 -0.14
C ARG I 257 18.39 18.33 -0.49
N ASP I 258 18.57 17.97 -1.75
CA ASP I 258 18.38 16.58 -2.19
C ASP I 258 19.31 15.61 -1.44
N ALA I 259 20.50 16.08 -1.12
CA ALA I 259 21.51 15.22 -0.50
C ALA I 259 21.22 14.97 0.95
N GLY I 260 20.31 15.76 1.51
CA GLY I 260 19.92 15.63 2.90
C GLY I 260 20.61 16.59 3.85
N CYS I 261 21.09 17.71 3.31
CA CYS I 261 21.69 18.79 4.11
C CYS I 261 20.61 19.56 4.86
N ASP I 262 20.73 19.66 6.18
CA ASP I 262 19.71 20.32 7.00
C ASP I 262 19.95 21.81 7.13
N ILE I 263 21.22 22.18 7.27
CA ILE I 263 21.59 23.55 7.60
C ILE I 263 22.60 24.05 6.59
N VAL I 264 22.43 25.27 6.10
CA VAL I 264 23.37 25.77 5.10
C VAL I 264 23.73 27.23 5.36
N THR I 265 25.02 27.51 5.21
CA THR I 265 25.52 28.87 5.23
C THR I 265 25.97 29.29 3.83
N ILE I 266 25.75 30.56 3.52
CA ILE I 266 26.01 31.13 2.20
C ILE I 266 26.82 32.40 2.42
N THR I 267 28.00 32.48 1.80
CA THR I 267 29.05 33.37 2.29
C THR I 267 29.84 34.02 1.17
N GLN I 268 30.67 35.02 1.53
CA GLN I 268 31.56 35.67 0.58
C GLN I 268 33.02 35.26 0.74
N TYR I 269 33.61 34.88 -0.37
CA TYR I 269 35.03 34.60 -0.44
C TYR I 269 35.86 35.85 -0.19
N LEU I 270 36.81 35.77 0.73
CA LEU I 270 37.89 36.76 0.85
C LEU I 270 39.20 36.13 0.46
N ARG I 271 39.89 36.75 -0.48
CA ARG I 271 41.17 36.22 -0.99
C ARG I 271 42.32 36.41 0.01
N PRO I 272 42.93 35.31 0.47
CA PRO I 272 43.99 35.39 1.49
C PRO I 272 45.31 35.98 1.01
N SER I 273 45.68 35.75 -0.25
CA SER I 273 46.97 36.18 -0.80
C SER I 273 46.90 36.19 -2.32
N ALA I 274 47.93 36.72 -2.97
CA ALA I 274 47.97 36.76 -4.43
C ALA I 274 47.98 35.37 -5.06
N ARG I 275 48.52 34.37 -4.35
CA ARG I 275 48.56 33.02 -4.89
C ARG I 275 47.17 32.36 -4.89
N HIS I 276 46.25 32.90 -4.10
CA HIS I 276 44.92 32.31 -3.99
C HIS I 276 43.99 32.85 -5.08
N HIS I 277 42.86 32.19 -5.28
CA HIS I 277 41.92 32.58 -6.33
C HIS I 277 41.55 34.06 -6.26
N PRO I 278 41.49 34.73 -7.41
CA PRO I 278 40.98 36.11 -7.40
C PRO I 278 39.50 36.17 -6.95
N VAL I 279 39.09 37.31 -6.43
CA VAL I 279 37.67 37.48 -6.09
C VAL I 279 36.94 37.85 -7.37
N GLU I 280 36.03 36.99 -7.79
CA GLU I 280 35.34 37.20 -9.07
C GLU I 280 34.06 38.01 -8.98
N ARG I 281 33.52 38.12 -7.77
CA ARG I 281 32.25 38.83 -7.57
C ARG I 281 32.17 39.27 -6.13
N TRP I 282 31.73 40.50 -5.91
CA TRP I 282 31.39 40.92 -4.56
C TRP I 282 29.88 40.87 -4.51
N VAL I 283 29.38 39.85 -3.83
CA VAL I 283 27.95 39.62 -3.70
C VAL I 283 27.38 40.69 -2.77
N LYS I 284 26.35 41.39 -3.22
CA LYS I 284 25.78 42.49 -2.45
C LYS I 284 24.97 41.97 -1.28
N PRO I 285 24.91 42.71 -0.17
CA PRO I 285 24.09 42.28 0.96
C PRO I 285 22.66 41.86 0.57
N GLU I 286 21.98 42.64 -0.25
CA GLU I 286 20.62 42.29 -0.65
C GLU I 286 20.59 40.99 -1.46
N GLU I 287 21.66 40.71 -2.19
CA GLU I 287 21.75 39.46 -2.94
C GLU I 287 21.89 38.24 -2.02
N PHE I 288 22.61 38.38 -0.91
CA PHE I 288 22.66 37.33 0.11
C PHE I 288 21.28 37.11 0.71
N VAL I 289 20.56 38.20 0.96
CA VAL I 289 19.22 38.10 1.48
C VAL I 289 18.37 37.29 0.48
N GLN I 290 18.56 37.56 -0.81
CA GLN I 290 17.81 36.85 -1.85
C GLN I 290 18.10 35.36 -1.85
N PHE I 291 19.39 35.03 -1.77
CA PHE I 291 19.80 33.63 -1.69
C PHE I 291 19.21 32.94 -0.47
N ALA I 292 19.18 33.64 0.67
CA ALA I 292 18.65 33.05 1.89
C ALA I 292 17.18 32.72 1.71
N ARG I 293 16.47 33.65 1.07
CA ARG I 293 15.06 33.51 0.74
C ARG I 293 14.82 32.28 -0.15
N PHE I 294 15.67 32.15 -1.18
CA PHE I 294 15.61 31.00 -2.06
C PHE I 294 15.83 29.72 -1.28
N ALA I 295 16.85 29.70 -0.42
CA ALA I 295 17.16 28.49 0.34
C ALA I 295 16.02 28.13 1.30
N GLU I 296 15.45 29.13 1.94
CA GLU I 296 14.37 28.86 2.87
C GLU I 296 13.18 28.24 2.14
N GLY I 297 13.00 28.62 0.87
CA GLY I 297 11.94 28.09 0.04
C GLY I 297 12.17 26.62 -0.36
N LEU I 298 13.41 26.14 -0.21
CA LEU I 298 13.74 24.74 -0.51
C LEU I 298 13.46 23.81 0.69
N GLY I 299 13.41 24.36 1.90
CA GLY I 299 12.99 23.55 3.04
C GLY I 299 14.04 23.29 4.11
N PHE I 300 15.18 23.99 4.04
CA PHE I 300 16.23 23.81 5.03
C PHE I 300 15.80 24.09 6.47
N ALA I 301 16.34 23.32 7.42
CA ALA I 301 16.08 23.55 8.84
C ALA I 301 16.72 24.83 9.32
N GLY I 302 17.85 25.16 8.74
CA GLY I 302 18.59 26.36 9.14
C GLY I 302 19.26 26.98 7.93
N VAL I 303 19.16 28.30 7.81
CA VAL I 303 19.78 29.05 6.72
C VAL I 303 20.39 30.30 7.29
N LEU I 304 21.65 30.54 6.96
CA LEU I 304 22.29 31.81 7.37
C LEU I 304 23.16 32.33 6.22
N ALA I 305 22.85 33.51 5.70
CA ALA I 305 23.63 34.06 4.58
C ALA I 305 24.10 35.47 4.85
N GLY I 306 25.29 35.79 4.37
CA GLY I 306 25.89 37.11 4.57
C GLY I 306 27.36 37.03 4.19
N PRO I 307 28.00 38.17 3.88
CA PRO I 307 29.36 38.19 3.36
C PRO I 307 30.30 37.54 4.34
N LEU I 308 30.16 37.86 5.62
CA LEU I 308 31.09 37.33 6.60
C LEU I 308 30.53 36.17 7.42
N VAL I 309 29.39 35.63 7.02
CA VAL I 309 28.94 34.37 7.64
C VAL I 309 30.02 33.33 7.30
N ARG I 310 30.22 32.37 8.20
CA ARG I 310 31.13 31.26 7.97
C ARG I 310 30.47 30.03 8.59
N SER I 311 31.02 28.84 8.34
CA SER I 311 30.45 27.58 8.84
CA SER I 311 30.44 27.59 8.82
C SER I 311 30.15 27.61 10.33
N SER I 312 31.08 28.11 11.13
CA SER I 312 30.89 28.08 12.58
C SER I 312 30.29 29.35 13.18
N TYR I 313 30.10 30.37 12.35
CA TYR I 313 29.62 31.68 12.82
C TYR I 313 28.25 31.62 13.47
N ARG I 314 28.18 32.00 14.74
CA ARG I 314 26.96 31.88 15.56
C ARG I 314 26.31 30.49 15.40
N ALA I 315 27.15 29.45 15.40
CA ALA I 315 26.67 28.09 15.10
C ALA I 315 25.69 27.59 16.14
N GLY I 316 25.98 27.85 17.40
CA GLY I 316 25.09 27.45 18.48
C GLY I 316 23.68 27.98 18.31
N ARG I 317 23.58 29.26 17.97
CA ARG I 317 22.30 29.90 17.77
C ARG I 317 21.57 29.31 16.58
N LEU I 318 22.35 29.06 15.53
CA LEU I 318 21.76 28.50 14.31
C LEU I 318 21.25 27.08 14.58
N TYR I 319 22.00 26.30 15.34
CA TYR I 319 21.58 24.95 15.69
C TYR I 319 20.30 24.93 16.50
N GLU I 320 20.19 25.87 17.43
CA GLU I 320 19.01 25.95 18.28
C GLU I 320 17.80 26.26 17.44
N GLN I 321 17.97 27.19 16.49
CA GLN I 321 16.92 27.55 15.57
C GLN I 321 16.49 26.35 14.72
N ALA I 322 17.47 25.63 14.19
CA ALA I 322 17.19 24.47 13.34
C ALA I 322 16.57 23.31 14.13
N ARG I 323 17.00 23.15 15.38
CA ARG I 323 16.40 22.15 16.27
C ARG I 323 14.92 22.42 16.52
N ASN I 324 14.53 23.69 16.56
CA ASN I 324 13.14 24.08 16.78
C ASN I 324 12.35 24.21 15.49
N SER I 325 13.03 24.00 14.36
CA SER I 325 12.42 24.30 13.07
C SER I 325 11.42 23.23 12.64
N ARG I 326 10.40 23.66 11.90
CA ARG I 326 9.36 22.76 11.40
C ARG I 326 9.89 21.83 10.31
N THR J 3 44.88 38.03 9.71
CA THR J 3 43.55 37.94 9.14
C THR J 3 43.53 38.47 7.69
O XOK J 4 42.70 39.48 3.52
N XOK J 4 42.58 37.97 6.90
CA XOK J 4 42.50 38.15 5.48
C XOK J 4 42.61 39.50 4.78
CB XOK J 4 41.19 37.57 5.03
CG XOK J 4 41.34 36.55 3.93
CD XOK J 4 41.06 35.16 4.47
CE XOK J 4 39.60 34.92 4.82
NZ XOK J 4 39.65 33.81 5.71
C1 XOK J 4 38.40 33.25 6.04
O1 XOK J 4 37.35 33.67 5.61
C2 XOK J 4 38.44 32.08 6.99
C3 XOK J 4 37.11 31.56 7.45
C4 XOK J 4 37.29 30.64 8.64
C5 XOK J 4 35.97 30.21 9.26
C6 XOK J 4 36.13 29.63 10.65
C7 XOK J 4 34.84 29.02 11.13
C8 XOK J 4 34.50 27.79 10.31
S6 XOK J 4 36.81 30.84 11.78
N SER J 5 42.58 40.61 5.53
CA SER J 5 42.53 42.01 5.08
C SER J 5 41.11 42.57 5.12
N VAL J 6 40.75 43.10 6.28
CA VAL J 6 39.49 43.81 6.48
C VAL J 6 39.72 45.00 7.42
N SER J 7 39.44 46.21 6.95
CA SER J 7 39.57 47.39 7.80
C SER J 7 38.31 47.62 8.64
N ASP J 8 38.41 48.53 9.61
CA ASP J 8 37.26 48.90 10.44
C ASP J 8 36.77 50.29 10.05
N LEU K 31 -7.72 33.41 49.90
CA LEU K 31 -8.72 33.00 50.88
C LEU K 31 -8.11 32.07 51.92
N ARG K 32 -8.79 31.90 53.04
CA ARG K 32 -8.27 31.08 54.13
C ARG K 32 -8.26 29.59 53.78
N LEU K 33 -9.08 29.19 52.81
CA LEU K 33 -9.09 27.80 52.34
C LEU K 33 -7.77 27.46 51.66
N GLU K 34 -7.26 28.40 50.88
CA GLU K 34 -6.00 28.24 50.17
C GLU K 34 -4.80 28.20 51.11
N VAL K 35 -4.84 29.03 52.14
CA VAL K 35 -3.78 29.03 53.14
C VAL K 35 -3.76 27.68 53.85
N ARG K 36 -4.93 27.23 54.29
CA ARG K 36 -5.03 25.95 54.97
C ARG K 36 -4.57 24.81 54.07
N ASN K 37 -4.95 24.87 52.78
CA ASN K 37 -4.48 23.89 51.82
C ASN K 37 -2.96 23.83 51.81
N ALA K 38 -2.32 24.98 51.68
CA ALA K 38 -0.87 25.03 51.48
C ALA K 38 -0.07 24.56 52.71
N GLN K 39 -0.75 24.41 53.83
CA GLN K 39 -0.08 23.90 55.02
C GLN K 39 0.15 22.41 54.94
N THR K 40 -0.53 21.75 54.00
CA THR K 40 -0.23 20.35 53.72
C THR K 40 0.82 20.26 52.63
N PRO K 41 1.97 19.66 52.95
CA PRO K 41 3.06 19.59 51.97
C PRO K 41 2.64 18.85 50.70
N ILE K 42 3.31 19.17 49.60
CA ILE K 42 3.08 18.54 48.33
C ILE K 42 3.32 17.03 48.43
N GLU K 43 2.33 16.26 48.02
CA GLU K 43 2.40 14.80 48.12
C GLU K 43 3.29 14.21 47.02
N ARG K 44 4.11 13.21 47.37
CA ARG K 44 4.84 12.46 46.35
C ARG K 44 3.87 11.58 45.55
N LYS K 45 4.09 11.48 44.26
CA LYS K 45 3.21 10.71 43.40
C LYS K 45 3.58 9.22 43.41
N PRO K 46 2.57 8.34 43.45
CA PRO K 46 2.86 6.91 43.36
C PRO K 46 3.36 6.55 41.96
N PRO K 47 4.02 5.39 41.81
CA PRO K 47 4.73 5.14 40.56
C PRO K 47 3.81 4.94 39.37
N TRP K 48 2.53 4.62 39.60
CA TRP K 48 1.64 4.40 38.47
C TRP K 48 1.15 5.72 37.85
N ILE K 49 1.35 6.84 38.54
CA ILE K 49 1.08 8.15 37.95
C ILE K 49 2.26 8.53 37.06
N LYS K 50 2.22 8.12 35.80
CA LYS K 50 3.36 8.41 34.95
C LYS K 50 2.94 8.58 33.51
N THR K 51 3.51 9.57 32.86
CA THR K 51 3.23 9.83 31.48
C THR K 51 4.48 9.63 30.70
N ARG K 52 4.36 9.37 29.41
CA ARG K 52 5.48 9.60 28.51
C ARG K 52 5.24 10.93 27.84
N ALA K 53 6.03 11.91 28.22
CA ALA K 53 5.89 13.23 27.73
C ALA K 53 6.29 13.28 26.26
N ARG K 54 7.29 14.05 25.96
CA ARG K 54 7.84 14.13 24.64
C ARG K 54 6.93 14.86 23.70
N ILE K 55 7.31 16.11 23.53
CA ILE K 55 6.79 16.95 22.51
C ILE K 55 7.03 16.23 21.21
N GLY K 56 6.15 16.38 20.28
CA GLY K 56 6.33 15.94 18.90
C GLY K 56 5.83 17.00 17.95
N PRO K 57 5.91 16.74 16.64
CA PRO K 57 5.45 17.72 15.63
C PRO K 57 3.97 18.06 15.74
N GLU K 58 3.14 17.05 16.05
CA GLU K 58 1.69 17.24 16.14
C GLU K 58 1.35 18.22 17.25
N TYR K 59 2.00 18.02 18.40
CA TYR K 59 1.87 18.89 19.56
C TYR K 59 2.18 20.33 19.19
N THR K 60 3.31 20.52 18.53
CA THR K 60 3.74 21.86 18.15
C THR K 60 2.81 22.51 17.11
N GLU K 61 2.36 21.72 16.14
CA GLU K 61 1.41 22.20 15.16
C GLU K 61 0.14 22.69 15.86
N LEU K 62 -0.40 21.84 16.74
CA LEU K 62 -1.58 22.16 17.51
C LEU K 62 -1.37 23.41 18.35
N LYS K 63 -0.20 23.53 18.98
CA LYS K 63 0.15 24.73 19.72
C LYS K 63 0.08 25.99 18.83
N ASN K 64 0.64 25.90 17.63
CA ASN K 64 0.66 27.07 16.74
C ASN K 64 -0.75 27.44 16.28
N LEU K 65 -1.54 26.43 15.96
CA LEU K 65 -2.90 26.62 15.51
C LEU K 65 -3.70 27.39 16.56
N VAL K 66 -3.55 27.01 17.82
CA VAL K 66 -4.29 27.62 18.92
C VAL K 66 -3.95 29.09 19.11
N ARG K 67 -2.66 29.42 19.01
CA ARG K 67 -2.26 30.80 19.14
C ARG K 67 -2.68 31.60 17.90
N ARG K 68 -2.55 30.99 16.74
CA ARG K 68 -2.94 31.60 15.48
C ARG K 68 -4.42 32.02 15.49
N GLU K 69 -5.25 31.21 16.13
CA GLU K 69 -6.68 31.42 16.07
C GLU K 69 -7.25 32.00 17.36
N GLY K 70 -6.36 32.42 18.26
CA GLY K 70 -6.80 33.07 19.48
C GLY K 70 -7.72 32.20 20.30
N LEU K 71 -7.39 30.91 20.37
CA LEU K 71 -8.18 29.96 21.12
C LEU K 71 -7.49 29.55 22.41
N HIS K 72 -8.21 28.82 23.25
CA HIS K 72 -7.62 28.22 24.44
C HIS K 72 -7.99 26.74 24.49
N THR K 73 -7.16 25.94 25.14
CA THR K 73 -7.49 24.52 25.38
C THR K 73 -7.53 24.29 26.88
N VAL K 74 -8.42 23.40 27.31
CA VAL K 74 -8.44 23.03 28.71
C VAL K 74 -7.18 22.21 29.06
N CYS K 75 -6.68 21.48 28.07
CA CYS K 75 -5.42 20.73 28.21
C CYS K 75 -4.33 21.63 28.78
N GLU K 76 -4.19 22.83 28.21
CA GLU K 76 -3.20 23.77 28.71
C GLU K 76 -3.63 24.45 30.00
N GLU K 77 -4.81 25.09 30.00
CA GLU K 77 -5.21 25.92 31.13
C GLU K 77 -5.37 25.11 32.41
N ALA K 78 -5.89 23.89 32.31
CA ALA K 78 -6.06 23.07 33.51
C ALA K 78 -4.82 22.24 33.85
N GLY K 79 -3.79 22.35 33.03
CA GLY K 79 -2.51 21.69 33.33
C GLY K 79 -2.50 20.17 33.20
N CYS K 80 -3.25 19.64 32.23
CA CYS K 80 -3.41 18.19 32.15
C CYS K 80 -2.10 17.48 31.82
N PRO K 81 -1.80 16.41 32.57
CA PRO K 81 -0.57 15.66 32.31
C PRO K 81 -0.58 14.89 31.00
N ASN K 82 -1.77 14.65 30.43
CA ASN K 82 -1.88 13.88 29.21
C ASN K 82 -1.58 14.67 27.94
N ILE K 83 -1.21 15.95 28.07
CA ILE K 83 -1.24 16.83 26.90
C ILE K 83 -0.33 16.29 25.79
N PHE K 84 0.83 15.76 26.15
CA PHE K 84 1.73 15.21 25.14
C PHE K 84 1.15 13.99 24.45
N GLU K 85 0.53 13.11 25.24
CA GLU K 85 -0.09 11.90 24.69
C GLU K 85 -1.27 12.20 23.77
N CYS K 86 -2.19 13.04 24.24
CA CYS K 86 -3.35 13.37 23.45
C CYS K 86 -2.99 14.14 22.18
N TRP K 87 -2.15 15.16 22.33
CA TRP K 87 -1.89 16.03 21.19
C TRP K 87 -1.07 15.32 20.11
N GLU K 88 -0.22 14.37 20.51
CA GLU K 88 0.46 13.54 19.52
C GLU K 88 -0.55 12.80 18.65
N ASP K 89 -1.70 12.47 19.22
CA ASP K 89 -2.74 11.77 18.48
C ASP K 89 -3.74 12.72 17.84
N ARG K 90 -3.42 14.01 17.88
CA ARG K 90 -4.30 15.06 17.33
C ARG K 90 -5.63 15.07 18.07
N GLU K 91 -5.57 14.80 19.36
CA GLU K 91 -6.74 14.89 20.21
C GLU K 91 -6.47 16.01 21.19
N ALA K 92 -7.43 16.90 21.34
CA ALA K 92 -7.28 18.06 22.21
C ALA K 92 -8.67 18.59 22.49
N THR K 93 -8.82 19.34 23.57
CA THR K 93 -10.14 19.80 23.97
C THR K 93 -10.16 21.31 24.15
N PHE K 94 -11.03 21.96 23.39
CA PHE K 94 -11.08 23.41 23.39
C PHE K 94 -11.66 23.89 24.71
N LEU K 95 -11.14 25.01 25.20
CA LEU K 95 -11.77 25.77 26.29
C LEU K 95 -12.33 27.09 25.73
N ILE K 96 -13.66 27.21 25.67
CA ILE K 96 -14.30 28.42 25.15
C ILE K 96 -14.65 29.39 26.27
N GLY K 97 -14.82 30.66 25.91
CA GLY K 97 -15.24 31.67 26.86
C GLY K 97 -14.12 32.39 27.59
N GLY K 98 -12.89 32.26 27.08
CA GLY K 98 -11.75 32.89 27.71
C GLY K 98 -11.07 31.95 28.67
N ASP K 99 -10.01 32.43 29.32
CA ASP K 99 -9.25 31.60 30.24
C ASP K 99 -9.41 32.09 31.69
N GLN K 100 -10.41 32.94 31.91
CA GLN K 100 -10.77 33.40 33.24
C GLN K 100 -12.13 32.83 33.63
N CYS K 101 -12.18 32.03 34.68
CA CYS K 101 -13.45 31.46 35.12
C CYS K 101 -14.05 32.31 36.23
N THR K 102 -15.39 32.44 36.25
CA THR K 102 -16.05 33.18 37.32
C THR K 102 -16.25 32.35 38.58
N ARG K 103 -15.95 31.05 38.50
CA ARG K 103 -16.03 30.17 39.65
C ARG K 103 -14.65 29.66 40.06
N ARG K 104 -14.57 29.06 41.23
N ARG K 104 -14.60 29.01 41.21
CA ARG K 104 -13.31 28.53 41.76
CA ARG K 104 -13.35 28.54 41.80
C ARG K 104 -13.56 27.17 42.39
C ARG K 104 -13.55 27.16 42.43
N CYS K 105 -13.09 26.12 41.75
CA CYS K 105 -13.22 24.76 42.27
C CYS K 105 -11.87 24.33 42.80
N ASP K 106 -11.84 23.65 43.95
CA ASP K 106 -10.58 23.50 44.69
C ASP K 106 -9.65 22.46 44.10
N PHE K 107 -10.05 21.85 42.98
CA PHE K 107 -9.16 20.96 42.26
C PHE K 107 -8.62 21.61 40.99
N CYS K 108 -9.16 22.77 40.62
CA CYS K 108 -8.98 23.30 39.27
C CYS K 108 -7.95 24.44 39.17
N GLN K 109 -6.98 24.24 38.28
CA GLN K 109 -5.90 25.17 38.01
C GLN K 109 -6.29 26.42 37.21
N ILE K 110 -7.40 26.33 36.48
CA ILE K 110 -7.79 27.43 35.62
C ILE K 110 -7.98 28.69 36.48
N ASP K 111 -7.48 29.82 35.98
CA ASP K 111 -7.62 31.11 36.64
C ASP K 111 -9.06 31.46 36.99
N THR K 112 -9.25 32.00 38.17
CA THR K 112 -10.52 32.60 38.59
C THR K 112 -10.37 34.12 38.45
N GLY K 113 -11.29 34.75 37.73
CA GLY K 113 -11.17 36.19 37.53
C GLY K 113 -12.32 36.75 36.72
N LYS K 114 -12.35 38.07 36.64
CA LYS K 114 -13.34 38.76 35.84
C LYS K 114 -13.04 38.53 34.37
N PRO K 115 -13.94 37.84 33.66
CA PRO K 115 -13.68 37.60 32.24
C PRO K 115 -13.59 38.88 31.43
N ALA K 116 -12.90 38.82 30.30
CA ALA K 116 -12.96 39.90 29.33
C ALA K 116 -14.29 39.81 28.60
N GLU K 117 -14.58 40.83 27.81
CA GLU K 117 -15.77 40.89 26.98
C GLU K 117 -15.97 39.65 26.12
N LEU K 118 -17.22 39.23 25.98
CA LEU K 118 -17.57 38.02 25.24
C LEU K 118 -17.14 38.05 23.77
N ASP K 119 -16.30 37.09 23.39
CA ASP K 119 -15.83 36.99 22.01
C ASP K 119 -16.82 36.18 21.15
N ARG K 120 -17.66 36.90 20.41
CA ARG K 120 -18.77 36.28 19.68
C ARG K 120 -18.29 35.61 18.41
N ASP K 121 -17.02 35.78 18.12
CA ASP K 121 -16.41 35.19 16.94
C ASP K 121 -15.76 33.85 17.26
N GLU K 122 -15.59 33.57 18.55
CA GLU K 122 -14.91 32.34 18.94
C GLU K 122 -15.56 31.06 18.39
N PRO K 123 -16.91 30.94 18.43
CA PRO K 123 -17.50 29.74 17.83
C PRO K 123 -17.01 29.45 16.41
N ARG K 124 -16.90 30.49 15.59
CA ARG K 124 -16.47 30.33 14.21
C ARG K 124 -15.04 29.79 14.14
N ARG K 125 -14.18 30.35 14.98
CA ARG K 125 -12.77 29.98 14.92
C ARG K 125 -12.56 28.56 15.44
N VAL K 126 -13.35 28.14 16.43
CA VAL K 126 -13.25 26.76 16.93
C VAL K 126 -13.63 25.80 15.82
N ALA K 127 -14.74 26.12 15.15
CA ALA K 127 -15.23 25.30 14.05
C ALA K 127 -14.21 25.21 12.91
N ASP K 128 -13.57 26.34 12.61
CA ASP K 128 -12.56 26.37 11.57
C ASP K 128 -11.34 25.57 11.99
N SER K 129 -11.01 25.62 13.28
CA SER K 129 -9.86 24.85 13.78
C SER K 129 -10.12 23.36 13.73
N VAL K 130 -11.31 22.96 14.18
CA VAL K 130 -11.74 21.59 14.00
C VAL K 130 -11.62 21.14 12.53
N ARG K 131 -11.99 21.99 11.58
CA ARG K 131 -11.89 21.60 10.17
C ARG K 131 -10.43 21.47 9.70
N THR K 132 -9.61 22.41 10.11
CA THR K 132 -8.18 22.34 9.81
C THR K 132 -7.51 21.08 10.37
N MET K 133 -7.93 20.67 11.57
CA MET K 133 -7.37 19.47 12.20
C MET K 133 -7.94 18.20 11.56
N GLY K 134 -9.02 18.35 10.79
CA GLY K 134 -9.69 17.20 10.21
C GLY K 134 -10.27 16.24 11.23
N LEU K 135 -10.65 16.76 12.40
CA LEU K 135 -11.26 15.93 13.44
C LEU K 135 -12.57 15.27 13.02
N ARG K 136 -12.74 13.99 13.34
CA ARG K 136 -14.01 13.32 13.13
C ARG K 136 -14.82 13.32 14.43
N TYR K 137 -14.16 13.65 15.54
CA TYR K 137 -14.82 13.78 16.83
C TYR K 137 -14.18 14.94 17.58
N ALA K 138 -15.00 15.88 18.04
CA ALA K 138 -14.47 17.07 18.67
C ALA K 138 -14.95 17.17 20.12
N THR K 139 -14.02 17.43 21.03
CA THR K 139 -14.34 17.67 22.43
C THR K 139 -14.24 19.15 22.74
N VAL K 140 -15.23 19.69 23.42
CA VAL K 140 -15.29 21.11 23.77
C VAL K 140 -15.77 21.30 25.19
N THR K 141 -15.07 22.13 25.95
CA THR K 141 -15.58 22.55 27.24
C THR K 141 -15.35 24.05 27.34
N GLY K 142 -15.49 24.62 28.52
CA GLY K 142 -15.28 26.06 28.67
C GLY K 142 -15.38 26.48 30.11
N VAL K 143 -15.19 27.77 30.37
CA VAL K 143 -15.31 28.28 31.72
C VAL K 143 -16.75 28.64 32.06
N ALA K 144 -17.00 28.80 33.35
CA ALA K 144 -18.24 29.41 33.80
C ALA K 144 -18.19 30.93 33.51
N ARG K 145 -19.33 31.47 33.09
CA ARG K 145 -19.40 32.88 32.76
C ARG K 145 -20.57 33.49 33.52
N ASP K 146 -20.41 33.61 34.84
CA ASP K 146 -21.45 34.16 35.70
C ASP K 146 -21.53 35.69 35.58
N ASP K 147 -20.60 36.24 34.80
CA ASP K 147 -20.66 37.65 34.40
C ASP K 147 -21.72 37.88 33.33
N LEU K 148 -22.09 36.83 32.59
CA LEU K 148 -23.07 37.01 31.52
C LEU K 148 -24.50 36.77 32.01
N PRO K 149 -25.47 37.50 31.42
CA PRO K 149 -26.87 37.33 31.81
C PRO K 149 -27.42 35.91 31.59
N ASP K 150 -26.98 35.25 30.51
CA ASP K 150 -27.40 33.88 30.22
C ASP K 150 -26.35 32.85 30.65
N GLY K 151 -25.34 33.31 31.40
CA GLY K 151 -24.33 32.41 31.95
C GLY K 151 -23.46 31.77 30.89
N GLY K 152 -23.54 32.27 29.66
CA GLY K 152 -22.76 31.73 28.56
C GLY K 152 -23.52 30.75 27.69
N ALA K 153 -24.80 30.52 27.97
CA ALA K 153 -25.62 29.56 27.22
C ALA K 153 -25.57 29.73 25.71
N TRP K 154 -25.73 30.97 25.23
CA TRP K 154 -25.64 31.21 23.79
C TRP K 154 -24.28 30.80 23.21
N LEU K 155 -23.20 31.15 23.90
CA LEU K 155 -21.85 30.81 23.44
C LEU K 155 -21.64 29.31 23.24
N TYR K 156 -22.03 28.52 24.25
CA TYR K 156 -21.83 27.07 24.16
C TYR K 156 -22.64 26.49 23.01
N ALA K 157 -23.90 26.89 22.90
CA ALA K 157 -24.75 26.39 21.82
C ALA K 157 -24.18 26.79 20.45
N ALA K 158 -23.76 28.05 20.33
CA ALA K 158 -23.23 28.56 19.06
C ALA K 158 -21.98 27.79 18.64
N THR K 159 -21.21 27.37 19.63
CA THR K 159 -19.98 26.65 19.33
C THR K 159 -20.31 25.29 18.74
N VAL K 160 -21.26 24.56 19.33
CA VAL K 160 -21.69 23.28 18.75
C VAL K 160 -22.24 23.49 17.34
N ARG K 161 -23.09 24.50 17.21
CA ARG K 161 -23.71 24.78 15.94
C ARG K 161 -22.66 25.03 14.86
N ALA K 162 -21.74 25.95 15.14
CA ALA K 162 -20.69 26.28 14.21
C ALA K 162 -19.89 25.04 13.76
N ILE K 163 -19.48 24.22 14.72
CA ILE K 163 -18.67 23.07 14.39
C ILE K 163 -19.44 22.14 13.43
N LYS K 164 -20.71 21.88 13.74
CA LYS K 164 -21.53 20.99 12.92
C LYS K 164 -21.81 21.56 11.52
N GLU K 165 -21.95 22.87 11.43
CA GLU K 165 -22.17 23.51 10.13
C GLU K 165 -20.96 23.36 9.22
N LEU K 166 -19.80 23.58 9.80
CA LEU K 166 -18.55 23.58 9.06
C LEU K 166 -17.98 22.17 8.91
N ASN K 167 -18.37 21.29 9.82
CA ASN K 167 -17.87 19.92 9.86
C ASN K 167 -18.99 18.92 9.93
N PRO K 168 -19.73 18.74 8.83
CA PRO K 168 -20.99 18.00 8.83
C PRO K 168 -20.89 16.61 9.48
N SER K 169 -19.78 15.93 9.25
CA SER K 169 -19.63 14.54 9.65
C SER K 169 -18.78 14.38 10.93
N THR K 170 -18.64 15.46 11.69
CA THR K 170 -17.85 15.42 12.91
C THR K 170 -18.77 15.39 14.15
N GLY K 171 -18.57 14.40 15.02
CA GLY K 171 -19.30 14.34 16.27
C GLY K 171 -18.78 15.40 17.22
N VAL K 172 -19.64 15.91 18.09
CA VAL K 172 -19.23 16.91 19.08
C VAL K 172 -19.60 16.44 20.48
N GLU K 173 -18.62 16.48 21.39
CA GLU K 173 -18.85 16.19 22.80
C GLU K 173 -18.69 17.52 23.53
N LEU K 174 -19.78 17.99 24.14
CA LEU K 174 -19.78 19.27 24.82
C LEU K 174 -19.86 19.10 26.33
N LEU K 175 -18.84 19.58 27.02
CA LEU K 175 -18.72 19.50 28.48
C LEU K 175 -19.05 20.86 29.09
N ILE K 176 -20.24 20.97 29.67
CA ILE K 176 -20.78 22.26 30.10
C ILE K 176 -20.70 22.47 31.60
N PRO K 177 -20.74 23.74 32.03
CA PRO K 177 -21.07 24.07 33.41
C PRO K 177 -22.56 23.81 33.62
N ASP K 178 -23.16 24.25 34.73
CA ASP K 178 -24.55 23.86 34.96
C ASP K 178 -25.56 24.92 34.55
N PHE K 179 -25.08 26.13 34.25
CA PHE K 179 -25.98 27.26 34.00
C PHE K 179 -27.02 27.41 35.11
N ASN K 180 -26.60 27.12 36.34
CA ASN K 180 -27.47 27.12 37.53
C ASN K 180 -28.71 26.26 37.37
N GLY K 181 -28.65 25.30 36.45
CA GLY K 181 -29.70 24.32 36.27
C GLY K 181 -30.97 24.89 35.65
N GLU K 182 -30.85 26.08 35.08
CA GLU K 182 -31.99 26.83 34.55
C GLU K 182 -32.46 26.17 33.27
N PRO K 183 -33.73 25.69 33.25
CA PRO K 183 -34.21 24.86 32.15
C PRO K 183 -34.10 25.49 30.77
N THR K 184 -34.31 26.80 30.64
CA THR K 184 -34.31 27.43 29.33
CA THR K 184 -34.29 27.41 29.32
C THR K 184 -32.90 27.69 28.80
N ARG K 185 -31.98 28.03 29.71
N ARG K 185 -31.98 28.00 29.73
CA ARG K 185 -30.56 28.08 29.37
CA ARG K 185 -30.57 28.09 29.38
C ARG K 185 -30.11 26.70 28.91
C ARG K 185 -30.07 26.71 28.94
N LEU K 186 -30.46 25.68 29.69
CA LEU K 186 -30.09 24.32 29.31
C LEU K 186 -30.70 23.93 27.98
N ALA K 187 -31.98 24.26 27.77
CA ALA K 187 -32.66 23.87 26.54
C ALA K 187 -31.96 24.46 25.32
N GLU K 188 -31.48 25.68 25.47
CA GLU K 188 -30.82 26.38 24.38
C GLU K 188 -29.55 25.66 23.97
N VAL K 189 -28.78 25.23 24.96
CA VAL K 189 -27.60 24.43 24.68
C VAL K 189 -27.95 23.05 24.08
N PHE K 190 -28.94 22.39 24.67
CA PHE K 190 -29.33 21.07 24.19
C PHE K 190 -29.80 21.12 22.72
N GLU K 191 -30.49 22.19 22.33
CA GLU K 191 -31.02 22.30 20.98
C GLU K 191 -29.94 22.25 19.89
N SER K 192 -28.69 22.56 20.25
CA SER K 192 -27.60 22.52 19.28
C SER K 192 -27.27 21.06 18.90
N GLY K 193 -27.71 20.12 19.73
CA GLY K 193 -27.61 18.70 19.41
C GLY K 193 -26.23 18.05 19.40
N PRO K 194 -25.42 18.28 20.45
CA PRO K 194 -24.12 17.61 20.42
C PRO K 194 -24.32 16.10 20.54
N GLU K 195 -23.36 15.31 20.04
CA GLU K 195 -23.50 13.86 20.13
C GLU K 195 -23.44 13.38 21.58
N VAL K 196 -22.63 14.04 22.39
CA VAL K 196 -22.54 13.74 23.81
C VAL K 196 -22.64 15.04 24.58
N LEU K 197 -23.50 15.06 25.58
CA LEU K 197 -23.60 16.17 26.51
C LEU K 197 -23.01 15.70 27.83
N ALA K 198 -21.88 16.30 28.20
CA ALA K 198 -21.22 15.94 29.43
C ALA K 198 -21.40 17.02 30.49
N HIS K 199 -21.65 16.62 31.72
CA HIS K 199 -21.61 17.56 32.83
C HIS K 199 -21.08 16.80 34.02
N ASN K 200 -20.03 17.29 34.64
CA ASN K 200 -19.33 16.48 35.64
C ASN K 200 -19.77 16.74 37.07
N VAL K 201 -20.21 15.67 37.75
CA VAL K 201 -20.55 15.73 39.17
C VAL K 201 -19.30 15.85 40.06
N GLU K 202 -18.22 15.20 39.63
CA GLU K 202 -16.87 15.23 40.25
C GLU K 202 -16.74 14.63 41.64
N THR K 203 -17.62 14.96 42.57
CA THR K 203 -17.41 14.49 43.93
C THR K 203 -18.73 14.16 44.61
N VAL K 204 -18.69 13.95 45.93
CA VAL K 204 -19.84 13.36 46.65
C VAL K 204 -20.47 14.35 47.63
N PRO K 205 -21.75 14.13 47.99
CA PRO K 205 -22.50 15.15 48.73
C PRO K 205 -21.82 15.63 50.02
N ARG K 206 -21.16 14.73 50.74
CA ARG K 206 -20.57 15.09 52.03
C ARG K 206 -19.51 16.19 51.89
N ILE K 207 -18.76 16.20 50.79
CA ILE K 207 -17.70 17.20 50.67
C ILE K 207 -17.91 18.18 49.52
N PHE K 208 -19.07 18.08 48.85
CA PHE K 208 -19.30 18.85 47.62
C PHE K 208 -19.09 20.36 47.81
N LYS K 209 -19.62 20.94 48.88
CA LYS K 209 -19.52 22.38 49.07
C LYS K 209 -18.09 22.83 49.28
N ARG K 210 -17.29 21.95 49.90
CA ARG K 210 -15.88 22.23 50.17
C ARG K 210 -15.03 22.26 48.89
N ILE K 211 -15.47 21.52 47.87
CA ILE K 211 -14.70 21.32 46.64
C ILE K 211 -15.23 22.19 45.51
N ARG K 212 -16.54 22.28 45.44
CA ARG K 212 -17.22 22.86 44.31
C ARG K 212 -18.39 23.73 44.73
N PRO K 213 -18.08 24.83 45.47
CA PRO K 213 -19.13 25.60 46.16
C PRO K 213 -20.17 26.28 45.25
N ALA K 214 -19.85 26.54 43.98
CA ALA K 214 -20.82 27.22 43.11
C ALA K 214 -21.81 26.26 42.46
N PHE K 215 -21.61 24.96 42.67
CA PHE K 215 -22.48 23.93 42.13
C PHE K 215 -23.13 23.17 43.29
N THR K 216 -24.08 22.30 42.99
CA THR K 216 -24.48 21.30 44.00
C THR K 216 -24.61 19.91 43.36
N TYR K 217 -24.44 18.90 44.18
CA TYR K 217 -24.57 17.50 43.76
C TYR K 217 -25.86 17.26 43.04
N ARG K 218 -26.96 17.61 43.68
CA ARG K 218 -28.28 17.32 43.15
C ARG K 218 -28.61 18.16 41.90
N ARG K 219 -28.17 19.41 41.89
CA ARG K 219 -28.39 20.24 40.71
C ARG K 219 -27.64 19.70 39.50
N SER K 220 -26.41 19.27 39.70
CA SER K 220 -25.63 18.71 38.58
C SER K 220 -26.25 17.40 38.05
N LEU K 221 -26.77 16.57 38.94
CA LEU K 221 -27.47 15.36 38.52
C LEU K 221 -28.69 15.75 37.69
N GLY K 222 -29.36 16.84 38.09
CA GLY K 222 -30.52 17.36 37.38
C GLY K 222 -30.21 17.81 35.96
N VAL K 223 -29.02 18.39 35.78
CA VAL K 223 -28.56 18.79 34.46
C VAL K 223 -28.50 17.58 33.51
N LEU K 224 -27.95 16.48 34.03
CA LEU K 224 -27.82 15.24 33.29
C LEU K 224 -29.19 14.67 32.93
N THR K 225 -30.10 14.67 33.89
CA THR K 225 -31.46 14.17 33.66
C THR K 225 -32.15 15.00 32.57
N ALA K 226 -31.98 16.31 32.63
CA ALA K 226 -32.56 17.21 31.63
C ALA K 226 -32.03 16.91 30.22
N ALA K 227 -30.71 16.75 30.11
CA ALA K 227 -30.11 16.38 28.83
C ALA K 227 -30.66 15.04 28.31
N ARG K 228 -30.77 14.06 29.21
CA ARG K 228 -31.33 12.74 28.89
C ARG K 228 -32.77 12.86 28.39
N ASP K 229 -33.58 13.61 29.13
CA ASP K 229 -34.98 13.84 28.76
C ASP K 229 -35.08 14.52 27.39
N ALA K 230 -34.06 15.31 27.05
CA ALA K 230 -34.03 16.03 25.77
C ALA K 230 -33.54 15.16 24.62
N GLY K 231 -33.23 13.90 24.90
CA GLY K 231 -32.84 12.98 23.84
C GLY K 231 -31.34 12.85 23.59
N LEU K 232 -30.53 13.48 24.43
CA LEU K 232 -29.06 13.44 24.29
C LEU K 232 -28.41 12.26 25.05
N VAL K 233 -27.28 11.78 24.50
CA VAL K 233 -26.39 10.87 25.20
C VAL K 233 -25.61 11.67 26.24
N THR K 234 -25.56 11.18 27.45
CA THR K 234 -25.03 11.93 28.57
C THR K 234 -23.77 11.29 29.12
N LYS K 235 -22.93 12.11 29.74
CA LYS K 235 -21.64 11.65 30.24
C LYS K 235 -21.29 12.46 31.48
N SER K 236 -20.64 11.82 32.44
CA SER K 236 -20.17 12.55 33.62
C SER K 236 -18.86 11.94 34.07
N ASN K 237 -18.34 12.46 35.17
CA ASN K 237 -16.98 12.17 35.64
C ASN K 237 -16.93 12.19 37.17
N LEU K 238 -16.04 11.39 37.75
CA LEU K 238 -15.75 11.45 39.17
C LEU K 238 -14.25 11.63 39.37
N ILE K 239 -13.91 12.48 40.32
CA ILE K 239 -12.51 12.78 40.64
C ILE K 239 -12.23 12.21 42.00
N LEU K 240 -11.42 11.15 42.09
CA LEU K 240 -11.19 10.52 43.38
C LEU K 240 -9.93 11.04 44.05
N GLY K 241 -9.88 10.92 45.37
CA GLY K 241 -8.72 11.37 46.11
C GLY K 241 -8.92 12.74 46.74
N LEU K 242 -10.16 13.18 46.86
CA LEU K 242 -10.47 14.49 47.43
C LEU K 242 -11.06 14.35 48.84
N GLY K 243 -11.09 13.14 49.36
CA GLY K 243 -11.61 12.90 50.70
C GLY K 243 -12.81 11.97 50.76
N GLU K 244 -13.37 11.65 49.60
CA GLU K 244 -14.48 10.70 49.53
C GLU K 244 -14.02 9.29 49.85
N THR K 245 -14.97 8.45 50.27
CA THR K 245 -14.72 7.01 50.44
C THR K 245 -15.12 6.25 49.20
N SER K 246 -14.69 5.00 49.07
CA SER K 246 -15.10 4.20 47.95
C SER K 246 -16.61 3.93 48.01
N ASP K 247 -17.17 3.76 49.20
CA ASP K 247 -18.62 3.61 49.30
C ASP K 247 -19.34 4.84 48.71
N GLU K 248 -18.84 6.04 49.00
CA GLU K 248 -19.45 7.26 48.44
C GLU K 248 -19.33 7.33 46.91
N VAL K 249 -18.19 6.91 46.36
CA VAL K 249 -18.02 6.81 44.91
C VAL K 249 -19.09 5.88 44.31
N ARG K 250 -19.29 4.71 44.91
CA ARG K 250 -20.29 3.79 44.41
C ARG K 250 -21.68 4.38 44.51
N THR K 251 -21.96 5.09 45.60
CA THR K 251 -23.23 5.78 45.73
C THR K 251 -23.38 6.83 44.63
N ALA K 252 -22.32 7.60 44.36
CA ALA K 252 -22.36 8.59 43.26
C ALA K 252 -22.61 7.95 41.89
N LEU K 253 -21.92 6.84 41.61
CA LEU K 253 -22.14 6.09 40.36
C LEU K 253 -23.60 5.61 40.22
N GLY K 254 -24.16 5.12 41.31
CA GLY K 254 -25.55 4.71 41.30
C GLY K 254 -26.47 5.89 41.08
N ASP K 255 -26.14 7.02 41.70
CA ASP K 255 -26.92 8.25 41.54
C ASP K 255 -26.84 8.75 40.10
N LEU K 256 -25.63 8.70 39.53
CA LEU K 256 -25.42 9.08 38.13
C LEU K 256 -26.27 8.23 37.18
N ARG K 257 -26.21 6.93 37.36
CA ARG K 257 -26.95 6.04 36.48
C ARG K 257 -28.46 6.31 36.61
N ASP K 258 -28.92 6.48 37.83
CA ASP K 258 -30.35 6.70 38.08
C ASP K 258 -30.86 8.01 37.46
N ALA K 259 -29.98 9.00 37.37
CA ALA K 259 -30.34 10.31 36.85
C ALA K 259 -30.33 10.29 35.33
N GLY K 260 -29.79 9.22 34.77
CA GLY K 260 -29.84 8.99 33.34
C GLY K 260 -28.49 9.12 32.64
N CYS K 261 -27.39 9.10 33.40
CA CYS K 261 -26.04 9.20 32.81
C CYS K 261 -25.70 7.95 32.01
N ASP K 262 -25.31 8.12 30.75
CA ASP K 262 -24.94 7.01 29.88
C ASP K 262 -23.48 6.60 29.99
N ILE K 263 -22.60 7.60 30.06
CA ILE K 263 -21.16 7.40 30.00
C ILE K 263 -20.44 8.00 31.21
N VAL K 264 -19.50 7.26 31.79
CA VAL K 264 -18.82 7.79 32.95
C VAL K 264 -17.33 7.47 32.96
N THR K 265 -16.56 8.50 33.33
CA THR K 265 -15.13 8.36 33.58
C THR K 265 -14.87 8.43 35.07
N ILE K 266 -13.95 7.59 35.54
CA ILE K 266 -13.60 7.52 36.95
C ILE K 266 -12.07 7.69 37.08
N THR K 267 -11.64 8.66 37.87
CA THR K 267 -10.32 9.24 37.71
C THR K 267 -9.60 9.59 39.02
N GLN K 268 -8.29 9.89 38.95
CA GLN K 268 -7.51 10.31 40.12
C GLN K 268 -7.20 11.81 40.13
N TYR K 269 -7.55 12.48 41.22
CA TYR K 269 -7.16 13.86 41.46
C TYR K 269 -5.65 14.03 41.49
N LEU K 270 -5.16 15.03 40.76
CA LEU K 270 -3.77 15.47 40.87
C LEU K 270 -3.80 16.94 41.29
N ARG K 271 -3.11 17.24 42.38
CA ARG K 271 -3.14 18.56 42.98
C ARG K 271 -2.31 19.53 42.12
N PRO K 272 -2.95 20.59 41.60
CA PRO K 272 -2.27 21.55 40.71
C PRO K 272 -1.20 22.36 41.42
N SER K 273 -1.41 22.65 42.71
CA SER K 273 -0.48 23.47 43.49
C SER K 273 -0.81 23.41 44.98
N ALA K 274 0.09 23.95 45.81
CA ALA K 274 -0.11 23.96 47.25
C ALA K 274 -1.41 24.66 47.65
N ARG K 275 -1.86 25.62 46.84
CA ARG K 275 -3.05 26.39 47.20
C ARG K 275 -4.31 25.55 47.05
N HIS K 276 -4.23 24.49 46.26
CA HIS K 276 -5.38 23.65 46.00
C HIS K 276 -5.50 22.49 47.00
N HIS K 277 -6.64 21.81 46.97
CA HIS K 277 -6.94 20.73 47.87
C HIS K 277 -5.82 19.69 47.92
N PRO K 278 -5.45 19.23 49.13
CA PRO K 278 -4.49 18.14 49.22
C PRO K 278 -5.04 16.84 48.64
N VAL K 279 -4.15 15.96 48.20
CA VAL K 279 -4.57 14.66 47.69
C VAL K 279 -4.78 13.74 48.89
N GLU K 280 -6.02 13.34 49.13
CA GLU K 280 -6.31 12.60 50.35
C GLU K 280 -5.98 11.10 50.27
N ARG K 281 -5.92 10.57 49.04
CA ARG K 281 -5.55 9.16 48.85
C ARG K 281 -5.19 8.95 47.39
N TRP K 282 -4.39 7.92 47.16
CA TRP K 282 -4.01 7.52 45.82
C TRP K 282 -4.75 6.23 45.55
N VAL K 283 -5.79 6.29 44.72
CA VAL K 283 -6.60 5.10 44.46
C VAL K 283 -5.78 4.11 43.65
N LYS K 284 -5.67 2.86 44.10
CA LYS K 284 -4.82 1.89 43.41
C LYS K 284 -5.32 1.55 42.00
N PRO K 285 -4.41 1.18 41.10
CA PRO K 285 -4.84 0.68 39.78
C PRO K 285 -5.90 -0.41 39.88
N GLU K 286 -5.73 -1.38 40.77
CA GLU K 286 -6.71 -2.46 40.89
C GLU K 286 -8.07 -1.98 41.37
N GLU K 287 -8.08 -0.89 42.14
CA GLU K 287 -9.35 -0.31 42.58
C GLU K 287 -10.10 0.38 41.44
N PHE K 288 -9.38 1.03 40.54
CA PHE K 288 -10.02 1.60 39.37
C PHE K 288 -10.63 0.51 38.52
N VAL K 289 -9.93 -0.62 38.43
CA VAL K 289 -10.47 -1.75 37.68
C VAL K 289 -11.75 -2.20 38.37
N GLN K 290 -11.72 -2.27 39.69
CA GLN K 290 -12.89 -2.63 40.48
C GLN K 290 -14.09 -1.67 40.24
N PHE K 291 -13.80 -0.38 40.19
CA PHE K 291 -14.83 0.61 39.96
C PHE K 291 -15.41 0.43 38.55
N ALA K 292 -14.56 0.10 37.57
CA ALA K 292 -15.06 -0.03 36.20
C ALA K 292 -16.07 -1.17 36.12
N ARG K 293 -15.75 -2.28 36.78
CA ARG K 293 -16.60 -3.45 36.79
C ARG K 293 -17.92 -3.13 37.47
N PHE K 294 -17.84 -2.36 38.55
CA PHE K 294 -19.02 -1.96 39.30
C PHE K 294 -19.94 -1.11 38.43
N ALA K 295 -19.37 -0.10 37.77
CA ALA K 295 -20.15 0.77 36.90
C ALA K 295 -20.80 0.00 35.75
N GLU K 296 -20.05 -0.95 35.20
CA GLU K 296 -20.61 -1.79 34.15
C GLU K 296 -21.78 -2.61 34.69
N GLY K 297 -21.65 -3.13 35.90
CA GLY K 297 -22.74 -3.89 36.52
C GLY K 297 -23.98 -3.04 36.72
N LEU K 298 -23.78 -1.74 36.96
CA LEU K 298 -24.91 -0.82 37.13
C LEU K 298 -25.60 -0.53 35.80
N GLY K 299 -24.95 -0.87 34.70
CA GLY K 299 -25.57 -0.73 33.39
C GLY K 299 -25.19 0.51 32.60
N PHE K 300 -24.07 1.14 32.94
CA PHE K 300 -23.60 2.25 32.10
C PHE K 300 -23.27 1.78 30.69
N ALA K 301 -23.63 2.59 29.70
CA ALA K 301 -23.31 2.31 28.30
C ALA K 301 -21.82 2.38 28.03
N GLY K 302 -21.15 3.35 28.66
CA GLY K 302 -19.70 3.49 28.51
C GLY K 302 -19.04 3.70 29.86
N VAL K 303 -17.94 2.99 30.12
CA VAL K 303 -17.19 3.16 31.37
C VAL K 303 -15.69 3.24 31.08
N LEU K 304 -15.01 4.23 31.64
CA LEU K 304 -13.55 4.28 31.56
C LEU K 304 -12.94 4.75 32.89
N ALA K 305 -12.12 3.89 33.49
CA ALA K 305 -11.58 4.14 34.83
C ALA K 305 -10.06 3.99 34.85
N GLY K 306 -9.38 4.92 35.51
CA GLY K 306 -7.94 4.86 35.64
C GLY K 306 -7.44 6.17 36.21
N PRO K 307 -6.23 6.16 36.80
CA PRO K 307 -5.72 7.36 37.47
C PRO K 307 -5.69 8.56 36.55
N LEU K 308 -5.20 8.38 35.33
CA LEU K 308 -5.05 9.54 34.44
C LEU K 308 -6.09 9.57 33.34
N VAL K 309 -7.18 8.84 33.52
CA VAL K 309 -8.35 9.03 32.68
C VAL K 309 -8.87 10.44 32.99
N ARG K 310 -9.40 11.13 31.98
CA ARG K 310 -10.06 12.41 32.15
C ARG K 310 -11.29 12.43 31.25
N SER K 311 -12.15 13.41 31.46
CA SER K 311 -13.45 13.47 30.81
C SER K 311 -13.37 13.36 29.30
N SER K 312 -12.37 13.99 28.67
CA SER K 312 -12.23 13.92 27.21
C SER K 312 -11.23 12.88 26.73
N TYR K 313 -10.57 12.21 27.67
CA TYR K 313 -9.51 11.28 27.30
C TYR K 313 -10.02 10.12 26.46
N ARG K 314 -9.47 9.95 25.25
CA ARG K 314 -9.99 8.95 24.31
C ARG K 314 -11.51 8.99 24.17
N ALA K 315 -12.08 10.19 24.15
CA ALA K 315 -13.53 10.32 24.20
C ALA K 315 -14.20 9.73 22.97
N GLY K 316 -13.62 9.95 21.80
CA GLY K 316 -14.15 9.40 20.56
C GLY K 316 -14.24 7.88 20.59
N ARG K 317 -13.19 7.24 21.09
CA ARG K 317 -13.20 5.78 21.24
C ARG K 317 -14.30 5.33 22.21
N LEU K 318 -14.43 6.05 23.32
CA LEU K 318 -15.38 5.69 24.37
C LEU K 318 -16.79 5.88 23.88
N TYR K 319 -17.00 6.95 23.11
CA TYR K 319 -18.31 7.16 22.48
C TYR K 319 -18.70 6.00 21.55
N GLU K 320 -17.76 5.55 20.74
N GLU K 320 -17.77 5.55 20.72
CA GLU K 320 -18.04 4.48 19.80
CA GLU K 320 -18.06 4.44 19.80
C GLU K 320 -18.43 3.19 20.53
C GLU K 320 -18.46 3.20 20.56
N GLN K 321 -17.74 2.90 21.63
CA GLN K 321 -18.03 1.73 22.43
C GLN K 321 -19.40 1.86 23.05
N ALA K 322 -19.68 3.03 23.61
CA ALA K 322 -20.96 3.26 24.25
C ALA K 322 -22.07 3.14 23.21
N ARG K 323 -21.84 3.69 22.02
CA ARG K 323 -22.82 3.62 20.94
C ARG K 323 -23.12 2.17 20.52
N ASN K 324 -22.12 1.30 20.53
CA ASN K 324 -22.35 -0.10 20.14
C ASN K 324 -22.91 -0.96 21.26
N SER K 325 -23.24 -0.38 22.39
CA SER K 325 -23.71 -1.15 23.53
C SER K 325 -25.23 -1.27 23.56
N ARG K 326 -25.89 -0.28 22.95
CA ARG K 326 -27.34 0.04 22.97
C ARG K 326 -27.51 1.49 23.49
N SER L 2 1.30 25.39 32.46
CA SER L 2 1.95 24.73 33.58
C SER L 2 1.32 23.36 33.87
N THR L 3 2.04 22.30 33.51
CA THR L 3 1.56 20.92 33.64
C THR L 3 1.63 20.42 35.08
O XOK L 4 2.03 17.50 36.01
N XOK L 4 0.57 19.77 35.56
CA XOK L 4 0.56 19.21 36.88
C XOK L 4 1.66 18.18 37.01
CB XOK L 4 -0.80 18.68 37.31
CG XOK L 4 -1.95 19.65 37.22
CD XOK L 4 -3.19 19.12 37.90
CE XOK L 4 -3.95 18.13 37.03
NZ XOK L 4 -4.65 18.82 35.99
C1 XOK L 4 -5.58 18.01 35.32
O1 XOK L 4 -5.75 16.86 35.69
C2 XOK L 4 -6.41 18.62 34.20
C3 XOK L 4 -7.35 17.66 33.49
C4 XOK L 4 -8.03 18.28 32.29
C5 XOK L 4 -8.72 17.26 31.39
C6 XOK L 4 -8.98 17.81 30.00
C7 XOK L 4 -10.04 17.08 29.22
C8 XOK L 4 -11.42 17.24 29.83
S6 XOK L 4 -7.43 17.91 29.12
N SER L 5 2.22 18.03 38.20
CA SER L 5 3.32 17.11 38.42
C SER L 5 2.88 15.65 38.46
N VAL L 6 3.80 14.78 38.08
CA VAL L 6 3.55 13.37 37.90
C VAL L 6 4.71 12.67 38.63
N SER L 7 4.66 11.34 38.79
CA SER L 7 5.68 10.57 39.52
C SER L 7 7.13 11.06 39.30
FE1 F3S M . 3.13 -23.36 16.90
FE3 F3S M . 1.19 -21.58 16.49
FE4 F3S M . 3.62 -21.31 15.30
S1 F3S M . 1.62 -22.54 18.41
S2 F3S M . 4.95 -22.04 16.89
S3 F3S M . 2.10 -23.00 14.91
FE1 SF4 N . 1.41 -8.10 14.24
FE2 SF4 N . 2.53 -5.88 15.33
FE3 SF4 N . 1.45 -7.83 17.05
FE4 SF4 N . -0.16 -6.20 15.35
S1 SF4 N . 1.15 -5.49 17.08
S2 SF4 N . -0.34 -8.47 15.63
S3 SF4 N . 1.13 -5.97 13.49
S4 SF4 N . 3.26 -8.05 15.59
N1 5AD O . 9.05 -14.22 11.57
C2 5AD O . 9.33 -14.58 12.82
N3 5AD O . 8.58 -14.44 13.92
C4 5AD O . 7.41 -13.86 13.63
N9 5AD O . 6.39 -13.56 14.49
C8 5AD O . 5.41 -12.98 13.73
N7 5AD O . 5.71 -12.89 12.45
C5 5AD O . 6.97 -13.44 12.38
C6 5AD O . 7.87 -13.63 11.31
N6 5AD O . 7.62 -13.22 10.05
C1' 5AD O . 6.35 -13.86 15.92
C2' 5AD O . 6.46 -12.61 16.82
C3' 5AD O . 5.04 -12.46 17.38
C4' 5AD O . 4.54 -13.91 17.38
C5' 5AD O . 3.04 -14.07 17.32
O4' 5AD O . 5.11 -14.50 16.20
O2' 5AD O . 7.39 -12.86 17.85
O3' 5AD O . 5.04 -11.99 18.72
N MET P . 0.08 -7.88 19.00
CA MET P . 0.92 -8.14 20.14
C MET P . 2.33 -7.54 19.95
O MET P . 2.87 -7.50 18.86
CB MET P . 1.00 -9.65 20.41
CG MET P . 2.03 -10.46 19.59
SD MET P . 1.80 -10.44 17.80
CE MET P . 0.21 -11.28 17.57
OXT MET P . 2.95 -7.07 20.90
N1 IMD Q . 2.73 -5.41 6.73
C2 IMD Q . 3.84 -4.90 7.28
N3 IMD Q . 4.76 -4.69 6.32
C4 IMD Q . 4.22 -5.08 5.14
C5 IMD Q . 2.94 -5.53 5.40
CL CL R . -3.67 1.20 25.30
FE1 F3S S . -0.89 12.49 -27.49
FE3 F3S S . -1.84 14.92 -27.94
FE4 F3S S . 0.47 14.58 -26.54
S1 F3S S . -3.07 13.13 -27.57
S2 F3S S . 0.02 12.67 -25.44
S3 F3S S . 0.18 14.08 -28.74
FE1 SF4 T . -1.65 26.40 -20.42
FE2 SF4 T . -2.22 27.17 -17.91
FE3 SF4 T . -3.97 25.39 -19.19
FE4 SF4 T . -3.65 28.12 -19.98
S1 SF4 T . -4.45 27.37 -17.98
S2 SF4 T . -3.71 26.30 -21.35
S3 SF4 T . -1.47 28.50 -19.61
S4 SF4 T . -1.74 25.04 -18.57
N1 5AD U . 5.59 19.30 -19.94
C2 5AD U . 4.77 18.36 -19.46
N3 5AD U . 3.43 18.34 -19.45
C4 5AD U . 2.94 19.46 -20.00
N9 5AD U . 1.61 19.76 -20.19
C8 5AD U . 1.60 20.98 -20.82
N7 5AD U . 2.80 21.47 -21.06
C5 5AD U . 3.65 20.52 -20.53
C6 5AD U . 5.06 20.42 -20.49
N6 5AD U . 5.88 21.35 -20.97
C1' 5AD U . 0.48 18.92 -19.84
C2' 5AD U . -0.37 19.47 -18.69
C3' 5AD U . -1.63 19.97 -19.39
C4' 5AD U . -1.73 19.04 -20.59
C5' 5AD U . -2.49 19.58 -21.77
O4' 5AD U . -0.36 18.81 -20.98
O2' 5AD U . -0.64 18.43 -17.75
O3' 5AD U . -2.80 19.83 -18.58
N MET V . -6.32 25.02 -19.45
CA MET V . -6.71 23.93 -18.56
C MET V . -5.84 23.88 -17.30
O MET V . -4.67 24.24 -17.29
CB MET V . -6.66 22.59 -19.33
CG MET V . -5.29 21.91 -19.39
SD MET V . -4.04 22.87 -20.27
CE MET V . -4.67 22.87 -21.96
OXT MET V . -6.31 23.50 -16.21
C1 IPA W . -25.05 16.75 -22.37
C2 IPA W . -26.16 17.45 -21.60
C3 IPA W . -26.83 16.42 -20.69
O2 IPA W . -25.64 18.53 -20.86
FE1 F3S X . -29.35 -19.21 -9.66
FE3 F3S X . -27.27 -20.61 -10.61
FE4 F3S X . -29.59 -20.40 -12.00
S1 F3S X . -27.98 -20.62 -8.54
S2 F3S X . -31.11 -20.43 -10.40
S3 F3S X . -28.19 -18.66 -11.47
FE1 SF4 Y . -26.55 -31.98 -18.26
FE2 SF4 Y . -27.58 -34.46 -18.29
FE3 SF4 Y . -26.75 -33.37 -15.81
FE4 SF4 Y . -24.92 -34.10 -17.89
S1 SF4 Y . -26.34 -35.50 -16.74
S2 SF4 Y . -24.93 -32.16 -16.67
S3 SF4 Y . -26.07 -33.61 -19.77
S4 SF4 Y . -28.47 -32.64 -17.22
N1 5AD Z . -34.43 -25.55 -18.88
C2 5AD Z . -34.80 -25.71 -17.61
N3 5AD Z . -34.11 -26.23 -16.59
C4 5AD Z . -32.88 -26.60 -16.99
N9 5AD Z . -31.88 -27.15 -16.22
C8 5AD Z . -30.81 -27.33 -17.07
N7 5AD Z . -31.04 -26.94 -18.30
C5 5AD Z . -32.35 -26.49 -18.27
C6 5AD Z . -33.19 -25.94 -19.26
N6 5AD Z . -32.83 -25.81 -20.52
C1' 5AD Z . -31.94 -27.48 -14.80
C2' 5AD Z . -32.07 -28.99 -14.52
C3' 5AD Z . -30.69 -29.35 -13.98
C4' 5AD Z . -30.29 -28.05 -13.28
C5' 5AD Z . -28.81 -27.89 -13.02
O4' 5AD Z . -30.77 -27.01 -14.16
O2' 5AD Z . -33.08 -29.23 -13.57
O3' 5AD Z . -30.79 -30.38 -13.00
N MET AA . -25.57 -34.14 -13.87
CA MET AA . -26.57 -34.32 -12.81
C MET AA . -27.92 -34.77 -13.35
O MET AA . -28.60 -35.61 -12.75
CB MET AA . -26.73 -33.02 -12.00
CG MET AA . -27.75 -32.02 -12.50
SD MET AA . -27.37 -31.34 -14.09
CE MET AA . -25.84 -30.46 -13.76
OXT MET AA . -28.36 -34.36 -14.43
N1 IMD BA . -27.39 -30.83 -27.65
C2 IMD BA . -28.64 -31.21 -28.02
N3 IMD BA . -29.20 -31.91 -27.02
C4 IMD BA . -28.30 -31.98 -25.99
C5 IMD BA . -27.17 -31.30 -26.40
FE1 F3S CA . 10.26 -26.62 -26.64
FE3 F3S CA . 8.15 -25.09 -26.33
FE4 F3S CA . 9.23 -25.50 -28.74
S1 F3S CA . 9.82 -25.17 -24.87
S2 F3S CA . 11.36 -25.56 -28.22
S3 F3S CA . 8.24 -27.00 -27.57
FE1 SF4 DA . 3.53 -14.03 -32.84
FE2 SF4 DA . 4.39 -11.57 -33.59
FE3 SF4 DA . 5.07 -12.55 -31.06
FE4 SF4 DA . 2.44 -11.79 -31.76
S1 SF4 DA . 4.21 -10.43 -31.66
S2 SF4 DA . 3.09 -13.67 -30.63
S3 SF4 DA . 2.37 -12.39 -33.93
S4 SF4 DA . 5.68 -13.43 -33.14
N1 5AD EA . 9.23 -20.95 -37.40
C2 5AD EA . 10.29 -20.67 -36.63
N3 5AD EA . 10.33 -20.06 -35.45
C4 5AD EA . 9.10 -19.72 -35.04
N9 5AD EA . 8.75 -19.07 -33.88
C8 5AD EA . 7.39 -18.93 -33.93
N7 5AD EA . 6.83 -19.43 -35.01
C5 5AD EA . 7.91 -19.94 -35.72
C6 5AD EA . 8.01 -20.60 -36.96
N6 5AD EA . 6.94 -20.86 -37.74
C1' 5AD EA . 9.64 -18.67 -32.79
C2' 5AD EA . 9.90 -17.16 -32.69
C3' 5AD EA . 9.17 -16.74 -31.41
C4' 5AD EA . 9.12 -18.03 -30.59
C5' 5AD EA . 7.96 -18.15 -29.64
O4' 5AD EA . 9.03 -19.08 -31.57
O2' 5AD EA . 11.29 -16.89 -32.60
O3' 5AD EA . 9.91 -15.77 -30.68
N MET FA . 5.22 -11.81 -28.78
CA MET FA . 6.63 -11.51 -28.53
C MET FA . 7.41 -11.07 -29.80
O MET FA . 7.19 -11.56 -30.90
CB MET FA . 7.32 -12.73 -27.88
CG MET FA . 7.69 -13.90 -28.84
SD MET FA . 6.33 -14.62 -29.79
CE MET FA . 5.29 -15.36 -28.52
OXT MET FA . 8.30 -10.22 -29.77
FE1 F3S GA . 34.10 32.80 14.13
FE3 F3S GA . 36.27 31.26 14.05
FE4 F3S GA . 35.58 32.81 11.91
S1 F3S GA . 34.33 30.69 15.00
S2 F3S GA . 33.30 32.66 12.00
S3 F3S GA . 36.15 33.59 13.97
FE1 SF4 HA . 42.11 24.20 3.85
FE2 SF4 HA . 41.36 22.44 1.92
FE3 SF4 HA . 40.30 22.15 4.52
FE4 SF4 HA . 43.05 21.70 3.90
S1 SF4 HA . 41.26 20.52 3.04
S2 SF4 HA . 42.20 22.88 5.67
S3 SF4 HA . 43.48 23.21 2.33
S4 SF4 HA . 39.99 23.92 3.02
N1 5AD IA . 36.88 32.83 2.33
C2 5AD IA . 35.73 32.30 2.75
N3 5AD IA . 35.51 31.18 3.43
C4 5AD IA . 36.67 30.55 3.72
N9 5AD IA . 36.84 29.39 4.44
C8 5AD IA . 38.20 29.18 4.47
N7 5AD IA . 38.90 30.10 3.83
C5 5AD IA . 37.94 30.98 3.35
C6 5AD IA . 38.03 32.16 2.61
N6 5AD IA . 39.18 32.64 2.13
C1' 5AD IA . 35.81 28.61 5.09
C2' 5AD IA . 35.54 27.26 4.41
C3' 5AD IA . 36.19 26.26 5.37
C4' 5AD IA . 36.03 26.95 6.71
C5' 5AD IA . 36.99 26.52 7.79
O4' 5AD IA . 36.24 28.35 6.42
O2' 5AD IA . 34.14 27.03 4.33
O3' 5AD IA . 35.46 25.04 5.44
N MET JA . 39.75 20.31 6.04
CA MET JA . 38.32 20.06 5.97
C MET JA . 37.74 20.36 4.58
O MET JA . 36.77 19.71 4.13
CB MET JA . 37.61 20.91 7.03
CG MET JA . 37.27 22.35 6.58
SD MET JA . 38.72 23.44 6.35
CE MET JA . 39.40 23.45 8.01
OXT MET JA . 38.23 21.24 3.86
FE1 F3S KA . -6.33 14.83 26.79
FE3 F3S KA . -6.82 17.45 26.94
FE4 F3S KA . -6.16 16.00 29.17
S1 F3S KA . -7.89 16.02 25.66
S2 F3S KA . -7.16 14.03 28.79
S3 F3S KA . -4.78 16.36 27.37
FE1 SF4 LA . -12.50 25.07 36.79
FE2 SF4 LA . -14.72 25.06 38.33
FE3 SF4 LA . -14.99 24.42 35.59
FE4 SF4 LA . -14.31 27.01 36.53
S1 SF4 LA . -16.27 25.90 36.93
S2 SF4 LA . -13.30 25.86 34.81
S3 SF4 LA . -13.03 26.63 38.33
S4 SF4 LA . -13.83 23.23 37.24
N1 5AD MA . -7.42 16.54 38.73
C2 5AD MA . -8.30 15.76 38.10
N3 5AD MA . -9.26 16.12 37.22
C4 5AD MA . -9.23 17.44 37.00
N9 5AD MA . -10.02 18.16 36.14
C8 5AD MA . -9.62 19.46 36.25
N7 5AD MA . -8.64 19.64 37.11
C5 5AD MA . -8.39 18.37 37.58
C6 5AD MA . -7.44 17.87 38.50
N6 5AD MA . -6.58 18.64 39.18
C1' 5AD MA . -11.05 17.64 35.24
C2' 5AD MA . -12.50 17.92 35.68
C3' 5AD MA . -12.95 18.98 34.66
C4' 5AD MA . -12.14 18.61 33.43
C5' 5AD MA . -11.94 19.71 32.42
O4' 5AD MA . -10.85 18.22 33.96
O2' 5AD MA . -13.28 16.73 35.52
O3' 5AD MA . -14.33 18.87 34.32
N MET NA . -16.57 24.84 33.80
CA MET NA . -17.39 23.65 33.60
C MET NA . -17.65 22.93 34.90
O MET NA . -16.79 22.86 35.78
CB MET NA . -16.73 22.70 32.59
CG MET NA . -15.69 21.74 33.17
SD MET NA . -14.21 22.58 33.76
CE MET NA . -13.64 23.38 32.28
OXT MET NA . -18.72 22.38 35.12
CL CL OA . -26.40 30.83 34.59
#